data_4B2R
#
_entry.id   4B2R
#
_cell.length_a   1.000
_cell.length_b   1.000
_cell.length_c   1.000
_cell.angle_alpha   90.00
_cell.angle_beta   90.00
_cell.angle_gamma   90.00
#
_symmetry.space_group_name_H-M   'P 1'
#
_entity_poly.entity_id   1
_entity_poly.type   'polypeptide(L)'
_entity_poly.pdbx_seq_one_letter_code
;EAAGERECELPKIDVHLVPDRKKDQYKVGEVLKFSCKPGFTIVGPNSVQCYHFGLSPDLPICKEQVQSCGPPPELLNGNV
KEKTKEEYGHSEVVEYYCNPRFLMKGPNKIQCVDGEWTTLPVCIVE
;
_entity_poly.pdbx_strand_id   A
#
# COMPACT_ATOMS: atom_id res chain seq x y z
N GLU A 1 -32.94 21.80 8.95
CA GLU A 1 -32.35 21.44 7.68
C GLU A 1 -31.21 20.47 7.91
N ALA A 2 -30.64 19.97 6.80
CA ALA A 2 -29.53 19.01 6.78
C ALA A 2 -29.98 17.63 7.21
N ALA A 3 -29.45 16.63 6.59
CA ALA A 3 -29.76 15.27 6.96
C ALA A 3 -28.87 14.85 8.13
N GLY A 4 -28.83 13.57 8.42
CA GLY A 4 -27.98 13.09 9.50
C GLY A 4 -26.55 13.04 9.07
N GLU A 5 -26.36 13.20 7.79
CA GLU A 5 -25.06 13.17 7.14
C GLU A 5 -24.13 14.29 7.63
N ARG A 6 -22.89 14.11 7.36
CA ARG A 6 -21.87 15.06 7.62
C ARG A 6 -20.76 14.75 6.67
N GLU A 7 -20.74 15.47 5.58
CA GLU A 7 -19.88 15.14 4.48
C GLU A 7 -18.46 15.75 4.67
N CYS A 8 -17.57 15.47 3.75
CA CYS A 8 -16.17 15.77 3.94
C CYS A 8 -15.62 16.87 3.09
N GLU A 9 -14.60 17.50 3.60
CA GLU A 9 -13.74 18.38 2.88
C GLU A 9 -12.34 17.89 3.15
N LEU A 10 -11.45 18.02 2.20
CA LEU A 10 -10.04 17.64 2.34
C LEU A 10 -9.47 18.32 3.59
N PRO A 11 -9.08 17.53 4.60
CA PRO A 11 -8.52 18.06 5.84
C PRO A 11 -7.09 18.59 5.64
N LYS A 12 -6.43 18.88 6.71
CA LYS A 12 -5.10 19.38 6.61
C LYS A 12 -4.15 18.21 6.59
N ILE A 13 -3.83 17.78 5.39
CA ILE A 13 -2.90 16.69 5.20
C ILE A 13 -1.49 17.20 5.37
N ASP A 14 -0.54 16.37 5.04
CA ASP A 14 0.82 16.78 5.10
C ASP A 14 1.12 17.64 3.90
N VAL A 15 1.97 18.58 4.06
CA VAL A 15 2.43 19.45 2.99
C VAL A 15 3.03 18.63 1.83
N HIS A 16 3.63 17.53 2.15
CA HIS A 16 4.25 16.68 1.16
C HIS A 16 3.35 15.54 0.78
N LEU A 17 2.09 15.62 1.14
CA LEU A 17 1.15 14.57 0.83
C LEU A 17 0.27 15.02 -0.32
N VAL A 18 -0.20 14.09 -1.11
CA VAL A 18 -1.09 14.37 -2.22
C VAL A 18 -2.17 13.30 -2.27
N PRO A 19 -3.41 13.70 -2.18
CA PRO A 19 -4.54 12.79 -2.34
C PRO A 19 -4.81 12.48 -3.83
N ASP A 20 -5.23 11.24 -4.07
CA ASP A 20 -5.58 10.71 -5.40
C ASP A 20 -6.57 11.60 -6.11
N ARG A 21 -7.67 11.90 -5.45
CA ARG A 21 -8.65 12.80 -6.01
C ARG A 21 -8.12 14.22 -6.02
N LYS A 22 -7.81 14.69 -4.83
CA LYS A 22 -7.40 16.05 -4.58
C LYS A 22 -8.50 16.99 -5.01
N LYS A 23 -9.60 16.84 -4.36
CA LYS A 23 -10.75 17.65 -4.57
C LYS A 23 -11.02 18.34 -3.26
N ASP A 24 -11.74 19.40 -3.27
CA ASP A 24 -11.97 20.14 -2.05
C ASP A 24 -12.95 19.48 -1.12
N GLN A 25 -14.05 19.02 -1.65
CA GLN A 25 -15.06 18.37 -0.85
C GLN A 25 -15.24 16.94 -1.30
N TYR A 26 -15.14 16.03 -0.36
CA TYR A 26 -15.28 14.63 -0.64
C TYR A 26 -16.64 14.17 -0.27
N LYS A 27 -17.26 13.46 -1.16
CA LYS A 27 -18.57 12.90 -0.94
C LYS A 27 -18.43 11.67 -0.05
N VAL A 28 -19.44 11.39 0.76
CA VAL A 28 -19.42 10.23 1.65
C VAL A 28 -19.24 8.95 0.84
N GLY A 29 -18.16 8.24 1.10
CA GLY A 29 -17.85 7.04 0.38
C GLY A 29 -16.71 7.22 -0.61
N GLU A 30 -16.19 8.44 -0.70
CA GLU A 30 -15.00 8.68 -1.50
C GLU A 30 -13.81 8.12 -0.80
N VAL A 31 -12.99 7.43 -1.53
CA VAL A 31 -11.79 6.92 -0.95
C VAL A 31 -10.67 7.81 -1.38
N LEU A 32 -10.10 8.45 -0.43
CA LEU A 32 -9.04 9.35 -0.65
C LEU A 32 -7.78 8.57 -0.52
N LYS A 33 -7.32 8.08 -1.61
CA LYS A 33 -6.05 7.44 -1.61
C LYS A 33 -5.03 8.52 -1.51
N PHE A 34 -4.07 8.35 -0.71
CA PHE A 34 -3.05 9.33 -0.60
C PHE A 34 -1.76 8.80 -1.13
N SER A 35 -0.87 9.67 -1.38
CA SER A 35 0.42 9.39 -1.76
C SER A 35 1.18 10.60 -1.27
N CYS A 36 2.43 10.58 -1.34
CA CYS A 36 3.20 11.72 -1.00
C CYS A 36 3.79 12.30 -2.26
N LYS A 37 4.51 13.39 -2.11
CA LYS A 37 5.21 14.05 -3.18
C LYS A 37 6.15 13.10 -3.91
N PRO A 38 6.58 13.48 -5.13
CA PRO A 38 7.43 12.65 -6.00
C PRO A 38 8.60 11.96 -5.28
N GLY A 39 9.30 12.70 -4.44
CA GLY A 39 10.44 12.14 -3.74
C GLY A 39 10.12 11.73 -2.33
N PHE A 40 8.86 11.57 -2.03
CA PHE A 40 8.46 11.16 -0.71
C PHE A 40 7.71 9.87 -0.71
N THR A 41 7.88 9.16 0.34
CA THR A 41 7.20 7.95 0.59
C THR A 41 6.07 8.20 1.57
N ILE A 42 4.91 7.67 1.27
CA ILE A 42 3.80 7.77 2.16
C ILE A 42 3.82 6.58 3.13
N VAL A 43 3.71 6.86 4.40
CA VAL A 43 3.69 5.84 5.42
C VAL A 43 2.40 5.94 6.20
N GLY A 44 1.65 4.85 6.24
CA GLY A 44 0.39 4.82 6.95
C GLY A 44 -0.73 4.41 6.02
N PRO A 45 -1.97 4.88 6.27
CA PRO A 45 -3.11 4.56 5.41
C PRO A 45 -3.02 5.30 4.08
N ASN A 46 -2.89 4.57 3.01
CA ASN A 46 -2.77 5.17 1.69
C ASN A 46 -4.14 5.30 1.05
N SER A 47 -5.18 5.00 1.81
CA SER A 47 -6.54 5.13 1.35
C SER A 47 -7.48 5.29 2.53
N VAL A 48 -8.10 6.43 2.66
CA VAL A 48 -9.06 6.65 3.72
C VAL A 48 -10.40 6.93 3.08
N GLN A 49 -11.48 6.62 3.74
CA GLN A 49 -12.79 6.91 3.17
C GLN A 49 -13.36 8.14 3.80
N CYS A 50 -14.20 8.76 3.06
CA CYS A 50 -15.00 9.81 3.58
C CYS A 50 -16.20 9.18 4.21
N TYR A 51 -16.30 9.28 5.49
CA TYR A 51 -17.40 8.73 6.18
C TYR A 51 -18.31 9.85 6.59
N HIS A 52 -19.48 9.52 7.07
CA HIS A 52 -20.45 10.53 7.48
C HIS A 52 -20.12 11.14 8.85
N PHE A 53 -18.92 10.91 9.31
CA PHE A 53 -18.43 11.58 10.49
C PHE A 53 -17.11 12.27 10.15
N GLY A 54 -16.67 12.12 8.90
CA GLY A 54 -15.44 12.74 8.47
C GLY A 54 -14.53 11.79 7.73
N LEU A 55 -13.34 12.27 7.39
CA LEU A 55 -12.34 11.47 6.69
C LEU A 55 -11.68 10.56 7.69
N SER A 56 -11.70 9.27 7.47
CA SER A 56 -11.10 8.37 8.42
C SER A 56 -10.59 7.11 7.69
N PRO A 57 -9.54 6.43 8.21
CA PRO A 57 -8.83 6.81 9.45
C PRO A 57 -8.02 8.11 9.30
N ASP A 58 -7.34 8.51 10.36
CA ASP A 58 -6.51 9.70 10.29
C ASP A 58 -5.38 9.53 9.29
N LEU A 59 -4.90 10.63 8.83
CA LEU A 59 -4.01 10.74 7.69
C LEU A 59 -2.62 10.13 7.93
N PRO A 60 -1.98 9.69 6.84
CA PRO A 60 -0.62 9.14 6.85
C PRO A 60 0.45 10.25 6.85
N ILE A 61 1.70 9.87 6.86
CA ILE A 61 2.80 10.83 6.85
C ILE A 61 3.70 10.60 5.65
N CYS A 62 4.65 11.49 5.48
CA CYS A 62 5.60 11.43 4.39
C CYS A 62 7.02 11.31 4.89
N LYS A 63 7.72 10.35 4.36
CA LYS A 63 9.11 10.12 4.66
C LYS A 63 9.88 10.13 3.38
N GLU A 64 10.95 10.82 3.32
CA GLU A 64 11.78 10.82 2.14
C GLU A 64 12.70 9.65 2.24
N GLN A 65 13.20 9.47 3.43
CA GLN A 65 14.13 8.43 3.72
C GLN A 65 13.45 7.24 4.29
N VAL A 66 13.50 6.18 3.54
CA VAL A 66 12.92 4.91 3.89
C VAL A 66 13.99 3.85 3.86
N GLN A 67 13.61 2.61 4.05
CA GLN A 67 14.57 1.56 4.02
C GLN A 67 14.52 0.88 2.69
N SER A 68 15.52 0.09 2.40
CA SER A 68 15.58 -0.60 1.16
C SER A 68 15.15 -2.04 1.35
N CYS A 69 15.05 -2.45 2.61
CA CYS A 69 14.44 -3.72 3.04
C CYS A 69 15.30 -4.94 2.73
N GLY A 70 16.46 -4.70 2.12
CA GLY A 70 17.33 -5.76 1.72
C GLY A 70 16.69 -6.64 0.67
N PRO A 71 16.94 -7.95 0.71
CA PRO A 71 16.28 -8.90 -0.16
C PRO A 71 14.87 -9.25 0.37
N PRO A 72 13.97 -9.71 -0.49
CA PRO A 72 12.61 -10.09 -0.10
C PRO A 72 12.57 -11.43 0.64
N PRO A 73 11.45 -11.71 1.33
CA PRO A 73 11.26 -12.98 2.02
C PRO A 73 11.07 -14.15 1.04
N GLU A 74 11.04 -15.35 1.58
CA GLU A 74 10.89 -16.55 0.79
C GLU A 74 9.40 -16.80 0.56
N LEU A 75 9.07 -17.60 -0.43
CA LEU A 75 7.70 -17.97 -0.62
C LEU A 75 7.48 -19.35 -0.02
N LEU A 76 6.31 -19.58 0.52
CA LEU A 76 6.02 -20.83 1.21
C LEU A 76 6.00 -22.06 0.29
N ASN A 77 5.50 -21.90 -0.92
CA ASN A 77 5.45 -23.00 -1.89
C ASN A 77 5.83 -22.48 -3.25
N GLY A 78 6.73 -21.54 -3.24
CA GLY A 78 7.26 -20.96 -4.41
C GLY A 78 8.58 -20.33 -4.11
N ASN A 79 8.91 -19.32 -4.84
CA ASN A 79 10.16 -18.61 -4.66
C ASN A 79 10.02 -17.27 -5.29
N VAL A 80 11.06 -16.51 -5.27
CA VAL A 80 11.11 -15.26 -5.93
C VAL A 80 11.66 -15.54 -7.33
N LYS A 81 11.00 -15.07 -8.36
CA LYS A 81 11.46 -15.33 -9.72
C LYS A 81 12.42 -14.27 -10.20
N GLU A 82 12.44 -13.18 -9.50
CA GLU A 82 13.24 -12.07 -9.87
C GLU A 82 14.62 -12.17 -9.24
N LYS A 83 15.52 -11.32 -9.69
CA LYS A 83 16.87 -11.28 -9.17
C LYS A 83 16.86 -10.57 -7.85
N THR A 84 17.10 -11.30 -6.80
CA THR A 84 17.13 -10.78 -5.49
C THR A 84 18.37 -9.91 -5.29
N LYS A 85 18.16 -8.63 -5.27
CA LYS A 85 19.20 -7.70 -5.00
C LYS A 85 19.31 -7.49 -3.50
N GLU A 86 20.50 -7.11 -3.06
CA GLU A 86 20.80 -6.94 -1.62
C GLU A 86 20.06 -5.75 -1.02
N GLU A 87 19.51 -4.97 -1.88
CA GLU A 87 18.92 -3.74 -1.53
C GLU A 87 17.82 -3.45 -2.51
N TYR A 88 16.60 -3.67 -2.11
CA TYR A 88 15.48 -3.47 -2.98
C TYR A 88 15.03 -2.02 -3.05
N GLY A 89 14.46 -1.55 -2.00
CA GLY A 89 13.98 -0.21 -1.97
C GLY A 89 12.52 -0.16 -1.71
N HIS A 90 12.02 0.98 -1.37
CA HIS A 90 10.63 1.14 -1.13
C HIS A 90 9.84 1.12 -2.44
N SER A 91 8.66 0.49 -2.40
CA SER A 91 7.74 0.38 -3.54
C SER A 91 8.25 -0.57 -4.62
N GLU A 92 9.35 -1.22 -4.33
CA GLU A 92 9.92 -2.18 -5.19
C GLU A 92 9.22 -3.49 -4.92
N VAL A 93 8.51 -3.98 -5.92
CA VAL A 93 7.75 -5.19 -5.78
C VAL A 93 8.61 -6.35 -6.17
N VAL A 94 8.32 -7.48 -5.61
CA VAL A 94 9.02 -8.66 -5.92
C VAL A 94 8.08 -9.71 -6.46
N GLU A 95 8.25 -10.02 -7.71
CA GLU A 95 7.49 -11.07 -8.34
C GLU A 95 7.93 -12.43 -7.81
N TYR A 96 7.01 -13.10 -7.25
CA TYR A 96 7.19 -14.45 -6.81
C TYR A 96 6.61 -15.39 -7.84
N TYR A 97 6.81 -16.65 -7.64
CA TYR A 97 6.21 -17.68 -8.44
C TYR A 97 6.06 -18.89 -7.57
N CYS A 98 4.99 -19.56 -7.68
CA CYS A 98 4.82 -20.81 -7.00
C CYS A 98 4.95 -21.94 -7.94
N ASN A 99 5.19 -23.08 -7.39
CA ASN A 99 5.40 -24.31 -8.11
C ASN A 99 4.22 -24.64 -9.01
N PRO A 100 4.47 -25.36 -10.12
CA PRO A 100 3.47 -25.70 -11.16
C PRO A 100 2.42 -26.73 -10.71
N ARG A 101 2.09 -26.67 -9.46
CA ARG A 101 1.14 -27.57 -8.83
C ARG A 101 0.21 -26.77 -7.94
N PHE A 102 0.41 -25.47 -7.91
CA PHE A 102 -0.30 -24.62 -7.01
C PHE A 102 -0.96 -23.49 -7.76
N LEU A 103 -1.95 -22.92 -7.13
CA LEU A 103 -2.64 -21.75 -7.59
C LEU A 103 -2.22 -20.63 -6.68
N MET A 104 -1.93 -19.50 -7.24
CA MET A 104 -1.47 -18.39 -6.46
C MET A 104 -2.66 -17.50 -6.11
N LYS A 105 -2.98 -17.44 -4.83
CA LYS A 105 -4.16 -16.73 -4.36
C LYS A 105 -3.97 -15.23 -4.31
N GLY A 106 -3.06 -14.78 -3.49
CA GLY A 106 -2.85 -13.36 -3.33
C GLY A 106 -1.94 -12.78 -4.38
N PRO A 107 -1.52 -11.52 -4.21
CA PRO A 107 -0.66 -10.83 -5.17
C PRO A 107 0.71 -11.51 -5.27
N ASN A 108 1.07 -11.90 -6.48
CA ASN A 108 2.36 -12.58 -6.76
C ASN A 108 3.52 -11.69 -6.45
N LYS A 109 3.28 -10.43 -6.37
CA LYS A 109 4.30 -9.51 -6.09
C LYS A 109 3.91 -8.75 -4.83
N ILE A 110 4.89 -8.25 -4.10
CA ILE A 110 4.67 -7.50 -2.88
C ILE A 110 5.72 -6.42 -2.86
N GLN A 111 5.39 -5.28 -2.40
CA GLN A 111 6.33 -4.19 -2.37
C GLN A 111 6.65 -3.88 -0.93
N CYS A 112 7.84 -3.45 -0.68
CA CYS A 112 8.21 -3.13 0.68
C CYS A 112 7.73 -1.74 1.04
N VAL A 113 7.04 -1.63 2.16
CA VAL A 113 6.52 -0.38 2.66
C VAL A 113 7.27 0.06 3.92
N ASP A 114 7.79 1.30 3.89
CA ASP A 114 8.69 1.86 4.95
C ASP A 114 9.98 1.05 5.12
N GLY A 115 9.84 -0.15 5.59
CA GLY A 115 10.92 -1.07 5.74
C GLY A 115 10.40 -2.46 6.05
N GLU A 116 9.13 -2.70 5.70
CA GLU A 116 8.47 -3.98 5.94
C GLU A 116 7.78 -4.38 4.66
N TRP A 117 7.86 -5.62 4.31
CA TRP A 117 7.21 -6.08 3.11
C TRP A 117 5.73 -6.34 3.38
N THR A 118 4.94 -6.22 2.35
CA THR A 118 3.52 -6.44 2.47
C THR A 118 3.17 -7.93 2.51
N THR A 119 1.88 -8.24 2.55
CA THR A 119 1.42 -9.60 2.72
C THR A 119 1.70 -10.45 1.47
N LEU A 120 2.35 -11.58 1.70
CA LEU A 120 2.72 -12.50 0.64
C LEU A 120 1.55 -13.09 -0.11
N PRO A 121 1.80 -13.51 -1.37
CA PRO A 121 0.79 -14.12 -2.24
C PRO A 121 0.06 -15.30 -1.61
N VAL A 122 0.83 -16.31 -1.16
CA VAL A 122 0.30 -17.56 -0.60
C VAL A 122 -0.36 -18.42 -1.70
N CYS A 123 0.17 -19.60 -1.89
CA CYS A 123 -0.32 -20.50 -2.91
C CYS A 123 -0.86 -21.78 -2.29
N ILE A 124 -1.74 -22.42 -3.02
CA ILE A 124 -2.37 -23.66 -2.59
C ILE A 124 -2.43 -24.61 -3.75
N VAL A 125 -2.38 -25.90 -3.49
CA VAL A 125 -2.42 -26.92 -4.54
C VAL A 125 -3.76 -26.84 -5.28
N GLU A 126 -3.68 -26.84 -6.59
CA GLU A 126 -4.83 -26.74 -7.46
C GLU A 126 -5.71 -28.00 -7.41
N GLU A 1 20.37 -18.22 11.08
CA GLU A 1 19.49 -18.87 12.01
C GLU A 1 18.67 -17.87 12.82
N ALA A 2 19.18 -17.50 13.99
CA ALA A 2 18.45 -16.66 14.93
C ALA A 2 18.29 -15.24 14.47
N ALA A 3 19.32 -14.67 13.90
CA ALA A 3 19.28 -13.28 13.50
C ALA A 3 18.88 -13.16 12.05
N GLY A 4 18.48 -14.28 11.46
CA GLY A 4 18.09 -14.28 10.08
C GLY A 4 19.30 -14.22 9.17
N GLU A 5 20.45 -14.49 9.72
CA GLU A 5 21.67 -14.47 8.99
C GLU A 5 21.87 -15.73 8.16
N ARG A 6 21.55 -15.60 6.89
CA ARG A 6 21.73 -16.62 5.87
C ARG A 6 21.30 -15.95 4.58
N GLU A 7 20.02 -15.59 4.57
CA GLU A 7 19.35 -14.82 3.52
C GLU A 7 17.88 -14.80 3.92
N CYS A 8 17.03 -14.29 3.07
CA CYS A 8 15.60 -14.37 3.31
C CYS A 8 15.05 -15.55 2.55
N GLU A 9 14.14 -16.25 3.14
CA GLU A 9 13.48 -17.35 2.48
C GLU A 9 12.00 -17.07 2.60
N LEU A 10 11.27 -17.15 1.49
CA LEU A 10 9.83 -16.85 1.44
C LEU A 10 9.12 -17.71 2.51
N PRO A 11 8.46 -17.05 3.48
CA PRO A 11 7.75 -17.71 4.57
C PRO A 11 6.39 -18.25 4.11
N LYS A 12 5.49 -18.46 5.04
CA LYS A 12 4.18 -18.94 4.67
C LYS A 12 3.27 -17.77 4.42
N ILE A 13 2.95 -17.55 3.17
CA ILE A 13 2.04 -16.48 2.78
C ILE A 13 0.60 -16.94 3.01
N ASP A 14 -0.32 -16.15 2.55
CA ASP A 14 -1.73 -16.50 2.61
C ASP A 14 -2.01 -17.56 1.57
N VAL A 15 -3.08 -18.28 1.74
CA VAL A 15 -3.45 -19.31 0.79
C VAL A 15 -3.86 -18.69 -0.56
N HIS A 16 -4.45 -17.51 -0.53
CA HIS A 16 -4.90 -16.86 -1.75
C HIS A 16 -3.91 -15.85 -2.24
N LEU A 17 -2.79 -15.80 -1.59
CA LEU A 17 -1.75 -14.83 -1.89
C LEU A 17 -0.76 -15.51 -2.83
N VAL A 18 -0.13 -14.74 -3.64
CA VAL A 18 0.89 -15.15 -4.56
C VAL A 18 1.91 -14.04 -4.68
N PRO A 19 3.15 -14.30 -4.31
CA PRO A 19 4.18 -13.32 -4.46
C PRO A 19 4.53 -13.12 -5.94
N ASP A 20 4.58 -11.87 -6.34
CA ASP A 20 4.94 -11.49 -7.69
C ASP A 20 6.40 -11.85 -7.92
N ARG A 21 7.17 -11.72 -6.85
CA ARG A 21 8.53 -12.20 -6.85
C ARG A 21 8.50 -13.62 -6.41
N LYS A 22 8.67 -14.50 -7.31
CA LYS A 22 8.77 -15.87 -6.94
C LYS A 22 10.14 -16.34 -7.35
N LYS A 23 11.04 -16.35 -6.42
CA LYS A 23 12.38 -16.79 -6.71
C LYS A 23 12.72 -18.08 -5.99
N ASP A 24 13.32 -17.98 -4.83
CA ASP A 24 13.65 -19.16 -4.01
C ASP A 24 14.19 -18.63 -2.70
N GLN A 25 15.31 -17.93 -2.81
CA GLN A 25 15.94 -17.26 -1.71
C GLN A 25 16.02 -15.81 -2.03
N TYR A 26 15.89 -15.01 -1.05
CA TYR A 26 15.77 -13.62 -1.24
C TYR A 26 16.95 -12.89 -0.65
N LYS A 27 17.48 -11.99 -1.43
CA LYS A 27 18.65 -11.23 -1.04
C LYS A 27 18.20 -9.97 -0.34
N VAL A 28 19.07 -9.35 0.41
CA VAL A 28 18.69 -8.18 1.19
C VAL A 28 18.33 -7.02 0.27
N GLY A 29 17.12 -6.54 0.42
CA GLY A 29 16.64 -5.48 -0.40
C GLY A 29 15.68 -5.95 -1.48
N GLU A 30 15.41 -7.27 -1.53
CA GLU A 30 14.39 -7.77 -2.46
C GLU A 30 13.04 -7.27 -2.02
N VAL A 31 12.39 -6.58 -2.87
CA VAL A 31 11.07 -6.11 -2.56
C VAL A 31 10.08 -7.08 -3.12
N LEU A 32 9.33 -7.65 -2.26
CA LEU A 32 8.45 -8.67 -2.66
C LEU A 32 7.09 -8.15 -2.75
N LYS A 33 6.68 -7.89 -3.95
CA LYS A 33 5.35 -7.47 -4.19
C LYS A 33 4.48 -8.69 -4.17
N PHE A 34 3.64 -8.78 -3.22
CA PHE A 34 2.71 -9.85 -3.11
C PHE A 34 1.42 -9.42 -3.70
N SER A 35 0.54 -10.35 -3.93
CA SER A 35 -0.78 -10.03 -4.30
C SER A 35 -1.58 -11.29 -4.19
N CYS A 36 -2.80 -11.20 -4.51
CA CYS A 36 -3.70 -12.29 -4.31
C CYS A 36 -4.30 -12.79 -5.61
N LYS A 37 -5.11 -13.84 -5.48
CA LYS A 37 -5.90 -14.45 -6.54
C LYS A 37 -6.73 -13.40 -7.30
N PRO A 38 -7.21 -13.75 -8.52
CA PRO A 38 -7.96 -12.84 -9.41
C PRO A 38 -9.08 -12.07 -8.71
N GLY A 39 -9.83 -12.76 -7.88
CA GLY A 39 -10.94 -12.14 -7.20
C GLY A 39 -10.58 -11.66 -5.82
N PHE A 40 -9.34 -11.83 -5.43
CA PHE A 40 -8.92 -11.45 -4.13
C PHE A 40 -8.10 -10.21 -4.12
N THR A 41 -8.35 -9.44 -3.14
CA THR A 41 -7.67 -8.25 -2.91
C THR A 41 -6.65 -8.42 -1.79
N ILE A 42 -5.43 -8.06 -2.09
CA ILE A 42 -4.39 -8.09 -1.10
C ILE A 42 -4.58 -6.95 -0.09
N VAL A 43 -4.65 -7.31 1.16
CA VAL A 43 -4.84 -6.34 2.20
C VAL A 43 -3.61 -6.30 3.08
N GLY A 44 -3.08 -5.11 3.25
CA GLY A 44 -1.91 -4.91 4.07
C GLY A 44 -0.76 -4.37 3.25
N PRO A 45 0.47 -4.77 3.58
CA PRO A 45 1.64 -4.38 2.82
C PRO A 45 1.82 -5.26 1.59
N ASN A 46 1.89 -4.66 0.42
CA ASN A 46 2.03 -5.44 -0.79
C ASN A 46 3.47 -5.73 -1.03
N SER A 47 4.31 -4.76 -0.85
CA SER A 47 5.70 -4.89 -1.15
C SER A 47 6.57 -4.84 0.09
N VAL A 48 6.94 -6.00 0.58
CA VAL A 48 7.80 -6.08 1.75
C VAL A 48 9.24 -6.16 1.28
N GLN A 49 10.17 -5.92 2.15
CA GLN A 49 11.57 -5.99 1.78
C GLN A 49 12.22 -7.12 2.51
N CYS A 50 13.25 -7.62 1.92
CA CYS A 50 14.09 -8.55 2.59
C CYS A 50 15.10 -7.79 3.42
N TYR A 51 14.94 -7.85 4.69
CA TYR A 51 15.87 -7.25 5.60
C TYR A 51 16.86 -8.32 5.97
N HIS A 52 17.96 -7.96 6.57
CA HIS A 52 19.00 -8.94 6.90
C HIS A 52 18.55 -9.98 7.96
N PHE A 53 17.38 -9.76 8.54
CA PHE A 53 16.82 -10.70 9.48
C PHE A 53 15.67 -11.49 8.87
N GLY A 54 15.23 -11.08 7.70
CA GLY A 54 14.10 -11.72 7.09
C GLY A 54 13.19 -10.74 6.39
N LEU A 55 12.05 -11.23 5.94
CA LEU A 55 11.11 -10.43 5.20
C LEU A 55 10.29 -9.57 6.16
N SER A 56 10.25 -8.30 5.88
CA SER A 56 9.52 -7.37 6.69
C SER A 56 9.03 -6.23 5.78
N PRO A 57 7.85 -5.63 6.06
CA PRO A 57 7.01 -5.99 7.20
C PRO A 57 6.32 -7.35 7.08
N ASP A 58 5.50 -7.66 8.05
CA ASP A 58 4.76 -8.90 8.10
C ASP A 58 3.80 -9.01 6.93
N LEU A 59 3.68 -10.20 6.42
CA LEU A 59 2.94 -10.55 5.21
C LEU A 59 1.46 -10.16 5.22
N PRO A 60 0.97 -9.75 4.04
CA PRO A 60 -0.44 -9.37 3.80
C PRO A 60 -1.40 -10.55 3.88
N ILE A 61 -2.66 -10.26 3.65
CA ILE A 61 -3.72 -11.26 3.62
C ILE A 61 -4.53 -11.04 2.33
N CYS A 62 -5.55 -11.82 2.13
CA CYS A 62 -6.36 -11.73 0.95
C CYS A 62 -7.83 -11.63 1.27
N LYS A 63 -8.44 -10.56 0.86
CA LYS A 63 -9.85 -10.33 1.03
C LYS A 63 -10.53 -10.31 -0.30
N GLU A 64 -11.54 -11.13 -0.44
CA GLU A 64 -12.22 -11.26 -1.71
C GLU A 64 -13.22 -10.12 -1.86
N GLN A 65 -13.68 -9.65 -0.73
CA GLN A 65 -14.61 -8.55 -0.70
C GLN A 65 -14.06 -7.43 0.15
N VAL A 66 -13.78 -6.34 -0.50
CA VAL A 66 -13.31 -5.14 0.17
C VAL A 66 -14.40 -4.10 0.20
N GLN A 67 -14.12 -3.00 0.81
CA GLN A 67 -15.07 -1.94 0.91
C GLN A 67 -14.77 -0.95 -0.17
N SER A 68 -15.67 -0.05 -0.39
CA SER A 68 -15.49 0.93 -1.40
C SER A 68 -15.16 2.30 -0.79
N CYS A 69 -15.20 2.37 0.54
CA CYS A 69 -14.88 3.59 1.35
C CYS A 69 -15.87 4.75 1.20
N GLY A 70 -16.46 4.87 0.04
CA GLY A 70 -17.37 5.96 -0.21
C GLY A 70 -16.60 7.19 -0.58
N PRO A 71 -16.99 8.35 -0.09
CA PRO A 71 -16.24 9.57 -0.31
C PRO A 71 -14.99 9.63 0.56
N PRO A 72 -14.00 10.38 0.12
CA PRO A 72 -12.75 10.54 0.84
C PRO A 72 -12.80 11.76 1.76
N PRO A 73 -11.75 11.96 2.56
CA PRO A 73 -11.61 13.15 3.35
C PRO A 73 -11.13 14.31 2.46
N GLU A 74 -10.84 15.41 3.06
CA GLU A 74 -10.30 16.51 2.32
C GLU A 74 -8.94 16.86 2.89
N LEU A 75 -8.16 17.55 2.11
CA LEU A 75 -6.83 17.93 2.49
C LEU A 75 -6.91 19.01 3.59
N LEU A 76 -5.96 18.97 4.53
CA LEU A 76 -5.91 19.93 5.64
C LEU A 76 -6.02 21.38 5.20
N ASN A 77 -5.00 21.89 4.57
CA ASN A 77 -5.02 23.25 4.10
C ASN A 77 -5.49 23.27 2.67
N GLY A 78 -5.14 22.22 1.95
CA GLY A 78 -5.48 22.11 0.56
C GLY A 78 -6.85 21.53 0.35
N ASN A 79 -7.05 20.92 -0.77
CA ASN A 79 -8.34 20.40 -1.10
C ASN A 79 -8.18 19.20 -2.03
N VAL A 80 -9.28 18.72 -2.50
CA VAL A 80 -9.31 17.64 -3.43
C VAL A 80 -9.57 18.22 -4.83
N LYS A 81 -8.80 17.78 -5.83
CA LYS A 81 -8.98 18.29 -7.19
C LYS A 81 -9.90 17.40 -7.97
N GLU A 82 -9.93 16.16 -7.60
CA GLU A 82 -10.79 15.22 -8.24
C GLU A 82 -12.18 15.33 -7.70
N LYS A 83 -13.12 14.96 -8.50
CA LYS A 83 -14.49 14.93 -8.11
C LYS A 83 -14.69 13.84 -7.06
N THR A 84 -15.18 14.24 -5.92
CA THR A 84 -15.41 13.31 -4.87
C THR A 84 -16.67 12.52 -5.13
N LYS A 85 -16.47 11.27 -5.39
CA LYS A 85 -17.54 10.37 -5.67
C LYS A 85 -18.13 9.90 -4.37
N GLU A 86 -19.37 9.45 -4.41
CA GLU A 86 -20.05 8.95 -3.22
C GLU A 86 -19.58 7.54 -2.91
N GLU A 87 -18.84 7.00 -3.83
CA GLU A 87 -18.26 5.71 -3.72
C GLU A 87 -17.06 5.67 -4.63
N TYR A 88 -15.92 5.36 -4.08
CA TYR A 88 -14.71 5.25 -4.86
C TYR A 88 -14.42 3.81 -5.21
N GLY A 89 -14.18 3.02 -4.22
CA GLY A 89 -13.82 1.66 -4.42
C GLY A 89 -12.41 1.45 -3.98
N HIS A 90 -12.02 0.21 -3.76
CA HIS A 90 -10.68 -0.10 -3.41
C HIS A 90 -9.74 0.27 -4.57
N SER A 91 -8.58 0.81 -4.23
CA SER A 91 -7.53 1.20 -5.19
C SER A 91 -7.84 2.49 -5.96
N GLU A 92 -9.01 3.05 -5.73
CA GLU A 92 -9.40 4.29 -6.39
C GLU A 92 -8.79 5.44 -5.64
N VAL A 93 -7.98 6.20 -6.33
CA VAL A 93 -7.34 7.33 -5.73
C VAL A 93 -8.13 8.59 -5.90
N VAL A 94 -7.82 9.51 -5.04
CA VAL A 94 -8.42 10.80 -5.04
C VAL A 94 -7.31 11.83 -5.08
N GLU A 95 -7.06 12.41 -6.22
CA GLU A 95 -6.07 13.47 -6.33
C GLU A 95 -6.50 14.74 -5.60
N TYR A 96 -5.59 15.24 -4.86
CA TYR A 96 -5.71 16.42 -4.06
C TYR A 96 -4.81 17.50 -4.61
N TYR A 97 -4.94 18.70 -4.08
CA TYR A 97 -4.11 19.82 -4.43
C TYR A 97 -4.06 20.69 -3.21
N CYS A 98 -2.95 21.28 -2.92
CA CYS A 98 -2.92 22.17 -1.82
C CYS A 98 -2.86 23.60 -2.35
N ASN A 99 -2.78 24.55 -1.45
CA ASN A 99 -2.70 25.94 -1.83
C ASN A 99 -1.34 26.19 -2.46
N PRO A 100 -1.24 27.17 -3.38
CA PRO A 100 0.00 27.49 -4.15
C PRO A 100 1.12 28.09 -3.29
N ARG A 101 1.13 27.79 -2.01
CA ARG A 101 2.11 28.33 -1.10
C ARG A 101 2.73 27.17 -0.36
N PHE A 102 2.34 25.97 -0.74
CA PHE A 102 2.72 24.79 -0.01
C PHE A 102 3.44 23.77 -0.88
N LEU A 103 4.06 22.84 -0.22
CA LEU A 103 4.73 21.72 -0.81
C LEU A 103 3.92 20.49 -0.47
N MET A 104 3.86 19.59 -1.37
CA MET A 104 3.06 18.42 -1.19
C MET A 104 3.98 17.22 -1.09
N LYS A 105 4.18 16.75 0.10
CA LYS A 105 5.13 15.69 0.38
C LYS A 105 4.66 14.35 -0.08
N GLY A 106 3.59 13.93 0.51
CA GLY A 106 3.13 12.62 0.31
C GLY A 106 2.31 12.44 -0.94
N PRO A 107 1.65 11.29 -1.08
CA PRO A 107 0.83 10.97 -2.24
C PRO A 107 -0.37 11.91 -2.36
N ASN A 108 -0.43 12.66 -3.45
CA ASN A 108 -1.49 13.65 -3.69
C ASN A 108 -2.74 13.00 -4.20
N LYS A 109 -2.84 11.73 -3.98
CA LYS A 109 -3.92 10.93 -4.43
C LYS A 109 -3.91 9.68 -3.64
N ILE A 110 -4.89 9.54 -2.81
CA ILE A 110 -4.92 8.42 -1.92
C ILE A 110 -5.95 7.45 -2.36
N GLN A 111 -5.67 6.20 -2.17
CA GLN A 111 -6.55 5.17 -2.56
C GLN A 111 -7.10 4.45 -1.37
N CYS A 112 -8.34 4.09 -1.46
CA CYS A 112 -9.01 3.33 -0.44
C CYS A 112 -8.41 1.93 -0.38
N VAL A 113 -7.81 1.60 0.75
CA VAL A 113 -7.23 0.32 0.97
C VAL A 113 -8.07 -0.46 1.97
N ASP A 114 -8.44 -1.66 1.57
CA ASP A 114 -9.42 -2.50 2.27
C ASP A 114 -10.76 -1.77 2.47
N GLY A 115 -10.82 -0.92 3.45
CA GLY A 115 -11.98 -0.14 3.74
C GLY A 115 -11.60 1.08 4.51
N GLU A 116 -10.40 1.56 4.25
CA GLU A 116 -9.83 2.72 4.91
C GLU A 116 -9.04 3.48 3.87
N TRP A 117 -8.83 4.73 4.07
CA TRP A 117 -8.01 5.48 3.15
C TRP A 117 -6.57 5.48 3.67
N THR A 118 -5.62 5.86 2.85
CA THR A 118 -4.23 5.90 3.24
C THR A 118 -3.82 7.27 3.80
N THR A 119 -2.53 7.47 4.00
CA THR A 119 -2.02 8.72 4.50
C THR A 119 -2.14 9.81 3.44
N LEU A 120 -2.77 10.91 3.84
CA LEU A 120 -2.95 12.05 2.97
C LEU A 120 -1.63 12.69 2.54
N PRO A 121 -1.65 13.48 1.45
CA PRO A 121 -0.44 14.09 0.84
C PRO A 121 0.29 15.06 1.72
N VAL A 122 -0.39 15.50 2.78
CA VAL A 122 0.15 16.41 3.80
C VAL A 122 0.97 17.58 3.23
N CYS A 123 0.32 18.68 3.02
CA CYS A 123 0.98 19.80 2.46
C CYS A 123 1.46 20.76 3.50
N ILE A 124 2.66 21.22 3.32
CA ILE A 124 3.31 22.12 4.24
C ILE A 124 3.93 23.27 3.50
N VAL A 125 3.97 24.42 4.12
CA VAL A 125 4.38 25.69 3.51
C VAL A 125 5.76 25.66 2.83
N GLU A 126 5.78 26.21 1.62
CA GLU A 126 6.96 26.39 0.80
C GLU A 126 7.71 27.63 1.28
N GLU A 1 6.94 -18.19 -18.76
CA GLU A 1 5.86 -18.00 -19.70
C GLU A 1 5.29 -19.36 -20.13
N ALA A 2 4.32 -19.32 -21.05
CA ALA A 2 3.67 -20.49 -21.66
C ALA A 2 2.67 -21.18 -20.74
N ALA A 3 2.33 -20.53 -19.66
CA ALA A 3 1.38 -21.08 -18.72
C ALA A 3 0.01 -20.51 -18.99
N GLY A 4 -0.84 -21.31 -19.56
CA GLY A 4 -2.16 -20.88 -19.92
C GLY A 4 -3.10 -20.83 -18.74
N GLU A 5 -2.94 -19.81 -17.91
CA GLU A 5 -3.79 -19.56 -16.73
C GLU A 5 -3.84 -20.76 -15.78
N ARG A 6 -4.82 -20.71 -14.86
CA ARG A 6 -5.12 -21.77 -13.87
C ARG A 6 -4.05 -21.88 -12.78
N GLU A 7 -3.02 -21.10 -12.95
CA GLU A 7 -1.89 -21.01 -12.09
C GLU A 7 -1.25 -19.70 -12.47
N CYS A 8 -0.42 -19.18 -11.66
CA CYS A 8 0.14 -17.89 -11.93
C CYS A 8 1.52 -17.99 -12.55
N GLU A 9 1.59 -17.59 -13.77
CA GLU A 9 2.83 -17.56 -14.55
C GLU A 9 3.59 -16.28 -14.23
N LEU A 10 2.81 -15.30 -13.78
CA LEU A 10 3.23 -13.93 -13.60
C LEU A 10 3.22 -13.23 -14.94
N PRO A 11 2.22 -12.39 -15.15
CA PRO A 11 2.06 -11.63 -16.39
C PRO A 11 3.21 -10.64 -16.65
N LYS A 12 3.05 -9.83 -17.68
CA LYS A 12 4.12 -8.96 -18.19
C LYS A 12 4.33 -7.68 -17.35
N ILE A 13 3.87 -7.75 -16.10
CA ILE A 13 3.93 -6.68 -15.09
C ILE A 13 3.75 -5.23 -15.63
N ASP A 14 4.86 -4.61 -15.90
CA ASP A 14 5.01 -3.29 -16.45
C ASP A 14 6.46 -3.27 -16.86
N VAL A 15 6.91 -2.21 -17.42
CA VAL A 15 8.27 -2.11 -17.82
C VAL A 15 9.10 -1.53 -16.66
N HIS A 16 8.47 -0.75 -15.81
CA HIS A 16 9.16 -0.10 -14.70
C HIS A 16 8.86 -0.80 -13.39
N LEU A 17 8.23 -1.94 -13.46
CA LEU A 17 7.87 -2.67 -12.27
C LEU A 17 8.87 -3.79 -12.03
N VAL A 18 8.86 -4.33 -10.83
CA VAL A 18 9.69 -5.44 -10.44
C VAL A 18 9.06 -6.12 -9.21
N PRO A 19 8.76 -7.42 -9.30
CA PRO A 19 8.22 -8.17 -8.17
C PRO A 19 9.28 -8.48 -7.12
N ASP A 20 8.90 -8.33 -5.88
CA ASP A 20 9.76 -8.62 -4.73
C ASP A 20 9.76 -10.12 -4.52
N ARG A 21 8.60 -10.72 -4.64
CA ARG A 21 8.43 -12.09 -4.57
C ARG A 21 8.57 -12.61 -5.99
N LYS A 22 9.61 -13.36 -6.26
CA LYS A 22 9.85 -13.81 -7.60
C LYS A 22 10.22 -15.29 -7.65
N LYS A 23 9.62 -15.99 -8.59
CA LYS A 23 9.84 -17.40 -8.84
C LYS A 23 9.38 -17.72 -10.26
N ASP A 24 9.12 -18.97 -10.55
CA ASP A 24 8.69 -19.35 -11.90
C ASP A 24 7.19 -19.30 -12.00
N GLN A 25 6.53 -20.15 -11.26
CA GLN A 25 5.10 -20.17 -11.22
C GLN A 25 4.66 -19.92 -9.81
N TYR A 26 3.72 -19.06 -9.68
CA TYR A 26 3.20 -18.68 -8.42
C TYR A 26 1.98 -19.50 -8.16
N LYS A 27 1.97 -20.12 -7.02
CA LYS A 27 0.91 -20.97 -6.60
C LYS A 27 -0.18 -20.12 -5.99
N VAL A 28 -1.40 -20.53 -6.18
CA VAL A 28 -2.54 -19.79 -5.64
C VAL A 28 -2.46 -19.59 -4.12
N GLY A 29 -2.28 -18.34 -3.75
CA GLY A 29 -2.11 -17.93 -2.38
C GLY A 29 -0.72 -17.36 -2.13
N GLU A 30 0.16 -17.42 -3.13
CA GLU A 30 1.44 -16.75 -3.05
C GLU A 30 1.17 -15.29 -3.15
N VAL A 31 1.85 -14.52 -2.35
CA VAL A 31 1.62 -13.12 -2.38
C VAL A 31 2.77 -12.45 -3.08
N LEU A 32 2.44 -11.73 -4.08
CA LEU A 32 3.43 -11.09 -4.87
C LEU A 32 3.44 -9.65 -4.61
N LYS A 33 4.43 -9.23 -3.88
CA LYS A 33 4.65 -7.85 -3.61
C LYS A 33 5.41 -7.25 -4.77
N PHE A 34 4.83 -6.29 -5.40
CA PHE A 34 5.45 -5.62 -6.52
C PHE A 34 6.01 -4.30 -6.10
N SER A 35 6.92 -3.79 -6.82
CA SER A 35 7.43 -2.51 -6.61
C SER A 35 7.87 -2.01 -7.96
N CYS A 36 8.22 -0.79 -8.04
CA CYS A 36 8.67 -0.21 -9.28
C CYS A 36 10.16 0.16 -9.19
N LYS A 37 10.68 0.71 -10.30
CA LYS A 37 12.02 1.25 -10.40
C LYS A 37 12.33 2.26 -9.29
N PRO A 38 13.63 2.54 -9.06
CA PRO A 38 14.11 3.44 -7.98
C PRO A 38 13.40 4.80 -7.91
N GLY A 39 13.16 5.39 -9.07
CA GLY A 39 12.53 6.68 -9.09
C GLY A 39 11.03 6.59 -9.32
N PHE A 40 10.52 5.40 -9.42
CA PHE A 40 9.13 5.22 -9.68
C PHE A 40 8.36 4.80 -8.46
N THR A 41 7.17 5.24 -8.44
CA THR A 41 6.20 4.93 -7.47
C THR A 41 5.31 3.82 -7.99
N ILE A 42 5.05 2.85 -7.16
CA ILE A 42 4.13 1.81 -7.52
C ILE A 42 2.69 2.29 -7.25
N VAL A 43 1.93 2.40 -8.29
CA VAL A 43 0.59 2.89 -8.19
C VAL A 43 -0.39 1.73 -8.39
N GLY A 44 -0.91 1.26 -7.30
CA GLY A 44 -1.83 0.19 -7.33
C GLY A 44 -1.53 -0.79 -6.24
N PRO A 45 -2.05 -2.00 -6.34
CA PRO A 45 -1.81 -3.04 -5.36
C PRO A 45 -0.36 -3.52 -5.38
N ASN A 46 0.30 -3.45 -4.26
CA ASN A 46 1.65 -3.96 -4.15
C ASN A 46 1.62 -5.43 -3.96
N SER A 47 0.83 -5.91 -3.05
CA SER A 47 0.77 -7.29 -2.82
C SER A 47 -0.50 -7.92 -3.41
N VAL A 48 -0.36 -8.64 -4.49
CA VAL A 48 -1.47 -9.35 -5.07
C VAL A 48 -1.33 -10.82 -4.71
N GLN A 49 -2.38 -11.56 -4.80
CA GLN A 49 -2.30 -12.97 -4.51
C GLN A 49 -2.33 -13.69 -5.79
N CYS A 50 -1.95 -14.91 -5.75
CA CYS A 50 -2.23 -15.76 -6.86
C CYS A 50 -3.60 -16.36 -6.65
N TYR A 51 -4.41 -16.33 -7.66
CA TYR A 51 -5.71 -16.94 -7.61
C TYR A 51 -5.75 -18.05 -8.64
N HIS A 52 -6.77 -18.88 -8.61
CA HIS A 52 -6.85 -20.04 -9.52
C HIS A 52 -7.03 -19.65 -11.00
N PHE A 53 -7.21 -18.38 -11.27
CA PHE A 53 -7.32 -17.93 -12.64
C PHE A 53 -6.09 -17.10 -13.02
N GLY A 54 -5.30 -16.79 -12.04
CA GLY A 54 -4.15 -15.94 -12.23
C GLY A 54 -4.00 -14.97 -11.09
N LEU A 55 -3.02 -14.10 -11.17
CA LEU A 55 -2.77 -13.11 -10.14
C LEU A 55 -3.88 -12.10 -10.12
N SER A 56 -4.27 -11.68 -8.95
CA SER A 56 -5.29 -10.69 -8.83
C SER A 56 -5.11 -10.00 -7.47
N PRO A 57 -5.49 -8.71 -7.34
CA PRO A 57 -6.11 -7.93 -8.42
C PRO A 57 -5.14 -7.60 -9.56
N ASP A 58 -5.61 -6.84 -10.53
CA ASP A 58 -4.78 -6.44 -11.69
C ASP A 58 -3.53 -5.71 -11.22
N LEU A 59 -2.48 -5.94 -11.93
CA LEU A 59 -1.15 -5.46 -11.55
C LEU A 59 -1.04 -3.95 -11.55
N PRO A 60 -0.24 -3.42 -10.62
CA PRO A 60 -0.06 -1.98 -10.44
C PRO A 60 0.74 -1.34 -11.59
N ILE A 61 0.77 -0.04 -11.61
CA ILE A 61 1.51 0.70 -12.61
C ILE A 61 2.61 1.50 -11.92
N CYS A 62 3.37 2.25 -12.66
CA CYS A 62 4.45 3.01 -12.10
C CYS A 62 4.35 4.49 -12.48
N LYS A 63 4.36 5.35 -11.49
CA LYS A 63 4.38 6.81 -11.70
C LYS A 63 5.63 7.36 -11.08
N GLU A 64 6.27 8.29 -11.70
CA GLU A 64 7.46 8.85 -11.14
C GLU A 64 7.06 10.03 -10.29
N GLN A 65 6.18 10.81 -10.84
CA GLN A 65 5.74 12.03 -10.21
C GLN A 65 4.48 11.81 -9.42
N VAL A 66 4.61 11.91 -8.15
CA VAL A 66 3.50 11.80 -7.23
C VAL A 66 3.42 13.04 -6.39
N GLN A 67 2.42 13.11 -5.59
CA GLN A 67 2.20 14.25 -4.78
C GLN A 67 2.75 13.97 -3.41
N SER A 68 2.82 14.98 -2.61
CA SER A 68 3.36 14.85 -1.29
C SER A 68 2.22 14.77 -0.28
N CYS A 69 1.00 15.08 -0.75
CA CYS A 69 -0.23 15.04 0.02
C CYS A 69 -0.29 16.15 1.07
N GLY A 70 0.65 17.08 0.99
CA GLY A 70 0.74 18.16 1.95
C GLY A 70 0.94 17.64 3.36
N PRO A 71 0.35 18.31 4.34
CA PRO A 71 0.35 17.82 5.70
C PRO A 71 -0.77 16.78 5.91
N PRO A 72 -0.60 15.88 6.86
CA PRO A 72 -1.59 14.85 7.15
C PRO A 72 -2.88 15.38 7.80
N PRO A 73 -4.00 14.67 7.60
CA PRO A 73 -5.31 15.04 8.16
C PRO A 73 -5.36 14.95 9.69
N GLU A 74 -6.45 15.39 10.26
CA GLU A 74 -6.63 15.32 11.67
C GLU A 74 -7.23 14.00 12.08
N LEU A 75 -6.96 13.60 13.28
CA LEU A 75 -7.47 12.37 13.81
C LEU A 75 -8.70 12.71 14.63
N LEU A 76 -9.82 12.09 14.30
CA LEU A 76 -11.12 12.34 14.96
C LEU A 76 -11.09 12.52 16.47
N ASN A 77 -10.38 11.67 17.16
CA ASN A 77 -10.25 11.73 18.61
C ASN A 77 -8.82 11.46 18.99
N GLY A 78 -7.95 11.99 18.20
CA GLY A 78 -6.58 11.95 18.46
C GLY A 78 -5.94 13.08 17.76
N ASN A 79 -4.71 12.91 17.44
CA ASN A 79 -3.94 13.85 16.69
C ASN A 79 -2.72 13.18 16.21
N VAL A 80 -1.90 13.90 15.57
CA VAL A 80 -0.68 13.40 15.06
C VAL A 80 0.44 13.68 16.07
N LYS A 81 1.21 12.67 16.39
CA LYS A 81 2.30 12.79 17.36
C LYS A 81 3.55 13.28 16.66
N GLU A 82 3.65 12.97 15.40
CA GLU A 82 4.79 13.36 14.63
C GLU A 82 4.72 14.77 14.18
N LYS A 83 5.86 15.40 14.18
CA LYS A 83 6.05 16.74 13.65
C LYS A 83 5.51 16.81 12.22
N THR A 84 4.57 17.66 12.03
CA THR A 84 3.87 17.73 10.80
C THR A 84 4.32 18.83 9.89
N LYS A 85 5.03 18.42 8.91
CA LYS A 85 5.46 19.29 7.87
C LYS A 85 4.37 19.37 6.84
N GLU A 86 4.28 20.48 6.18
CA GLU A 86 3.22 20.74 5.21
C GLU A 86 3.50 20.10 3.85
N GLU A 87 4.42 19.17 3.82
CA GLU A 87 4.76 18.45 2.63
C GLU A 87 5.36 17.12 3.05
N TYR A 88 4.62 16.05 2.91
CA TYR A 88 5.14 14.75 3.27
C TYR A 88 5.82 14.03 2.14
N GLY A 89 5.06 13.28 1.39
CA GLY A 89 5.63 12.48 0.36
C GLY A 89 4.91 11.17 0.25
N HIS A 90 5.00 10.57 -0.90
CA HIS A 90 4.36 9.31 -1.13
C HIS A 90 5.00 8.19 -0.29
N SER A 91 4.16 7.33 0.26
CA SER A 91 4.55 6.17 1.08
C SER A 91 5.12 6.58 2.45
N GLU A 92 5.09 7.86 2.75
CA GLU A 92 5.60 8.35 4.00
C GLU A 92 4.48 8.38 4.98
N VAL A 93 4.63 7.61 6.02
CA VAL A 93 3.63 7.52 7.04
C VAL A 93 3.78 8.56 8.08
N VAL A 94 2.71 8.78 8.77
CA VAL A 94 2.64 9.75 9.81
C VAL A 94 2.07 9.08 11.02
N GLU A 95 2.83 9.02 12.07
CA GLU A 95 2.34 8.46 13.31
C GLU A 95 1.36 9.38 14.01
N TYR A 96 0.21 8.85 14.27
CA TYR A 96 -0.81 9.52 15.03
C TYR A 96 -0.89 8.94 16.44
N TYR A 97 -1.68 9.56 17.28
CA TYR A 97 -1.96 9.10 18.61
C TYR A 97 -3.39 9.51 18.93
N CYS A 98 -4.15 8.65 19.53
CA CYS A 98 -5.50 9.03 19.92
C CYS A 98 -5.48 9.48 21.35
N ASN A 99 -6.59 10.01 21.83
CA ASN A 99 -6.68 10.41 23.24
C ASN A 99 -6.53 9.14 24.08
N PRO A 100 -6.03 9.24 25.32
CA PRO A 100 -5.81 8.07 26.22
C PRO A 100 -7.13 7.38 26.62
N ARG A 101 -8.22 7.96 26.18
CA ARG A 101 -9.55 7.54 26.52
C ARG A 101 -10.07 6.65 25.39
N PHE A 102 -9.25 6.49 24.39
CA PHE A 102 -9.60 5.72 23.23
C PHE A 102 -8.48 4.74 22.91
N LEU A 103 -8.84 3.73 22.20
CA LEU A 103 -7.95 2.74 21.72
C LEU A 103 -7.67 3.05 20.26
N MET A 104 -6.57 2.57 19.76
CA MET A 104 -6.19 2.85 18.41
C MET A 104 -5.98 1.54 17.69
N LYS A 105 -7.00 1.13 17.02
CA LYS A 105 -7.05 -0.18 16.41
C LYS A 105 -6.45 -0.21 15.02
N GLY A 106 -6.79 0.76 14.21
CA GLY A 106 -6.30 0.79 12.85
C GLY A 106 -4.86 1.28 12.77
N PRO A 107 -4.29 1.35 11.56
CA PRO A 107 -2.92 1.81 11.35
C PRO A 107 -2.74 3.24 11.85
N ASN A 108 -1.92 3.41 12.86
CA ASN A 108 -1.72 4.72 13.46
C ASN A 108 -0.88 5.60 12.58
N LYS A 109 -0.30 5.03 11.60
CA LYS A 109 0.55 5.74 10.73
C LYS A 109 0.01 5.62 9.34
N ILE A 110 -0.34 6.72 8.73
CA ILE A 110 -0.90 6.62 7.42
C ILE A 110 0.03 7.15 6.39
N GLN A 111 -0.08 6.65 5.19
CA GLN A 111 0.85 6.96 4.16
C GLN A 111 0.14 7.73 3.06
N CYS A 112 0.88 8.52 2.35
CA CYS A 112 0.37 9.22 1.20
C CYS A 112 0.45 8.35 -0.02
N VAL A 113 -0.69 8.16 -0.62
CA VAL A 113 -0.86 7.37 -1.80
C VAL A 113 -1.29 8.28 -2.95
N ASP A 114 -0.42 8.39 -3.95
CA ASP A 114 -0.53 9.34 -5.08
C ASP A 114 -0.66 10.77 -4.60
N GLY A 115 -1.85 11.15 -4.18
CA GLY A 115 -2.10 12.45 -3.63
C GLY A 115 -3.20 12.41 -2.58
N GLU A 116 -3.47 11.24 -2.06
CA GLU A 116 -4.44 11.06 -1.01
C GLU A 116 -3.82 10.23 0.08
N TRP A 117 -4.24 10.43 1.28
CA TRP A 117 -3.72 9.67 2.38
C TRP A 117 -4.54 8.38 2.52
N THR A 118 -4.02 7.41 3.24
CA THR A 118 -4.71 6.17 3.47
C THR A 118 -5.74 6.26 4.61
N THR A 119 -6.39 5.15 4.90
CA THR A 119 -7.38 5.07 5.95
C THR A 119 -6.75 5.33 7.31
N LEU A 120 -7.37 6.22 8.07
CA LEU A 120 -6.92 6.58 9.40
C LEU A 120 -7.07 5.45 10.42
N PRO A 121 -6.35 5.58 11.57
CA PRO A 121 -6.35 4.57 12.65
C PRO A 121 -7.65 4.43 13.40
N VAL A 122 -8.51 5.44 13.23
CA VAL A 122 -9.88 5.49 13.77
C VAL A 122 -10.03 5.04 15.25
N CYS A 123 -9.95 6.03 16.12
CA CYS A 123 -10.00 5.86 17.57
C CYS A 123 -11.36 5.38 18.02
N ILE A 124 -11.36 4.47 18.96
CA ILE A 124 -12.58 3.94 19.54
C ILE A 124 -12.50 4.03 21.04
N VAL A 125 -13.63 4.21 21.68
CA VAL A 125 -13.68 4.42 23.13
C VAL A 125 -13.22 3.16 23.87
N GLU A 126 -12.39 3.36 24.88
CA GLU A 126 -11.87 2.28 25.69
C GLU A 126 -12.96 1.80 26.66
N GLU A 1 31.97 -4.99 13.34
CA GLU A 1 30.78 -4.36 13.87
C GLU A 1 29.98 -5.39 14.62
N ALA A 2 29.50 -5.05 15.80
CA ALA A 2 28.73 -5.98 16.60
C ALA A 2 27.25 -5.74 16.36
N ALA A 3 26.86 -4.50 16.52
CA ALA A 3 25.50 -4.09 16.33
C ALA A 3 25.47 -2.81 15.53
N GLY A 4 24.50 -2.69 14.68
CA GLY A 4 24.32 -1.49 13.92
C GLY A 4 23.62 -0.45 14.75
N GLU A 5 24.39 0.37 15.44
CA GLU A 5 23.84 1.41 16.28
C GLU A 5 23.61 2.65 15.46
N ARG A 6 24.55 2.92 14.57
CA ARG A 6 24.49 4.07 13.69
C ARG A 6 24.29 3.58 12.27
N GLU A 7 23.75 2.39 12.23
CA GLU A 7 23.38 1.64 11.07
C GLU A 7 22.06 0.97 11.52
N CYS A 8 21.61 -0.05 10.87
CA CYS A 8 20.40 -0.72 11.30
C CYS A 8 20.50 -2.21 11.21
N GLU A 9 19.63 -2.83 11.92
CA GLU A 9 19.38 -4.21 11.80
C GLU A 9 17.87 -4.34 11.87
N LEU A 10 17.26 -4.85 10.81
CA LEU A 10 15.80 -5.07 10.68
C LEU A 10 15.22 -5.50 12.04
N PRO A 11 14.24 -4.74 12.56
CA PRO A 11 13.64 -5.02 13.86
C PRO A 11 12.78 -6.30 13.82
N LYS A 12 12.04 -6.56 14.84
CA LYS A 12 11.26 -7.75 14.86
C LYS A 12 9.93 -7.49 14.21
N ILE A 13 9.80 -7.93 12.95
CA ILE A 13 8.55 -7.79 12.18
C ILE A 13 7.46 -8.68 12.78
N ASP A 14 6.36 -8.73 12.07
CA ASP A 14 5.22 -9.57 12.40
C ASP A 14 5.64 -11.06 12.26
N VAL A 15 4.70 -11.94 12.42
CA VAL A 15 4.97 -13.33 12.29
C VAL A 15 4.68 -13.77 10.86
N HIS A 16 3.77 -13.06 10.19
CA HIS A 16 3.41 -13.41 8.82
C HIS A 16 3.91 -12.39 7.83
N LEU A 17 4.74 -11.51 8.30
CA LEU A 17 5.31 -10.45 7.50
C LEU A 17 6.60 -11.00 6.90
N VAL A 18 6.97 -10.51 5.76
CA VAL A 18 8.17 -10.90 5.07
C VAL A 18 8.70 -9.70 4.26
N PRO A 19 9.90 -9.24 4.59
CA PRO A 19 10.54 -8.13 3.87
C PRO A 19 11.10 -8.56 2.50
N ASP A 20 11.11 -7.64 1.57
CA ASP A 20 11.78 -7.83 0.28
C ASP A 20 13.27 -7.84 0.51
N ARG A 21 13.75 -6.77 1.11
CA ARG A 21 15.14 -6.67 1.46
C ARG A 21 15.40 -7.53 2.66
N LYS A 22 16.08 -8.60 2.48
CA LYS A 22 16.45 -9.41 3.60
C LYS A 22 17.95 -9.49 3.62
N LYS A 23 18.54 -8.66 4.42
CA LYS A 23 19.97 -8.57 4.51
C LYS A 23 20.37 -8.55 5.96
N ASP A 24 21.64 -8.74 6.19
CA ASP A 24 22.20 -8.81 7.54
C ASP A 24 21.98 -7.51 8.30
N GLN A 25 22.63 -6.46 7.85
CA GLN A 25 22.46 -5.15 8.44
C GLN A 25 22.00 -4.19 7.40
N TYR A 26 21.16 -3.28 7.79
CA TYR A 26 20.55 -2.34 6.88
C TYR A 26 21.20 -1.04 7.03
N LYS A 27 21.54 -0.47 5.93
CA LYS A 27 22.18 0.78 5.93
C LYS A 27 21.22 1.90 6.08
N VAL A 28 21.65 2.96 6.72
CA VAL A 28 20.80 4.11 6.96
C VAL A 28 20.30 4.69 5.63
N GLY A 29 19.01 4.56 5.39
CA GLY A 29 18.42 5.02 4.17
C GLY A 29 17.90 3.87 3.33
N GLU A 30 18.19 2.66 3.78
CA GLU A 30 17.75 1.46 3.10
C GLU A 30 16.25 1.33 3.30
N VAL A 31 15.54 1.01 2.24
CA VAL A 31 14.12 0.85 2.37
C VAL A 31 13.79 -0.60 2.32
N LEU A 32 12.98 -1.01 3.20
CA LEU A 32 12.61 -2.37 3.27
C LEU A 32 11.17 -2.50 2.94
N LYS A 33 10.90 -2.95 1.75
CA LYS A 33 9.54 -3.15 1.34
C LYS A 33 9.05 -4.43 1.94
N PHE A 34 8.28 -4.31 2.95
CA PHE A 34 7.69 -5.43 3.62
C PHE A 34 6.43 -5.82 2.95
N SER A 35 5.99 -7.01 3.23
CA SER A 35 4.69 -7.49 2.87
C SER A 35 4.45 -8.71 3.68
N CYS A 36 3.38 -9.33 3.45
CA CYS A 36 3.00 -10.47 4.20
C CYS A 36 3.04 -11.71 3.35
N LYS A 37 2.87 -12.84 4.02
CA LYS A 37 2.84 -14.14 3.41
C LYS A 37 1.76 -14.26 2.33
N PRO A 38 1.89 -15.30 1.46
CA PRO A 38 1.03 -15.52 0.27
C PRO A 38 -0.47 -15.22 0.45
N GLY A 39 -1.03 -15.60 1.57
CA GLY A 39 -2.44 -15.40 1.78
C GLY A 39 -2.78 -14.18 2.60
N PHE A 40 -1.80 -13.37 2.91
CA PHE A 40 -2.01 -12.27 3.79
C PHE A 40 -1.94 -10.93 3.12
N THR A 41 -2.66 -10.03 3.68
CA THR A 41 -2.67 -8.68 3.30
C THR A 41 -1.77 -7.90 4.23
N ILE A 42 -0.83 -7.18 3.69
CA ILE A 42 -0.01 -6.32 4.48
C ILE A 42 -0.80 -5.07 4.84
N VAL A 43 -0.83 -4.76 6.10
CA VAL A 43 -1.56 -3.63 6.57
C VAL A 43 -0.63 -2.65 7.25
N GLY A 44 -0.35 -1.57 6.56
CA GLY A 44 0.46 -0.54 7.11
C GLY A 44 1.49 -0.07 6.13
N PRO A 45 2.46 0.74 6.59
CA PRO A 45 3.58 1.22 5.78
C PRO A 45 4.42 0.05 5.29
N ASN A 46 4.47 -0.16 4.00
CA ASN A 46 5.17 -1.31 3.50
C ASN A 46 6.64 -1.12 3.41
N SER A 47 7.08 0.00 2.95
CA SER A 47 8.48 0.20 2.79
C SER A 47 9.02 1.23 3.75
N VAL A 48 9.42 0.79 4.92
CA VAL A 48 10.01 1.67 5.91
C VAL A 48 11.46 1.92 5.56
N GLN A 49 12.03 2.91 6.18
CA GLN A 49 13.42 3.21 5.97
C GLN A 49 14.20 2.88 7.19
N CYS A 50 15.42 2.62 6.99
CA CYS A 50 16.32 2.53 8.07
C CYS A 50 16.83 3.93 8.37
N TYR A 51 16.80 4.31 9.61
CA TYR A 51 17.30 5.57 10.07
C TYR A 51 18.45 5.31 11.03
N HIS A 52 19.13 6.32 11.49
CA HIS A 52 20.31 6.09 12.36
C HIS A 52 19.93 5.62 13.76
N PHE A 53 18.65 5.60 14.04
CA PHE A 53 18.14 5.12 15.31
C PHE A 53 17.45 3.77 15.13
N GLY A 54 17.39 3.32 13.90
CA GLY A 54 16.75 2.09 13.61
C GLY A 54 15.77 2.25 12.50
N LEU A 55 15.01 1.24 12.25
CA LEU A 55 14.06 1.26 11.18
C LEU A 55 12.80 1.96 11.61
N SER A 56 12.23 2.72 10.72
CA SER A 56 11.07 3.53 11.02
C SER A 56 10.35 3.88 9.69
N PRO A 57 9.02 4.13 9.71
CA PRO A 57 8.19 4.10 10.94
C PRO A 57 7.87 2.69 11.43
N ASP A 58 6.94 2.60 12.37
CA ASP A 58 6.43 1.30 12.89
C ASP A 58 6.04 0.38 11.77
N LEU A 59 6.29 -0.87 11.99
CA LEU A 59 6.13 -1.90 11.00
C LEU A 59 4.68 -2.32 10.82
N PRO A 60 4.34 -2.73 9.58
CA PRO A 60 3.01 -3.17 9.21
C PRO A 60 2.60 -4.49 9.87
N ILE A 61 1.34 -4.82 9.77
CA ILE A 61 0.80 -6.07 10.28
C ILE A 61 0.29 -6.91 9.11
N CYS A 62 -0.24 -8.08 9.41
CA CYS A 62 -0.75 -8.97 8.39
C CYS A 62 -2.20 -9.35 8.67
N LYS A 63 -3.04 -9.08 7.72
CA LYS A 63 -4.44 -9.43 7.79
C LYS A 63 -4.76 -10.41 6.72
N GLU A 64 -5.24 -11.54 7.08
CA GLU A 64 -5.64 -12.51 6.10
C GLU A 64 -7.07 -12.21 5.77
N GLN A 65 -7.78 -11.81 6.79
CA GLN A 65 -9.17 -11.52 6.68
C GLN A 65 -9.29 -10.05 6.41
N VAL A 66 -9.06 -9.68 5.19
CA VAL A 66 -9.12 -8.30 4.82
C VAL A 66 -10.56 -7.96 4.41
N GLN A 67 -10.92 -6.70 4.52
CA GLN A 67 -12.24 -6.26 4.20
C GLN A 67 -12.33 -6.00 2.73
N SER A 68 -13.51 -5.83 2.25
CA SER A 68 -13.71 -5.62 0.86
C SER A 68 -14.12 -4.18 0.59
N CYS A 69 -14.40 -3.45 1.68
CA CYS A 69 -14.85 -2.05 1.63
C CYS A 69 -16.28 -1.93 1.08
N GLY A 70 -16.50 -2.45 -0.08
CA GLY A 70 -17.76 -2.40 -0.72
C GLY A 70 -17.69 -1.45 -1.88
N PRO A 71 -18.73 -0.69 -2.16
CA PRO A 71 -18.69 0.28 -3.25
C PRO A 71 -17.71 1.42 -2.95
N PRO A 72 -16.86 1.76 -3.91
CA PRO A 72 -15.85 2.82 -3.77
C PRO A 72 -16.46 4.22 -3.70
N PRO A 73 -15.68 5.21 -3.26
CA PRO A 73 -16.11 6.61 -3.21
C PRO A 73 -16.30 7.18 -4.63
N GLU A 74 -16.74 8.41 -4.71
CA GLU A 74 -16.88 9.06 -5.99
C GLU A 74 -15.62 9.86 -6.26
N LEU A 75 -15.45 10.28 -7.47
CA LEU A 75 -14.32 11.10 -7.83
C LEU A 75 -14.81 12.54 -7.68
N LEU A 76 -13.91 13.50 -7.48
CA LEU A 76 -14.31 14.91 -7.33
C LEU A 76 -15.18 15.39 -8.49
N ASN A 77 -14.62 15.41 -9.66
CA ASN A 77 -15.36 15.92 -10.80
C ASN A 77 -15.74 14.79 -11.73
N GLY A 78 -14.97 13.71 -11.64
CA GLY A 78 -15.19 12.57 -12.49
C GLY A 78 -16.05 11.53 -11.83
N ASN A 79 -15.87 10.29 -12.21
CA ASN A 79 -16.64 9.22 -11.64
C ASN A 79 -15.85 7.94 -11.75
N VAL A 80 -16.51 6.82 -11.57
CA VAL A 80 -15.90 5.52 -11.64
C VAL A 80 -16.32 4.89 -12.98
N LYS A 81 -15.40 4.28 -13.69
CA LYS A 81 -15.72 3.70 -14.99
C LYS A 81 -16.05 2.23 -14.86
N GLU A 82 -15.60 1.64 -13.79
CA GLU A 82 -15.85 0.26 -13.55
C GLU A 82 -17.24 0.10 -12.95
N LYS A 83 -17.85 -1.06 -13.13
CA LYS A 83 -19.13 -1.33 -12.53
C LYS A 83 -18.97 -1.47 -11.04
N THR A 84 -19.53 -0.54 -10.31
CA THR A 84 -19.44 -0.54 -8.89
C THR A 84 -20.27 -1.65 -8.26
N LYS A 85 -19.58 -2.70 -7.90
CA LYS A 85 -20.17 -3.83 -7.26
C LYS A 85 -20.30 -3.58 -5.76
N GLU A 86 -21.02 -4.44 -5.08
CA GLU A 86 -21.30 -4.27 -3.67
C GLU A 86 -20.16 -4.75 -2.82
N GLU A 87 -19.39 -5.66 -3.33
CA GLU A 87 -18.26 -6.18 -2.63
C GLU A 87 -17.05 -6.10 -3.51
N TYR A 88 -16.10 -5.29 -3.13
CA TYR A 88 -14.88 -5.17 -3.87
C TYR A 88 -13.79 -6.10 -3.39
N GLY A 89 -12.94 -5.63 -2.51
CA GLY A 89 -11.89 -6.48 -1.99
C GLY A 89 -10.61 -5.71 -1.85
N HIS A 90 -9.66 -6.27 -1.11
CA HIS A 90 -8.38 -5.64 -0.91
C HIS A 90 -7.64 -5.28 -2.18
N SER A 91 -7.37 -6.25 -2.98
CA SER A 91 -6.56 -6.04 -4.14
C SER A 91 -7.41 -5.66 -5.36
N GLU A 92 -8.63 -5.28 -5.11
CA GLU A 92 -9.52 -4.91 -6.16
C GLU A 92 -9.52 -3.42 -6.30
N VAL A 93 -9.08 -2.97 -7.44
CA VAL A 93 -9.04 -1.57 -7.75
C VAL A 93 -10.27 -1.13 -8.46
N VAL A 94 -10.58 0.11 -8.27
CA VAL A 94 -11.69 0.74 -8.90
C VAL A 94 -11.21 1.83 -9.85
N GLU A 95 -11.22 1.53 -11.13
CA GLU A 95 -10.86 2.52 -12.14
C GLU A 95 -11.86 3.64 -12.21
N TYR A 96 -11.36 4.79 -12.03
CA TYR A 96 -12.07 6.02 -12.12
C TYR A 96 -11.77 6.66 -13.46
N TYR A 97 -12.51 7.67 -13.79
CA TYR A 97 -12.30 8.44 -14.98
C TYR A 97 -12.83 9.82 -14.70
N CYS A 98 -12.18 10.83 -15.18
CA CYS A 98 -12.65 12.15 -14.94
C CYS A 98 -13.25 12.69 -16.22
N ASN A 99 -13.57 13.95 -16.23
CA ASN A 99 -14.15 14.56 -17.39
C ASN A 99 -13.05 14.83 -18.41
N PRO A 100 -13.40 14.94 -19.72
CA PRO A 100 -12.41 15.17 -20.81
C PRO A 100 -11.71 16.53 -20.73
N ARG A 101 -11.97 17.24 -19.67
CA ARG A 101 -11.47 18.56 -19.44
C ARG A 101 -10.36 18.51 -18.41
N PHE A 102 -10.08 17.33 -17.93
CA PHE A 102 -9.14 17.19 -16.84
C PHE A 102 -8.05 16.20 -17.13
N LEU A 103 -6.98 16.37 -16.42
CA LEU A 103 -5.86 15.50 -16.43
C LEU A 103 -5.95 14.64 -15.21
N MET A 104 -5.76 13.39 -15.37
CA MET A 104 -5.81 12.49 -14.27
C MET A 104 -4.39 12.14 -13.93
N LYS A 105 -3.91 12.63 -12.81
CA LYS A 105 -2.50 12.56 -12.52
C LYS A 105 -2.09 11.34 -11.72
N GLY A 106 -2.80 11.08 -10.67
CA GLY A 106 -2.47 9.94 -9.82
C GLY A 106 -3.13 8.67 -10.30
N PRO A 107 -3.06 7.59 -9.50
CA PRO A 107 -3.66 6.30 -9.86
C PRO A 107 -5.18 6.39 -9.92
N ASN A 108 -5.76 6.12 -11.07
CA ASN A 108 -7.20 6.26 -11.24
C ASN A 108 -7.93 5.06 -10.70
N LYS A 109 -7.21 4.14 -10.20
CA LYS A 109 -7.73 2.91 -9.73
C LYS A 109 -7.13 2.59 -8.43
N ILE A 110 -7.95 2.67 -7.42
CA ILE A 110 -7.51 2.51 -6.09
C ILE A 110 -8.04 1.21 -5.53
N GLN A 111 -7.33 0.64 -4.61
CA GLN A 111 -7.70 -0.61 -4.00
C GLN A 111 -8.04 -0.43 -2.53
N CYS A 112 -8.82 -1.35 -2.01
CA CYS A 112 -9.24 -1.32 -0.62
C CYS A 112 -8.15 -1.91 0.28
N VAL A 113 -7.39 -1.07 0.92
CA VAL A 113 -6.32 -1.54 1.75
C VAL A 113 -6.77 -1.74 3.19
N ASP A 114 -6.79 -3.02 3.60
CA ASP A 114 -7.22 -3.47 4.94
C ASP A 114 -8.71 -3.32 5.16
N GLY A 115 -9.19 -2.12 5.06
CA GLY A 115 -10.59 -1.86 5.15
C GLY A 115 -10.90 -0.41 4.82
N GLU A 116 -10.00 0.21 4.07
CA GLU A 116 -10.14 1.59 3.68
C GLU A 116 -9.62 1.69 2.29
N TRP A 117 -10.10 2.60 1.53
CA TRP A 117 -9.59 2.76 0.21
C TRP A 117 -8.31 3.56 0.23
N THR A 118 -7.68 3.65 -0.90
CA THR A 118 -6.45 4.35 -1.01
C THR A 118 -6.68 5.77 -1.52
N THR A 119 -5.62 6.53 -1.67
CA THR A 119 -5.72 7.91 -2.09
C THR A 119 -6.18 8.01 -3.54
N LEU A 120 -7.25 8.76 -3.74
CA LEU A 120 -7.83 8.97 -5.05
C LEU A 120 -6.87 9.62 -6.06
N PRO A 121 -7.16 9.38 -7.37
CA PRO A 121 -6.33 9.83 -8.51
C PRO A 121 -6.10 11.31 -8.59
N VAL A 122 -7.13 12.08 -8.28
CA VAL A 122 -7.19 13.52 -8.46
C VAL A 122 -7.10 13.94 -9.94
N CYS A 123 -8.09 14.65 -10.37
CA CYS A 123 -8.11 15.14 -11.71
C CYS A 123 -8.16 16.63 -11.70
N ILE A 124 -7.28 17.21 -12.44
CA ILE A 124 -7.11 18.62 -12.46
C ILE A 124 -7.36 19.15 -13.83
N VAL A 125 -7.88 20.36 -13.90
CA VAL A 125 -8.26 20.98 -15.16
C VAL A 125 -7.08 21.04 -16.14
N GLU A 126 -7.33 20.56 -17.33
CA GLU A 126 -6.34 20.52 -18.37
C GLU A 126 -6.30 21.88 -19.06
N GLU A 1 -13.54 -21.32 28.14
CA GLU A 1 -13.48 -19.89 27.84
C GLU A 1 -14.76 -19.45 27.16
N ALA A 2 -14.88 -18.17 26.93
CA ALA A 2 -16.00 -17.64 26.20
C ALA A 2 -15.55 -17.39 24.77
N ALA A 3 -15.63 -18.41 23.97
CA ALA A 3 -15.14 -18.38 22.61
C ALA A 3 -15.84 -19.46 21.82
N GLY A 4 -15.41 -19.70 20.61
CA GLY A 4 -15.99 -20.71 19.78
C GLY A 4 -16.22 -20.22 18.38
N GLU A 5 -16.44 -18.95 18.24
CA GLU A 5 -16.72 -18.37 16.95
C GLU A 5 -15.79 -17.17 16.74
N ARG A 6 -15.04 -17.17 15.67
CA ARG A 6 -14.14 -16.07 15.39
C ARG A 6 -14.55 -15.29 14.15
N GLU A 7 -13.80 -15.50 13.05
CA GLU A 7 -13.94 -14.72 11.80
C GLU A 7 -13.72 -13.23 12.05
N CYS A 8 -13.95 -12.45 11.05
CA CYS A 8 -13.74 -11.04 11.21
C CYS A 8 -14.93 -10.25 10.79
N GLU A 9 -15.08 -9.14 11.43
CA GLU A 9 -16.07 -8.17 11.08
C GLU A 9 -15.33 -7.00 10.44
N LEU A 10 -15.93 -5.87 10.47
CA LEU A 10 -15.33 -4.65 10.06
C LEU A 10 -15.50 -3.74 11.25
N PRO A 11 -14.42 -3.45 11.97
CA PRO A 11 -14.48 -2.66 13.19
C PRO A 11 -14.85 -1.22 12.90
N LYS A 12 -14.98 -0.43 13.92
CA LYS A 12 -15.34 0.94 13.74
C LYS A 12 -14.12 1.73 13.34
N ILE A 13 -13.93 1.80 12.05
CA ILE A 13 -12.84 2.50 11.42
C ILE A 13 -13.05 4.02 11.51
N ASP A 14 -12.23 4.75 10.79
CA ASP A 14 -12.39 6.20 10.75
C ASP A 14 -13.58 6.51 9.88
N VAL A 15 -14.26 7.54 10.22
CA VAL A 15 -15.39 8.02 9.45
C VAL A 15 -14.92 8.49 8.04
N HIS A 16 -13.65 8.83 7.92
CA HIS A 16 -13.12 9.26 6.67
C HIS A 16 -12.52 8.11 5.93
N LEU A 17 -12.68 6.93 6.45
CA LEU A 17 -12.10 5.75 5.86
C LEU A 17 -13.21 4.91 5.24
N VAL A 18 -12.85 4.13 4.25
CA VAL A 18 -13.75 3.22 3.59
C VAL A 18 -12.99 1.97 3.12
N PRO A 19 -13.41 0.80 3.57
CA PRO A 19 -12.82 -0.43 3.15
C PRO A 19 -13.20 -0.80 1.71
N ASP A 20 -12.21 -1.26 0.99
CA ASP A 20 -12.33 -1.68 -0.40
C ASP A 20 -13.18 -2.92 -0.52
N ARG A 21 -12.97 -3.88 0.39
CA ARG A 21 -13.81 -5.06 0.42
C ARG A 21 -15.23 -4.67 0.77
N LYS A 22 -15.40 -4.24 2.02
CA LYS A 22 -16.66 -3.85 2.62
C LYS A 22 -17.70 -4.95 2.46
N LYS A 23 -17.62 -5.90 3.33
CA LYS A 23 -18.50 -7.02 3.34
C LYS A 23 -19.00 -7.25 4.75
N ASP A 24 -19.79 -8.27 4.94
CA ASP A 24 -20.33 -8.57 6.25
C ASP A 24 -19.29 -9.20 7.15
N GLN A 25 -18.90 -10.42 6.83
CA GLN A 25 -17.91 -11.12 7.62
C GLN A 25 -16.71 -11.47 6.78
N TYR A 26 -15.58 -11.16 7.31
CA TYR A 26 -14.34 -11.39 6.65
C TYR A 26 -13.76 -12.71 7.10
N LYS A 27 -13.19 -13.42 6.18
CA LYS A 27 -12.62 -14.73 6.42
C LYS A 27 -11.16 -14.57 6.79
N VAL A 28 -10.61 -15.49 7.54
CA VAL A 28 -9.20 -15.43 7.89
C VAL A 28 -8.37 -15.50 6.60
N GLY A 29 -7.61 -14.45 6.36
CA GLY A 29 -6.84 -14.31 5.14
C GLY A 29 -7.53 -13.40 4.13
N GLU A 30 -8.66 -12.84 4.52
CA GLU A 30 -9.35 -11.86 3.70
C GLU A 30 -8.59 -10.57 3.84
N VAL A 31 -8.29 -9.95 2.75
CA VAL A 31 -7.51 -8.75 2.80
C VAL A 31 -8.41 -7.58 2.63
N LEU A 32 -8.39 -6.76 3.60
CA LEU A 32 -9.19 -5.60 3.59
C LEU A 32 -8.35 -4.46 3.16
N LYS A 33 -8.45 -4.10 1.92
CA LYS A 33 -7.78 -2.93 1.48
C LYS A 33 -8.64 -1.77 1.90
N PHE A 34 -8.05 -0.73 2.30
CA PHE A 34 -8.77 0.42 2.69
C PHE A 34 -8.45 1.57 1.77
N SER A 35 -9.16 2.63 1.98
CA SER A 35 -9.04 3.82 1.30
C SER A 35 -9.73 4.85 2.18
N CYS A 36 -9.57 6.07 1.89
CA CYS A 36 -10.21 7.12 2.65
C CYS A 36 -11.16 7.91 1.74
N LYS A 37 -11.76 8.96 2.31
CA LYS A 37 -12.61 9.91 1.63
C LYS A 37 -11.89 10.55 0.42
N PRO A 38 -12.66 11.26 -0.46
CA PRO A 38 -12.14 11.84 -1.73
C PRO A 38 -10.83 12.63 -1.58
N GLY A 39 -10.74 13.41 -0.53
CA GLY A 39 -9.58 14.21 -0.32
C GLY A 39 -8.67 13.63 0.74
N PHE A 40 -9.06 12.52 1.29
CA PHE A 40 -8.32 11.96 2.37
C PHE A 40 -7.31 10.96 1.96
N THR A 41 -6.15 11.22 2.42
CA THR A 41 -5.04 10.40 2.19
C THR A 41 -4.96 9.29 3.23
N ILE A 42 -5.00 8.07 2.79
CA ILE A 42 -4.86 6.93 3.66
C ILE A 42 -3.36 6.77 4.01
N VAL A 43 -3.06 6.58 5.26
CA VAL A 43 -1.70 6.39 5.71
C VAL A 43 -1.65 5.20 6.66
N GLY A 44 -0.73 4.30 6.41
CA GLY A 44 -0.57 3.15 7.27
C GLY A 44 -0.65 1.86 6.47
N PRO A 45 -1.15 0.79 7.07
CA PRO A 45 -1.36 -0.46 6.37
C PRO A 45 -2.65 -0.41 5.57
N ASN A 46 -2.52 -0.22 4.27
CA ASN A 46 -3.69 -0.06 3.41
C ASN A 46 -4.39 -1.38 3.18
N SER A 47 -3.70 -2.48 3.32
CA SER A 47 -4.28 -3.78 3.12
C SER A 47 -3.99 -4.72 4.30
N VAL A 48 -4.93 -4.79 5.21
CA VAL A 48 -4.77 -5.62 6.39
C VAL A 48 -5.43 -6.97 6.14
N GLN A 49 -5.13 -7.94 6.94
CA GLN A 49 -5.71 -9.24 6.76
C GLN A 49 -6.69 -9.46 7.83
N CYS A 50 -7.47 -10.44 7.64
CA CYS A 50 -8.25 -10.96 8.70
C CYS A 50 -7.47 -12.09 9.32
N TYR A 51 -7.32 -12.04 10.60
CA TYR A 51 -6.64 -13.05 11.35
C TYR A 51 -7.63 -13.73 12.27
N HIS A 52 -7.21 -14.84 12.85
CA HIS A 52 -8.04 -15.62 13.78
C HIS A 52 -8.46 -14.82 15.02
N PHE A 53 -7.80 -13.71 15.27
CA PHE A 53 -8.10 -12.89 16.41
C PHE A 53 -8.78 -11.59 15.99
N GLY A 54 -8.90 -11.39 14.71
CA GLY A 54 -9.52 -10.18 14.21
C GLY A 54 -8.72 -9.57 13.09
N LEU A 55 -9.07 -8.35 12.74
CA LEU A 55 -8.45 -7.63 11.63
C LEU A 55 -7.10 -7.10 12.07
N SER A 56 -6.06 -7.49 11.36
CA SER A 56 -4.72 -7.10 11.69
C SER A 56 -3.89 -6.95 10.40
N PRO A 57 -3.00 -5.95 10.31
CA PRO A 57 -2.75 -4.97 11.38
C PRO A 57 -3.97 -4.07 11.63
N ASP A 58 -3.83 -3.18 12.57
CA ASP A 58 -4.90 -2.29 12.91
C ASP A 58 -5.18 -1.31 11.79
N LEU A 59 -6.32 -0.68 11.85
CA LEU A 59 -6.83 0.10 10.74
C LEU A 59 -6.00 1.37 10.51
N PRO A 60 -5.68 1.65 9.24
CA PRO A 60 -4.91 2.83 8.83
C PRO A 60 -5.66 4.12 9.12
N ILE A 61 -5.01 5.23 8.93
CA ILE A 61 -5.62 6.51 9.22
C ILE A 61 -5.82 7.33 7.96
N CYS A 62 -6.54 8.40 8.10
CA CYS A 62 -6.81 9.32 7.03
C CYS A 62 -6.19 10.68 7.38
N LYS A 63 -5.18 11.08 6.62
CA LYS A 63 -4.47 12.32 6.90
C LYS A 63 -4.95 13.50 6.12
N GLU A 64 -5.47 13.22 4.93
CA GLU A 64 -5.94 14.25 3.98
C GLU A 64 -4.73 15.01 3.41
N GLN A 65 -4.10 15.73 4.28
CA GLN A 65 -2.96 16.55 3.98
C GLN A 65 -1.74 15.68 4.15
N VAL A 66 -1.11 15.39 3.08
CA VAL A 66 0.02 14.52 3.08
C VAL A 66 1.20 15.23 2.38
N GLN A 67 2.39 14.64 2.37
CA GLN A 67 3.52 15.25 1.71
C GLN A 67 3.62 14.71 0.30
N SER A 68 4.22 15.45 -0.60
CA SER A 68 4.31 15.00 -1.95
C SER A 68 5.71 14.48 -2.32
N CYS A 69 6.64 14.69 -1.39
CA CYS A 69 7.96 14.05 -1.38
C CYS A 69 8.96 14.57 -2.41
N GLY A 70 8.54 15.50 -3.24
CA GLY A 70 9.42 16.02 -4.26
C GLY A 70 9.82 14.96 -5.28
N PRO A 71 11.05 15.05 -5.83
CA PRO A 71 11.53 14.08 -6.79
C PRO A 71 11.97 12.77 -6.11
N PRO A 72 11.75 11.64 -6.79
CA PRO A 72 12.08 10.30 -6.27
C PRO A 72 13.60 10.03 -6.21
N PRO A 73 14.00 8.96 -5.52
CA PRO A 73 15.41 8.54 -5.45
C PRO A 73 15.87 7.92 -6.77
N GLU A 74 17.12 7.51 -6.81
CA GLU A 74 17.63 6.86 -7.99
C GLU A 74 17.61 5.37 -7.77
N LEU A 75 17.64 4.64 -8.82
CA LEU A 75 17.63 3.22 -8.75
C LEU A 75 19.07 2.74 -8.87
N LEU A 76 19.47 1.84 -8.01
CA LEU A 76 20.84 1.30 -7.99
C LEU A 76 21.34 0.83 -9.36
N ASN A 77 20.49 0.11 -10.06
CA ASN A 77 20.86 -0.52 -11.32
C ASN A 77 19.82 -0.23 -12.38
N GLY A 78 19.24 0.93 -12.28
CA GLY A 78 18.26 1.37 -13.23
C GLY A 78 17.97 2.83 -13.05
N ASN A 79 16.77 3.25 -13.33
CA ASN A 79 16.37 4.63 -13.14
C ASN A 79 14.89 4.69 -13.12
N VAL A 80 14.38 5.87 -12.90
CA VAL A 80 12.98 6.12 -13.02
C VAL A 80 12.72 6.24 -14.53
N LYS A 81 11.71 5.58 -15.04
CA LYS A 81 11.45 5.64 -16.48
C LYS A 81 10.50 6.77 -16.78
N GLU A 82 10.09 7.41 -15.76
CA GLU A 82 9.17 8.48 -15.84
C GLU A 82 9.80 9.83 -15.67
N LYS A 83 9.15 10.77 -16.30
CA LYS A 83 9.37 12.19 -16.17
C LYS A 83 9.36 12.58 -14.68
N THR A 84 10.49 12.92 -14.19
CA THR A 84 10.63 13.24 -12.82
C THR A 84 10.29 14.67 -12.49
N LYS A 85 9.12 14.85 -11.94
CA LYS A 85 8.65 16.14 -11.57
C LYS A 85 9.18 16.49 -10.19
N GLU A 86 9.24 17.76 -9.89
CA GLU A 86 9.87 18.26 -8.67
C GLU A 86 9.00 18.00 -7.44
N GLU A 87 7.77 17.62 -7.67
CA GLU A 87 6.85 17.36 -6.59
C GLU A 87 5.92 16.24 -7.04
N TYR A 88 5.92 15.12 -6.35
CA TYR A 88 5.07 14.00 -6.73
C TYR A 88 3.78 13.91 -5.95
N GLY A 89 3.76 13.13 -4.89
CA GLY A 89 2.57 12.96 -4.11
C GLY A 89 2.54 11.61 -3.45
N HIS A 90 1.62 11.46 -2.51
CA HIS A 90 1.44 10.21 -1.79
C HIS A 90 1.08 9.07 -2.72
N SER A 91 0.19 9.32 -3.61
CA SER A 91 -0.29 8.30 -4.50
C SER A 91 0.42 8.37 -5.83
N GLU A 92 1.55 9.06 -5.86
CA GLU A 92 2.22 9.21 -7.11
C GLU A 92 3.36 8.24 -7.16
N VAL A 93 3.23 7.27 -8.03
CA VAL A 93 4.26 6.28 -8.21
C VAL A 93 5.26 6.75 -9.22
N VAL A 94 6.46 6.33 -9.00
CA VAL A 94 7.48 6.48 -9.91
C VAL A 94 7.86 5.10 -10.44
N GLU A 95 7.47 4.83 -11.64
CA GLU A 95 7.82 3.59 -12.25
C GLU A 95 9.30 3.61 -12.63
N TYR A 96 9.98 2.63 -12.18
CA TYR A 96 11.38 2.44 -12.43
C TYR A 96 11.60 1.39 -13.49
N TYR A 97 12.81 1.31 -13.97
CA TYR A 97 13.24 0.29 -14.90
C TYR A 97 14.71 0.04 -14.61
N CYS A 98 15.14 -1.17 -14.70
CA CYS A 98 16.53 -1.48 -14.51
C CYS A 98 17.21 -1.83 -15.80
N ASN A 99 18.51 -2.00 -15.72
CA ASN A 99 19.32 -2.35 -16.88
C ASN A 99 18.87 -3.71 -17.43
N PRO A 100 19.03 -3.93 -18.75
CA PRO A 100 18.59 -5.16 -19.48
C PRO A 100 19.40 -6.41 -19.11
N ARG A 101 19.72 -6.54 -17.87
CA ARG A 101 20.52 -7.62 -17.38
C ARG A 101 20.26 -7.84 -15.89
N PHE A 102 19.25 -7.18 -15.36
CA PHE A 102 18.89 -7.33 -13.97
C PHE A 102 17.45 -7.69 -13.86
N LEU A 103 17.15 -8.41 -12.84
CA LEU A 103 15.83 -8.81 -12.52
C LEU A 103 15.28 -7.80 -11.56
N MET A 104 14.09 -7.37 -11.79
CA MET A 104 13.51 -6.39 -10.95
C MET A 104 12.67 -7.09 -9.92
N LYS A 105 13.22 -7.20 -8.75
CA LYS A 105 12.69 -8.03 -7.69
C LYS A 105 11.38 -7.49 -7.13
N GLY A 106 11.45 -6.34 -6.51
CA GLY A 106 10.30 -5.79 -5.86
C GLY A 106 9.48 -4.92 -6.78
N PRO A 107 8.63 -4.07 -6.21
CA PRO A 107 7.78 -3.16 -6.97
C PRO A 107 8.61 -2.18 -7.79
N ASN A 108 8.39 -2.12 -9.10
CA ASN A 108 9.22 -1.22 -9.95
C ASN A 108 8.79 0.15 -9.79
N LYS A 109 7.71 0.30 -9.21
CA LYS A 109 7.10 1.48 -9.14
C LYS A 109 6.68 1.70 -7.72
N ILE A 110 7.14 2.79 -7.17
CA ILE A 110 6.96 3.07 -5.78
C ILE A 110 6.23 4.37 -5.65
N GLN A 111 5.32 4.43 -4.75
CA GLN A 111 4.60 5.64 -4.49
C GLN A 111 5.10 6.17 -3.18
N CYS A 112 4.87 7.41 -2.92
CA CYS A 112 5.40 7.95 -1.72
C CYS A 112 4.40 7.90 -0.59
N VAL A 113 4.58 6.98 0.31
CA VAL A 113 3.65 6.83 1.36
C VAL A 113 3.85 7.83 2.50
N ASP A 114 3.20 8.94 2.30
CA ASP A 114 3.02 10.02 3.28
C ASP A 114 4.10 11.01 3.19
N GLY A 115 5.27 10.56 3.41
CA GLY A 115 6.43 11.35 3.24
C GLY A 115 7.65 10.48 3.07
N GLU A 116 7.44 9.17 2.84
CA GLU A 116 8.52 8.24 2.63
C GLU A 116 8.16 7.41 1.44
N TRP A 117 9.06 7.27 0.52
CA TRP A 117 8.80 6.41 -0.62
C TRP A 117 8.88 4.98 -0.16
N THR A 118 8.17 4.12 -0.83
CA THR A 118 8.19 2.73 -0.48
C THR A 118 9.48 2.04 -0.90
N THR A 119 9.59 0.78 -0.56
CA THR A 119 10.77 0.01 -0.81
C THR A 119 11.04 -0.09 -2.31
N LEU A 120 12.26 0.29 -2.69
CA LEU A 120 12.67 0.25 -4.06
C LEU A 120 12.68 -1.17 -4.63
N PRO A 121 12.54 -1.27 -5.96
CA PRO A 121 12.48 -2.55 -6.67
C PRO A 121 13.72 -3.39 -6.53
N VAL A 122 14.82 -2.74 -6.17
CA VAL A 122 16.12 -3.37 -5.88
C VAL A 122 16.51 -4.52 -6.82
N CYS A 123 17.05 -4.16 -7.94
CA CYS A 123 17.36 -5.12 -8.98
C CYS A 123 18.63 -5.88 -8.73
N ILE A 124 18.63 -7.12 -9.15
CA ILE A 124 19.72 -8.02 -9.03
C ILE A 124 20.03 -8.59 -10.38
N VAL A 125 21.26 -8.92 -10.63
CA VAL A 125 21.69 -9.38 -11.94
C VAL A 125 21.05 -10.72 -12.29
N GLU A 126 20.64 -10.85 -13.53
CA GLU A 126 20.04 -12.05 -14.02
C GLU A 126 21.12 -13.11 -14.16
N GLU A 1 -12.58 -28.62 20.44
CA GLU A 1 -13.14 -28.63 19.10
C GLU A 1 -13.93 -27.35 18.83
N ALA A 2 -13.99 -26.98 17.56
CA ALA A 2 -14.72 -25.80 17.07
C ALA A 2 -14.18 -24.49 17.63
N ALA A 3 -13.37 -23.82 16.85
CA ALA A 3 -12.84 -22.51 17.21
C ALA A 3 -13.89 -21.44 16.89
N GLY A 4 -14.87 -21.84 16.13
CA GLY A 4 -15.95 -20.99 15.76
C GLY A 4 -16.82 -21.67 14.73
N GLU A 5 -17.04 -21.01 13.65
CA GLU A 5 -17.85 -21.53 12.56
C GLU A 5 -17.65 -20.66 11.35
N ARG A 6 -18.05 -19.43 11.48
CA ARG A 6 -17.99 -18.52 10.38
C ARG A 6 -16.67 -17.82 10.34
N GLU A 7 -15.66 -18.59 10.04
CA GLU A 7 -14.33 -18.09 9.93
C GLU A 7 -14.12 -17.74 8.47
N CYS A 8 -13.05 -17.12 8.17
CA CYS A 8 -12.75 -16.74 6.83
C CYS A 8 -12.02 -17.82 6.10
N GLU A 9 -12.24 -17.92 4.84
CA GLU A 9 -11.49 -18.80 4.00
C GLU A 9 -11.00 -17.97 2.84
N LEU A 10 -9.72 -18.10 2.51
CA LEU A 10 -9.09 -17.36 1.41
C LEU A 10 -9.93 -17.55 0.11
N PRO A 11 -10.58 -16.46 -0.36
CA PRO A 11 -11.43 -16.52 -1.54
C PRO A 11 -10.61 -16.56 -2.82
N LYS A 12 -11.27 -16.50 -3.95
CA LYS A 12 -10.54 -16.56 -5.18
C LYS A 12 -10.09 -15.18 -5.60
N ILE A 13 -8.94 -14.83 -5.09
CA ILE A 13 -8.28 -13.56 -5.32
C ILE A 13 -8.05 -13.27 -6.81
N ASP A 14 -7.12 -13.98 -7.39
CA ASP A 14 -6.71 -13.86 -8.75
C ASP A 14 -5.74 -14.99 -8.94
N VAL A 15 -5.09 -15.04 -10.04
CA VAL A 15 -4.09 -16.02 -10.31
C VAL A 15 -2.72 -15.39 -10.12
N HIS A 16 -2.63 -14.09 -10.41
CA HIS A 16 -1.39 -13.37 -10.33
C HIS A 16 -1.24 -12.67 -9.02
N LEU A 17 -2.11 -13.00 -8.11
CA LEU A 17 -2.13 -12.39 -6.82
C LEU A 17 -1.71 -13.44 -5.82
N VAL A 18 -0.92 -13.06 -4.86
CA VAL A 18 -0.43 -13.97 -3.87
C VAL A 18 -0.52 -13.31 -2.50
N PRO A 19 -1.23 -13.91 -1.59
CA PRO A 19 -1.30 -13.46 -0.21
C PRO A 19 -0.02 -13.78 0.55
N ASP A 20 0.30 -12.99 1.54
CA ASP A 20 1.40 -13.28 2.44
C ASP A 20 1.07 -14.45 3.33
N ARG A 21 -0.11 -14.41 3.87
CA ARG A 21 -0.57 -15.47 4.74
C ARG A 21 -1.13 -16.60 3.94
N LYS A 22 -0.83 -17.79 4.34
CA LYS A 22 -1.40 -18.93 3.73
C LYS A 22 -1.78 -19.87 4.84
N LYS A 23 -3.02 -20.00 5.07
CA LYS A 23 -3.54 -20.88 6.05
C LYS A 23 -4.88 -21.40 5.57
N ASP A 24 -5.44 -22.34 6.28
CA ASP A 24 -6.72 -22.93 5.88
C ASP A 24 -7.83 -21.94 6.12
N GLN A 25 -8.07 -21.63 7.38
CA GLN A 25 -9.08 -20.67 7.74
C GLN A 25 -8.45 -19.49 8.42
N TYR A 26 -9.01 -18.37 8.17
CA TYR A 26 -8.53 -17.13 8.67
C TYR A 26 -9.44 -16.69 9.77
N LYS A 27 -8.85 -16.43 10.89
CA LYS A 27 -9.57 -16.06 12.09
C LYS A 27 -9.96 -14.60 12.00
N VAL A 28 -11.02 -14.24 12.68
CA VAL A 28 -11.51 -12.88 12.65
C VAL A 28 -10.44 -11.92 13.19
N GLY A 29 -10.06 -10.98 12.36
CA GLY A 29 -9.03 -10.06 12.70
C GLY A 29 -7.73 -10.34 11.99
N GLU A 30 -7.63 -11.48 11.29
CA GLU A 30 -6.43 -11.79 10.54
C GLU A 30 -6.31 -10.85 9.39
N VAL A 31 -5.19 -10.21 9.30
CA VAL A 31 -4.94 -9.29 8.23
C VAL A 31 -4.12 -10.00 7.20
N LEU A 32 -4.62 -10.07 6.02
CA LEU A 32 -3.95 -10.74 4.95
C LEU A 32 -3.36 -9.71 4.02
N LYS A 33 -2.05 -9.57 4.04
CA LYS A 33 -1.40 -8.70 3.08
C LYS A 33 -1.21 -9.44 1.79
N PHE A 34 -1.89 -9.02 0.79
CA PHE A 34 -1.76 -9.61 -0.51
C PHE A 34 -0.69 -8.87 -1.28
N SER A 35 -0.25 -9.45 -2.34
CA SER A 35 0.64 -8.87 -3.24
C SER A 35 0.39 -9.55 -4.57
N CYS A 36 1.07 -9.19 -5.55
CA CYS A 36 0.94 -9.79 -6.85
C CYS A 36 2.26 -10.39 -7.28
N LYS A 37 2.24 -11.02 -8.42
CA LYS A 37 3.42 -11.63 -9.01
C LYS A 37 4.53 -10.60 -9.24
N PRO A 38 5.78 -11.06 -9.47
CA PRO A 38 6.98 -10.21 -9.62
C PRO A 38 6.80 -9.01 -10.58
N GLY A 39 6.15 -9.25 -11.70
CA GLY A 39 5.94 -8.22 -12.67
C GLY A 39 4.61 -7.54 -12.53
N PHE A 40 3.83 -7.97 -11.57
CA PHE A 40 2.53 -7.43 -11.37
C PHE A 40 2.47 -6.47 -10.23
N THR A 41 1.57 -5.57 -10.33
CA THR A 41 1.31 -4.59 -9.36
C THR A 41 0.00 -4.88 -8.66
N ILE A 42 0.03 -4.89 -7.36
CA ILE A 42 -1.19 -5.02 -6.60
C ILE A 42 -1.86 -3.65 -6.54
N VAL A 43 -3.08 -3.58 -7.00
CA VAL A 43 -3.81 -2.34 -7.01
C VAL A 43 -4.99 -2.39 -6.06
N GLY A 44 -4.97 -1.51 -5.09
CA GLY A 44 -6.02 -1.43 -4.12
C GLY A 44 -5.50 -1.77 -2.74
N PRO A 45 -6.38 -2.21 -1.84
CA PRO A 45 -5.99 -2.62 -0.48
C PRO A 45 -5.11 -3.86 -0.51
N ASN A 46 -3.95 -3.77 0.09
CA ASN A 46 -3.05 -4.91 0.12
C ASN A 46 -3.44 -5.78 1.29
N SER A 47 -3.66 -5.15 2.41
CA SER A 47 -4.02 -5.84 3.60
C SER A 47 -5.54 -5.77 3.85
N VAL A 48 -6.19 -6.90 3.89
CA VAL A 48 -7.60 -6.95 4.23
C VAL A 48 -7.74 -7.70 5.54
N GLN A 49 -8.78 -7.45 6.27
CA GLN A 49 -9.00 -8.14 7.52
C GLN A 49 -10.01 -9.23 7.33
N CYS A 50 -9.95 -10.19 8.17
CA CYS A 50 -10.97 -11.18 8.24
C CYS A 50 -12.03 -10.69 9.19
N TYR A 51 -13.22 -10.64 8.74
CA TYR A 51 -14.33 -10.28 9.56
C TYR A 51 -15.22 -11.49 9.68
N HIS A 52 -16.21 -11.48 10.57
CA HIS A 52 -17.07 -12.69 10.76
C HIS A 52 -18.05 -12.88 9.58
N PHE A 53 -17.93 -12.01 8.60
CA PHE A 53 -18.70 -12.11 7.38
C PHE A 53 -17.78 -12.35 6.18
N GLY A 54 -16.50 -12.48 6.45
CA GLY A 54 -15.55 -12.76 5.40
C GLY A 54 -14.42 -11.77 5.35
N LEU A 55 -13.59 -11.91 4.34
CA LEU A 55 -12.44 -11.04 4.13
C LEU A 55 -12.92 -9.72 3.55
N SER A 56 -12.58 -8.63 4.19
CA SER A 56 -12.96 -7.31 3.74
C SER A 56 -11.82 -6.34 4.09
N PRO A 57 -11.64 -5.23 3.36
CA PRO A 57 -12.53 -4.79 2.25
C PRO A 57 -12.41 -5.63 0.96
N ASP A 58 -12.95 -5.10 -0.13
CA ASP A 58 -12.88 -5.73 -1.46
C ASP A 58 -11.46 -6.00 -1.82
N LEU A 59 -11.25 -7.15 -2.37
CA LEU A 59 -9.92 -7.64 -2.67
C LEU A 59 -9.32 -6.90 -3.85
N PRO A 60 -8.00 -6.73 -3.85
CA PRO A 60 -7.27 -6.01 -4.89
C PRO A 60 -7.17 -6.79 -6.22
N ILE A 61 -6.54 -6.17 -7.20
CA ILE A 61 -6.29 -6.79 -8.49
C ILE A 61 -4.83 -6.68 -8.82
N CYS A 62 -4.41 -7.34 -9.87
CA CYS A 62 -3.04 -7.32 -10.28
C CYS A 62 -2.92 -6.68 -11.66
N LYS A 63 -2.27 -5.56 -11.70
CA LYS A 63 -2.02 -4.86 -12.93
C LYS A 63 -0.57 -4.96 -13.28
N GLU A 64 -0.28 -5.52 -14.43
CA GLU A 64 1.10 -5.67 -14.84
C GLU A 64 1.51 -4.36 -15.51
N GLN A 65 0.52 -3.65 -16.00
CA GLN A 65 0.72 -2.39 -16.66
C GLN A 65 0.20 -1.29 -15.78
N VAL A 66 1.09 -0.43 -15.37
CA VAL A 66 0.76 0.68 -14.49
C VAL A 66 1.30 1.99 -15.04
N GLN A 67 1.09 3.07 -14.30
CA GLN A 67 1.55 4.38 -14.69
C GLN A 67 2.85 4.69 -13.99
N SER A 68 3.40 5.84 -14.26
CA SER A 68 4.62 6.22 -13.66
C SER A 68 4.44 7.46 -12.76
N CYS A 69 3.22 8.05 -12.78
CA CYS A 69 2.82 9.20 -11.95
C CYS A 69 3.48 10.53 -12.35
N GLY A 70 4.65 10.46 -12.92
CA GLY A 70 5.37 11.65 -13.28
C GLY A 70 6.11 12.18 -12.09
N PRO A 71 6.27 13.50 -11.97
CA PRO A 71 6.89 14.09 -10.81
C PRO A 71 5.96 14.00 -9.59
N PRO A 72 6.52 13.77 -8.40
CA PRO A 72 5.74 13.64 -7.16
C PRO A 72 5.22 14.98 -6.67
N PRO A 73 4.30 14.97 -5.68
CA PRO A 73 3.75 16.17 -5.09
C PRO A 73 4.78 16.92 -4.23
N GLU A 74 4.37 18.01 -3.65
CA GLU A 74 5.21 18.72 -2.74
C GLU A 74 4.75 18.35 -1.34
N LEU A 75 5.61 18.46 -0.38
CA LEU A 75 5.26 18.13 0.98
C LEU A 75 4.64 19.39 1.62
N LEU A 76 3.73 19.24 2.57
CA LEU A 76 3.09 20.37 3.23
C LEU A 76 4.05 21.36 3.92
N ASN A 77 4.90 20.86 4.80
CA ASN A 77 5.87 21.71 5.51
C ASN A 77 7.24 21.13 5.43
N GLY A 78 7.54 20.65 4.27
CA GLY A 78 8.80 20.12 3.97
C GLY A 78 8.98 20.07 2.48
N ASN A 79 9.83 19.22 1.99
CA ASN A 79 10.06 19.11 0.57
C ASN A 79 10.52 17.72 0.27
N VAL A 80 10.84 17.47 -0.95
CA VAL A 80 11.37 16.23 -1.36
C VAL A 80 12.91 16.37 -1.38
N LYS A 81 13.62 15.38 -0.88
CA LYS A 81 15.08 15.46 -0.86
C LYS A 81 15.65 14.89 -2.12
N GLU A 82 14.90 14.01 -2.75
CA GLU A 82 15.33 13.37 -3.96
C GLU A 82 15.14 14.30 -5.15
N LYS A 83 15.78 14.00 -6.24
CA LYS A 83 15.61 14.80 -7.43
C LYS A 83 14.39 14.34 -8.16
N THR A 84 13.41 15.21 -8.22
CA THR A 84 12.18 14.93 -8.83
C THR A 84 12.29 14.78 -10.34
N LYS A 85 12.38 13.55 -10.78
CA LYS A 85 12.39 13.25 -12.18
C LYS A 85 10.98 13.37 -12.72
N GLU A 86 10.84 13.52 -14.00
CA GLU A 86 9.55 13.82 -14.60
C GLU A 86 8.77 12.55 -14.88
N GLU A 87 9.42 11.45 -14.69
CA GLU A 87 8.81 10.16 -14.83
C GLU A 87 9.35 9.27 -13.75
N TYR A 88 8.55 9.01 -12.75
CA TYR A 88 8.98 8.15 -11.68
C TYR A 88 8.76 6.68 -11.96
N GLY A 89 7.56 6.24 -11.85
CA GLY A 89 7.26 4.86 -12.09
C GLY A 89 6.58 4.25 -10.94
N HIS A 90 5.98 3.11 -11.15
CA HIS A 90 5.35 2.41 -10.07
C HIS A 90 6.41 1.93 -9.10
N SER A 91 6.07 1.97 -7.83
CA SER A 91 6.92 1.53 -6.72
C SER A 91 8.21 2.32 -6.56
N GLU A 92 8.32 3.42 -7.30
CA GLU A 92 9.42 4.32 -7.21
C GLU A 92 9.07 5.30 -6.11
N VAL A 93 9.84 5.29 -5.06
CA VAL A 93 9.56 6.13 -3.90
C VAL A 93 10.28 7.45 -4.00
N VAL A 94 9.69 8.42 -3.38
CA VAL A 94 10.26 9.71 -3.29
C VAL A 94 10.40 10.06 -1.81
N GLU A 95 11.63 10.18 -1.36
CA GLU A 95 11.92 10.54 0.01
C GLU A 95 11.73 12.04 0.24
N TYR A 96 11.05 12.34 1.28
CA TYR A 96 10.72 13.66 1.70
C TYR A 96 11.44 14.03 2.98
N TYR A 97 11.53 15.30 3.23
CA TYR A 97 12.13 15.81 4.44
C TYR A 97 11.36 17.06 4.83
N CYS A 98 11.03 17.18 6.08
CA CYS A 98 10.38 18.39 6.52
C CYS A 98 11.35 19.30 7.20
N ASN A 99 10.88 20.49 7.49
CA ASN A 99 11.67 21.48 8.18
C ASN A 99 12.10 20.98 9.56
N PRO A 100 13.23 21.50 10.09
CA PRO A 100 13.81 21.08 11.39
C PRO A 100 13.02 21.57 12.59
N ARG A 101 11.73 21.60 12.43
CA ARG A 101 10.81 22.08 13.42
C ARG A 101 9.64 21.11 13.47
N PHE A 102 9.74 20.04 12.70
CA PHE A 102 8.67 19.09 12.57
C PHE A 102 9.17 17.67 12.65
N LEU A 103 8.27 16.79 13.01
CA LEU A 103 8.50 15.37 13.06
C LEU A 103 7.58 14.76 12.01
N MET A 104 7.99 13.69 11.38
CA MET A 104 7.15 13.05 10.39
C MET A 104 6.13 12.13 11.06
N LYS A 105 4.93 12.08 10.54
CA LYS A 105 3.88 11.22 11.08
C LYS A 105 3.89 9.88 10.36
N GLY A 106 4.06 9.94 9.07
CA GLY A 106 4.03 8.75 8.26
C GLY A 106 5.34 8.47 7.59
N PRO A 107 5.34 7.61 6.55
CA PRO A 107 6.53 7.25 5.77
C PRO A 107 7.09 8.49 5.07
N ASN A 108 8.40 8.73 5.23
CA ASN A 108 9.04 9.93 4.64
C ASN A 108 9.09 9.85 3.16
N LYS A 109 8.86 8.73 2.66
CA LYS A 109 8.97 8.44 1.30
C LYS A 109 7.68 7.75 0.85
N ILE A 110 7.26 8.01 -0.38
CA ILE A 110 5.96 7.56 -0.88
C ILE A 110 6.20 7.00 -2.25
N GLN A 111 5.47 6.00 -2.63
CA GLN A 111 5.66 5.41 -3.91
C GLN A 111 4.41 5.46 -4.72
N CYS A 112 4.59 5.56 -6.00
CA CYS A 112 3.49 5.58 -6.95
C CYS A 112 2.92 4.23 -7.06
N VAL A 113 1.72 4.18 -6.61
CA VAL A 113 0.94 3.05 -6.54
C VAL A 113 -0.13 3.12 -7.65
N ASP A 114 0.00 2.24 -8.63
CA ASP A 114 -0.81 2.24 -9.87
C ASP A 114 -0.62 3.51 -10.68
N GLY A 115 -1.23 4.58 -10.24
CA GLY A 115 -1.09 5.87 -10.86
C GLY A 115 -1.42 6.96 -9.87
N GLU A 116 -1.21 6.64 -8.60
CA GLU A 116 -1.49 7.53 -7.50
C GLU A 116 -0.39 7.34 -6.47
N TRP A 117 0.03 8.36 -5.80
CA TRP A 117 1.04 8.21 -4.76
C TRP A 117 0.37 7.89 -3.44
N THR A 118 1.14 7.36 -2.52
CA THR A 118 0.66 7.14 -1.19
C THR A 118 0.61 8.46 -0.41
N THR A 119 0.05 8.44 0.77
CA THR A 119 -0.05 9.62 1.59
C THR A 119 1.31 10.08 2.05
N LEU A 120 1.51 11.38 1.94
CA LEU A 120 2.71 12.02 2.35
C LEU A 120 2.97 11.85 3.80
N PRO A 121 4.25 11.86 4.16
CA PRO A 121 4.74 11.68 5.54
C PRO A 121 4.13 12.61 6.57
N VAL A 122 3.53 13.71 6.09
CA VAL A 122 2.78 14.68 6.90
C VAL A 122 3.42 15.03 8.27
N CYS A 123 4.22 16.04 8.26
CA CYS A 123 4.93 16.42 9.45
C CYS A 123 4.15 17.34 10.35
N ILE A 124 4.43 17.23 11.60
CA ILE A 124 3.82 17.99 12.64
C ILE A 124 4.89 18.61 13.49
N VAL A 125 4.60 19.74 14.06
CA VAL A 125 5.58 20.51 14.83
C VAL A 125 6.08 19.71 16.03
N GLU A 126 7.38 19.75 16.24
CA GLU A 126 8.01 19.06 17.35
C GLU A 126 7.52 19.63 18.65
N GLU A 1 -12.53 0.48 -34.78
CA GLU A 1 -11.13 0.73 -35.08
C GLU A 1 -10.29 -0.16 -34.20
N ALA A 2 -9.00 0.17 -34.09
CA ALA A 2 -8.04 -0.57 -33.27
C ALA A 2 -8.53 -0.82 -31.83
N ALA A 3 -9.30 0.10 -31.30
CA ALA A 3 -9.90 -0.14 -30.00
C ALA A 3 -11.24 -0.83 -30.18
N GLY A 4 -11.18 -2.11 -30.50
CA GLY A 4 -12.39 -2.86 -30.76
C GLY A 4 -12.94 -3.54 -29.53
N GLU A 5 -12.10 -3.72 -28.55
CA GLU A 5 -12.48 -4.31 -27.30
C GLU A 5 -12.45 -3.19 -26.27
N ARG A 6 -13.26 -3.28 -25.23
CA ARG A 6 -13.24 -2.21 -24.23
C ARG A 6 -11.94 -2.23 -23.44
N GLU A 7 -11.47 -1.06 -23.13
CA GLU A 7 -10.29 -0.88 -22.35
C GLU A 7 -10.60 0.18 -21.31
N CYS A 8 -9.65 0.50 -20.49
CA CYS A 8 -9.89 1.43 -19.42
C CYS A 8 -9.72 2.86 -19.87
N GLU A 9 -10.46 3.73 -19.31
CA GLU A 9 -10.37 5.14 -19.61
C GLU A 9 -10.14 5.91 -18.30
N LEU A 10 -10.26 5.18 -17.20
CA LEU A 10 -10.15 5.68 -15.83
C LEU A 10 -11.43 6.35 -15.42
N PRO A 11 -12.12 5.78 -14.41
CA PRO A 11 -13.33 6.36 -13.86
C PRO A 11 -12.98 7.61 -13.05
N LYS A 12 -13.91 8.09 -12.30
CA LYS A 12 -13.67 9.27 -11.56
C LYS A 12 -13.09 8.90 -10.23
N ILE A 13 -11.79 9.10 -10.13
CA ILE A 13 -11.05 8.89 -8.90
C ILE A 13 -11.43 9.96 -7.86
N ASP A 14 -10.70 9.99 -6.78
CA ASP A 14 -10.86 11.03 -5.78
C ASP A 14 -10.33 12.33 -6.38
N VAL A 15 -10.78 13.43 -5.91
CA VAL A 15 -10.27 14.72 -6.35
C VAL A 15 -8.83 14.91 -5.84
N HIS A 16 -8.54 14.27 -4.72
CA HIS A 16 -7.25 14.34 -4.10
C HIS A 16 -6.39 13.16 -4.48
N LEU A 17 -6.87 12.35 -5.39
CA LEU A 17 -6.17 11.16 -5.84
C LEU A 17 -5.44 11.53 -7.13
N VAL A 18 -4.27 11.01 -7.33
CA VAL A 18 -3.49 11.30 -8.52
C VAL A 18 -2.82 10.01 -8.99
N PRO A 19 -3.20 9.54 -10.17
CA PRO A 19 -2.60 8.35 -10.77
C PRO A 19 -1.20 8.63 -11.37
N ASP A 20 -0.27 7.69 -11.14
CA ASP A 20 1.12 7.72 -11.65
C ASP A 20 1.15 7.83 -13.15
N ARG A 21 0.48 6.89 -13.80
CA ARG A 21 0.43 6.83 -15.26
C ARG A 21 -0.15 8.10 -15.82
N LYS A 22 -1.39 8.37 -15.43
CA LYS A 22 -2.14 9.55 -15.85
C LYS A 22 -2.19 9.66 -17.37
N LYS A 23 -3.09 8.95 -17.95
CA LYS A 23 -3.22 8.91 -19.37
C LYS A 23 -4.69 8.84 -19.75
N ASP A 24 -4.97 9.13 -21.02
CA ASP A 24 -6.35 9.15 -21.54
C ASP A 24 -7.01 7.81 -21.39
N GLN A 25 -6.40 6.80 -21.95
CA GLN A 25 -6.92 5.46 -21.83
C GLN A 25 -5.87 4.57 -21.28
N TYR A 26 -6.28 3.67 -20.47
CA TYR A 26 -5.41 2.74 -19.85
C TYR A 26 -5.53 1.44 -20.54
N LYS A 27 -4.41 0.95 -20.95
CA LYS A 27 -4.34 -0.23 -21.72
C LYS A 27 -4.48 -1.44 -20.82
N VAL A 28 -4.99 -2.53 -21.34
CA VAL A 28 -5.18 -3.73 -20.55
C VAL A 28 -3.83 -4.23 -20.01
N GLY A 29 -3.70 -4.24 -18.71
CA GLY A 29 -2.48 -4.62 -18.05
C GLY A 29 -1.72 -3.43 -17.51
N GLU A 30 -2.21 -2.22 -17.79
CA GLU A 30 -1.59 -0.99 -17.30
C GLU A 30 -1.83 -0.94 -15.81
N VAL A 31 -0.79 -0.72 -15.04
CA VAL A 31 -0.96 -0.62 -13.63
C VAL A 31 -1.06 0.82 -13.23
N LEU A 32 -2.15 1.14 -12.69
CA LEU A 32 -2.39 2.47 -12.28
C LEU A 32 -2.06 2.60 -10.85
N LYS A 33 -0.87 3.07 -10.62
CA LYS A 33 -0.43 3.35 -9.30
C LYS A 33 -1.00 4.68 -8.91
N PHE A 34 -1.90 4.66 -8.01
CA PHE A 34 -2.54 5.84 -7.54
C PHE A 34 -1.81 6.35 -6.35
N SER A 35 -2.04 7.56 -6.02
CA SER A 35 -1.49 8.17 -4.89
C SER A 35 -2.42 9.32 -4.61
N CYS A 36 -2.18 10.01 -3.58
CA CYS A 36 -3.01 11.13 -3.22
C CYS A 36 -2.17 12.38 -3.15
N LYS A 37 -2.84 13.51 -2.99
CA LYS A 37 -2.21 14.80 -2.80
C LYS A 37 -1.21 14.80 -1.66
N PRO A 38 -0.29 15.77 -1.65
CA PRO A 38 0.72 15.86 -0.61
C PRO A 38 0.06 16.24 0.70
N GLY A 39 0.01 15.31 1.60
CA GLY A 39 -0.65 15.52 2.84
C GLY A 39 -1.72 14.49 3.05
N PHE A 40 -2.11 13.85 1.96
CA PHE A 40 -3.14 12.86 2.02
C PHE A 40 -2.61 11.46 2.01
N THR A 41 -3.41 10.60 2.50
CA THR A 41 -3.15 9.22 2.54
C THR A 41 -4.02 8.49 1.55
N ILE A 42 -3.41 7.66 0.77
CA ILE A 42 -4.13 6.79 -0.11
C ILE A 42 -4.52 5.52 0.67
N VAL A 43 -5.79 5.26 0.72
CA VAL A 43 -6.30 4.11 1.44
C VAL A 43 -6.89 3.13 0.44
N GLY A 44 -6.46 1.89 0.51
CA GLY A 44 -6.93 0.88 -0.39
C GLY A 44 -5.81 0.42 -1.30
N PRO A 45 -6.13 -0.31 -2.37
CA PRO A 45 -5.15 -0.77 -3.35
C PRO A 45 -4.50 0.41 -4.07
N ASN A 46 -3.20 0.47 -4.07
CA ASN A 46 -2.53 1.60 -4.67
C ASN A 46 -2.33 1.36 -6.15
N SER A 47 -2.02 0.14 -6.54
CA SER A 47 -1.82 -0.16 -7.93
C SER A 47 -2.89 -1.12 -8.43
N VAL A 48 -3.76 -0.64 -9.27
CA VAL A 48 -4.76 -1.50 -9.85
C VAL A 48 -4.37 -1.79 -11.29
N GLN A 49 -4.80 -2.90 -11.81
CA GLN A 49 -4.52 -3.24 -13.18
C GLN A 49 -5.70 -2.90 -14.01
N CYS A 50 -5.44 -2.53 -15.21
CA CYS A 50 -6.50 -2.37 -16.14
C CYS A 50 -6.81 -3.72 -16.72
N TYR A 51 -8.02 -4.13 -16.62
CA TYR A 51 -8.44 -5.37 -17.19
C TYR A 51 -9.35 -5.07 -18.36
N HIS A 52 -9.71 -6.08 -19.13
CA HIS A 52 -10.58 -5.87 -20.31
C HIS A 52 -12.05 -5.59 -19.96
N PHE A 53 -12.32 -5.44 -18.68
CA PHE A 53 -13.65 -5.05 -18.23
C PHE A 53 -13.57 -3.71 -17.53
N GLY A 54 -12.35 -3.27 -17.29
CA GLY A 54 -12.13 -2.06 -16.57
C GLY A 54 -11.07 -2.26 -15.52
N LEU A 55 -10.85 -1.27 -14.71
CA LEU A 55 -9.85 -1.30 -13.66
C LEU A 55 -10.28 -2.22 -12.53
N SER A 56 -9.34 -2.98 -12.03
CA SER A 56 -9.56 -3.83 -10.92
C SER A 56 -8.25 -4.04 -10.17
N PRO A 57 -8.29 -4.07 -8.83
CA PRO A 57 -9.55 -3.96 -8.06
C PRO A 57 -10.12 -2.52 -8.05
N ASP A 58 -11.15 -2.32 -7.25
CA ASP A 58 -11.78 -1.01 -7.14
C ASP A 58 -10.80 0.03 -6.57
N LEU A 59 -11.03 1.26 -6.96
CA LEU A 59 -10.15 2.39 -6.72
C LEU A 59 -10.01 2.78 -5.26
N PRO A 60 -8.80 3.22 -4.89
CA PRO A 60 -8.49 3.71 -3.54
C PRO A 60 -9.17 5.05 -3.24
N ILE A 61 -9.03 5.51 -2.03
CA ILE A 61 -9.56 6.80 -1.61
C ILE A 61 -8.45 7.62 -0.96
N CYS A 62 -8.74 8.85 -0.64
CA CYS A 62 -7.78 9.74 -0.03
C CYS A 62 -8.28 10.26 1.31
N LYS A 63 -7.52 10.01 2.34
CA LYS A 63 -7.79 10.50 3.68
C LYS A 63 -6.66 11.37 4.12
N GLU A 64 -6.93 12.57 4.52
CA GLU A 64 -5.88 13.45 4.96
C GLU A 64 -5.54 13.16 6.41
N GLN A 65 -6.55 12.91 7.20
CA GLN A 65 -6.39 12.68 8.61
C GLN A 65 -6.47 11.20 8.90
N VAL A 66 -5.34 10.62 9.06
CA VAL A 66 -5.20 9.21 9.25
C VAL A 66 -4.82 8.85 10.66
N GLN A 67 -4.80 7.57 10.90
CA GLN A 67 -4.51 7.04 12.19
C GLN A 67 -3.07 6.62 12.20
N SER A 68 -2.43 6.80 13.32
CA SER A 68 -1.03 6.55 13.45
C SER A 68 -0.72 5.17 14.03
N CYS A 69 -1.77 4.42 14.39
CA CYS A 69 -1.69 3.02 14.90
C CYS A 69 -1.18 2.93 16.33
N GLY A 70 -0.18 3.69 16.63
CA GLY A 70 0.41 3.64 17.91
C GLY A 70 1.72 2.93 17.82
N PRO A 71 2.07 2.12 18.79
CA PRO A 71 3.26 1.31 18.73
C PRO A 71 3.02 0.04 17.87
N PRO A 72 4.00 -0.33 17.06
CA PRO A 72 3.90 -1.47 16.16
C PRO A 72 3.85 -2.82 16.91
N PRO A 73 3.38 -3.87 16.22
CA PRO A 73 3.33 -5.23 16.79
C PRO A 73 4.74 -5.80 16.99
N GLU A 74 4.80 -6.97 17.55
CA GLU A 74 6.05 -7.65 17.72
C GLU A 74 6.31 -8.53 16.51
N LEU A 75 7.54 -8.93 16.35
CA LEU A 75 7.91 -9.80 15.27
C LEU A 75 7.76 -11.20 15.77
N LEU A 76 7.59 -12.12 14.89
CA LEU A 76 7.42 -13.44 15.33
C LEU A 76 8.71 -14.11 15.76
N ASN A 77 9.73 -13.96 14.96
CA ASN A 77 10.99 -14.59 15.27
C ASN A 77 12.10 -13.60 15.30
N GLY A 78 11.76 -12.41 15.73
CA GLY A 78 12.72 -11.38 15.91
C GLY A 78 12.19 -10.34 16.83
N ASN A 79 12.48 -9.12 16.51
CA ASN A 79 12.00 -7.97 17.23
C ASN A 79 12.07 -6.79 16.31
N VAL A 80 11.88 -5.64 16.85
CA VAL A 80 11.91 -4.42 16.10
C VAL A 80 13.25 -3.72 16.38
N LYS A 81 13.94 -3.27 15.34
CA LYS A 81 15.25 -2.62 15.51
C LYS A 81 15.08 -1.14 15.77
N GLU A 82 13.88 -0.67 15.51
CA GLU A 82 13.51 0.69 15.71
C GLU A 82 13.01 0.93 17.11
N LYS A 83 13.39 2.06 17.66
CA LYS A 83 12.85 2.56 18.91
C LYS A 83 11.32 2.65 18.80
N THR A 84 10.64 1.97 19.65
CA THR A 84 9.21 1.90 19.56
C THR A 84 8.49 2.91 20.42
N LYS A 85 8.08 3.99 19.78
CA LYS A 85 7.27 4.99 20.43
C LYS A 85 5.81 4.56 20.41
N GLU A 86 4.99 5.22 21.18
CA GLU A 86 3.59 4.81 21.34
C GLU A 86 2.67 5.41 20.29
N GLU A 87 3.20 6.18 19.37
CA GLU A 87 2.42 6.69 18.27
C GLU A 87 3.33 6.91 17.07
N TYR A 88 3.19 6.06 16.07
CA TYR A 88 3.99 6.17 14.87
C TYR A 88 3.42 7.16 13.85
N GLY A 89 2.66 6.66 12.92
CA GLY A 89 2.11 7.48 11.89
C GLY A 89 1.89 6.68 10.65
N HIS A 90 1.04 7.17 9.77
CA HIS A 90 0.74 6.51 8.52
C HIS A 90 1.99 6.13 7.69
N SER A 91 2.76 7.10 7.35
CA SER A 91 3.88 6.89 6.46
C SER A 91 5.14 6.57 7.24
N GLU A 92 4.94 6.12 8.45
CA GLU A 92 6.03 5.82 9.31
C GLU A 92 6.15 4.31 9.36
N VAL A 93 7.23 3.83 8.84
CA VAL A 93 7.50 2.42 8.80
C VAL A 93 8.33 2.05 10.00
N VAL A 94 8.30 0.81 10.33
CA VAL A 94 9.04 0.34 11.42
C VAL A 94 9.93 -0.78 10.94
N GLU A 95 11.21 -0.56 10.98
CA GLU A 95 12.18 -1.59 10.65
C GLU A 95 12.25 -2.67 11.75
N TYR A 96 12.14 -3.89 11.34
CA TYR A 96 12.28 -5.07 12.21
C TYR A 96 13.56 -5.81 11.89
N TYR A 97 13.90 -6.77 12.74
CA TYR A 97 15.03 -7.64 12.53
C TYR A 97 14.69 -8.99 13.15
N CYS A 98 14.92 -10.05 12.44
CA CYS A 98 14.69 -11.35 12.99
C CYS A 98 15.99 -11.94 13.51
N ASN A 99 15.91 -13.07 14.18
CA ASN A 99 17.10 -13.73 14.70
C ASN A 99 18.00 -14.20 13.56
N PRO A 100 19.32 -14.31 13.83
CA PRO A 100 20.37 -14.67 12.82
C PRO A 100 20.33 -16.13 12.39
N ARG A 101 19.16 -16.64 12.34
CA ARG A 101 18.89 -18.03 12.08
C ARG A 101 17.56 -18.18 11.37
N PHE A 102 17.05 -17.07 10.87
CA PHE A 102 15.81 -17.07 10.13
C PHE A 102 15.96 -16.23 8.89
N LEU A 103 15.15 -16.50 7.93
CA LEU A 103 15.11 -15.80 6.69
C LEU A 103 13.95 -14.83 6.75
N MET A 104 14.11 -13.68 6.18
CA MET A 104 13.09 -12.68 6.24
C MET A 104 12.44 -12.57 4.87
N LYS A 105 11.22 -13.03 4.77
CA LYS A 105 10.53 -13.12 3.50
C LYS A 105 9.98 -11.77 3.05
N GLY A 106 9.15 -11.19 3.87
CA GLY A 106 8.51 -9.98 3.51
C GLY A 106 9.31 -8.76 3.87
N PRO A 107 8.73 -7.58 3.68
CA PRO A 107 9.35 -6.30 4.01
C PRO A 107 9.71 -6.24 5.48
N ASN A 108 10.97 -5.95 5.80
CA ASN A 108 11.42 -5.86 7.19
C ASN A 108 10.77 -4.71 7.89
N LYS A 109 10.17 -3.86 7.14
CA LYS A 109 9.59 -2.70 7.68
C LYS A 109 8.09 -2.73 7.40
N ILE A 110 7.30 -2.10 8.25
CA ILE A 110 5.86 -2.07 8.06
C ILE A 110 5.37 -0.68 8.39
N GLN A 111 4.42 -0.21 7.65
CA GLN A 111 3.92 1.11 7.87
C GLN A 111 2.44 1.08 8.17
N CYS A 112 2.01 2.05 8.90
CA CYS A 112 0.65 2.11 9.36
C CYS A 112 -0.28 2.68 8.29
N VAL A 113 -0.98 1.86 7.59
CA VAL A 113 -1.85 2.38 6.59
C VAL A 113 -3.23 2.70 7.14
N ASP A 114 -3.26 3.80 7.87
CA ASP A 114 -4.49 4.36 8.41
C ASP A 114 -5.11 3.40 9.42
N GLY A 115 -4.41 3.22 10.51
CA GLY A 115 -4.91 2.36 11.56
C GLY A 115 -4.51 0.91 11.38
N GLU A 116 -4.15 0.52 10.17
CA GLU A 116 -3.80 -0.83 9.90
C GLU A 116 -2.39 -0.97 9.45
N TRP A 117 -1.56 -1.60 10.24
CA TRP A 117 -0.19 -1.86 9.83
C TRP A 117 -0.19 -2.82 8.66
N THR A 118 0.82 -2.70 7.85
CA THR A 118 0.98 -3.56 6.73
C THR A 118 1.52 -4.93 7.17
N THR A 119 1.58 -5.84 6.22
CA THR A 119 2.00 -7.19 6.47
C THR A 119 3.46 -7.23 6.95
N LEU A 120 3.67 -7.91 8.07
CA LEU A 120 4.97 -8.07 8.68
C LEU A 120 5.96 -8.84 7.81
N PRO A 121 7.27 -8.69 8.11
CA PRO A 121 8.35 -9.36 7.34
C PRO A 121 8.31 -10.86 7.36
N VAL A 122 7.59 -11.42 8.32
CA VAL A 122 7.37 -12.86 8.47
C VAL A 122 8.62 -13.77 8.22
N CYS A 123 9.30 -14.09 9.28
CA CYS A 123 10.49 -14.89 9.19
C CYS A 123 10.25 -16.35 9.33
N ILE A 124 11.15 -17.12 8.76
CA ILE A 124 11.09 -18.55 8.74
C ILE A 124 12.47 -19.08 8.95
N VAL A 125 12.57 -20.27 9.49
CA VAL A 125 13.85 -20.88 9.84
C VAL A 125 14.80 -20.99 8.62
N GLU A 126 16.05 -20.66 8.86
CA GLU A 126 17.08 -20.70 7.86
C GLU A 126 17.61 -22.13 7.75
N GLU A 1 15.46 -15.38 27.00
CA GLU A 1 15.28 -16.68 26.37
C GLU A 1 15.47 -16.60 24.85
N ALA A 2 15.17 -15.44 24.28
CA ALA A 2 15.35 -15.25 22.86
C ALA A 2 16.76 -14.80 22.59
N ALA A 3 17.42 -15.46 21.66
CA ALA A 3 18.81 -15.19 21.33
C ALA A 3 18.98 -13.78 20.80
N GLY A 4 19.82 -13.03 21.48
CA GLY A 4 20.07 -11.66 21.12
C GLY A 4 20.88 -11.57 19.88
N GLU A 5 20.37 -10.88 18.91
CA GLU A 5 21.00 -10.77 17.64
C GLU A 5 21.05 -9.29 17.24
N ARG A 6 21.83 -8.99 16.22
CA ARG A 6 22.01 -7.63 15.66
C ARG A 6 20.68 -6.91 15.41
N GLU A 7 20.64 -5.64 15.76
CA GLU A 7 19.48 -4.85 15.51
C GLU A 7 19.75 -3.99 14.29
N CYS A 8 18.69 -3.62 13.64
CA CYS A 8 18.70 -2.89 12.39
C CYS A 8 19.33 -1.53 12.50
N GLU A 9 20.43 -1.32 11.82
CA GLU A 9 21.07 -0.02 11.81
C GLU A 9 20.39 0.89 10.82
N LEU A 10 19.55 0.26 9.97
CA LEU A 10 18.83 0.92 8.88
C LEU A 10 19.79 1.23 7.75
N PRO A 11 19.63 0.59 6.61
CA PRO A 11 20.45 0.84 5.43
C PRO A 11 20.18 2.23 4.87
N LYS A 12 20.94 2.62 3.90
CA LYS A 12 20.70 3.89 3.27
C LYS A 12 19.48 3.85 2.40
N ILE A 13 18.42 4.39 2.93
CA ILE A 13 17.16 4.51 2.25
C ILE A 13 17.25 5.54 1.11
N ASP A 14 16.12 5.84 0.53
CA ASP A 14 16.06 6.87 -0.49
C ASP A 14 16.19 8.21 0.20
N VAL A 15 16.79 9.11 -0.47
CA VAL A 15 17.00 10.46 0.01
C VAL A 15 15.66 11.16 0.33
N HIS A 16 14.63 10.85 -0.42
CA HIS A 16 13.34 11.49 -0.24
C HIS A 16 12.46 10.68 0.68
N LEU A 17 13.01 9.66 1.26
CA LEU A 17 12.26 8.78 2.11
C LEU A 17 12.57 9.10 3.57
N VAL A 18 11.61 8.87 4.42
CA VAL A 18 11.73 9.08 5.84
C VAL A 18 10.96 8.00 6.60
N PRO A 19 11.63 7.25 7.46
CA PRO A 19 10.95 6.33 8.35
C PRO A 19 10.24 7.13 9.46
N ASP A 20 9.05 6.70 9.88
CA ASP A 20 8.26 7.38 10.93
C ASP A 20 9.07 7.47 12.21
N ARG A 21 9.88 6.46 12.44
CA ARG A 21 10.76 6.43 13.56
C ARG A 21 11.94 7.37 13.34
N LYS A 22 12.79 6.94 12.41
CA LYS A 22 14.08 7.51 12.13
C LYS A 22 14.93 7.63 13.37
N LYS A 23 15.50 6.53 13.73
CA LYS A 23 16.35 6.39 14.87
C LYS A 23 17.61 5.71 14.38
N ASP A 24 18.68 5.74 15.16
CA ASP A 24 19.94 5.16 14.71
C ASP A 24 19.86 3.66 14.54
N GLN A 25 19.33 2.94 15.51
CA GLN A 25 19.16 1.50 15.38
C GLN A 25 17.76 1.11 15.77
N TYR A 26 17.23 0.15 15.08
CA TYR A 26 15.90 -0.33 15.27
C TYR A 26 15.96 -1.68 15.91
N LYS A 27 15.35 -1.78 17.05
CA LYS A 27 15.32 -3.02 17.78
C LYS A 27 14.51 -4.04 16.99
N VAL A 28 14.92 -5.28 17.05
CA VAL A 28 14.23 -6.35 16.36
C VAL A 28 12.75 -6.36 16.77
N GLY A 29 11.89 -6.20 15.79
CA GLY A 29 10.48 -6.13 16.02
C GLY A 29 9.95 -4.73 15.78
N GLU A 30 10.85 -3.74 15.68
CA GLU A 30 10.44 -2.39 15.38
C GLU A 30 10.00 -2.31 13.97
N VAL A 31 8.83 -1.87 13.75
CA VAL A 31 8.39 -1.65 12.43
C VAL A 31 8.64 -0.21 12.07
N LEU A 32 9.17 -0.01 10.92
CA LEU A 32 9.48 1.28 10.43
C LEU A 32 8.49 1.58 9.35
N LYS A 33 7.68 2.58 9.52
CA LYS A 33 6.77 2.97 8.50
C LYS A 33 7.42 4.05 7.71
N PHE A 34 7.89 3.70 6.59
CA PHE A 34 8.53 4.65 5.73
C PHE A 34 7.47 5.47 5.03
N SER A 35 7.84 6.64 4.69
CA SER A 35 7.02 7.53 3.99
C SER A 35 8.01 8.33 3.19
N CYS A 36 7.58 8.95 2.20
CA CYS A 36 8.44 9.79 1.42
C CYS A 36 8.11 11.24 1.70
N LYS A 37 8.87 12.14 1.09
CA LYS A 37 8.62 13.57 1.15
C LYS A 37 7.20 13.89 0.68
N PRO A 38 6.68 15.08 1.03
CA PRO A 38 5.29 15.52 0.72
C PRO A 38 4.82 15.20 -0.69
N GLY A 39 5.65 15.50 -1.67
CA GLY A 39 5.28 15.31 -3.05
C GLY A 39 5.69 13.95 -3.57
N PHE A 40 6.22 13.13 -2.72
CA PHE A 40 6.70 11.86 -3.13
C PHE A 40 5.84 10.74 -2.64
N THR A 41 5.64 9.84 -3.53
CA THR A 41 4.91 8.67 -3.27
C THR A 41 5.85 7.55 -2.88
N ILE A 42 5.52 6.87 -1.82
CA ILE A 42 6.28 5.75 -1.41
C ILE A 42 5.81 4.55 -2.23
N VAL A 43 6.71 3.95 -2.93
CA VAL A 43 6.39 2.82 -3.75
C VAL A 43 7.00 1.58 -3.16
N GLY A 44 6.16 0.74 -2.63
CA GLY A 44 6.58 -0.48 -2.04
C GLY A 44 6.02 -0.63 -0.65
N PRO A 45 6.59 -1.51 0.16
CA PRO A 45 6.17 -1.71 1.55
C PRO A 45 6.46 -0.47 2.39
N ASN A 46 5.49 -0.02 3.14
CA ASN A 46 5.70 1.16 3.95
C ASN A 46 6.21 0.72 5.31
N SER A 47 5.56 -0.27 5.88
CA SER A 47 5.92 -0.74 7.19
C SER A 47 6.63 -2.09 7.12
N VAL A 48 7.94 -2.05 7.27
CA VAL A 48 8.71 -3.26 7.31
C VAL A 48 9.19 -3.47 8.74
N GLN A 49 9.18 -4.68 9.21
CA GLN A 49 9.66 -4.95 10.53
C GLN A 49 11.13 -5.12 10.54
N CYS A 50 11.71 -4.75 11.61
CA CYS A 50 13.07 -5.07 11.84
C CYS A 50 13.16 -6.50 12.28
N TYR A 51 13.94 -7.28 11.61
CA TYR A 51 14.13 -8.65 11.97
C TYR A 51 15.54 -8.82 12.44
N HIS A 52 15.85 -9.98 12.99
CA HIS A 52 17.17 -10.26 13.53
C HIS A 52 18.27 -10.33 12.45
N PHE A 53 17.87 -10.26 11.20
CA PHE A 53 18.83 -10.25 10.11
C PHE A 53 18.79 -8.91 9.39
N GLY A 54 17.93 -8.04 9.83
CA GLY A 54 17.80 -6.76 9.23
C GLY A 54 16.37 -6.45 8.91
N LEU A 55 16.16 -5.33 8.26
CA LEU A 55 14.83 -4.89 7.86
C LEU A 55 14.29 -5.78 6.76
N SER A 56 13.08 -6.24 6.93
CA SER A 56 12.43 -7.04 5.93
C SER A 56 10.91 -6.81 5.99
N PRO A 57 10.21 -6.81 4.84
CA PRO A 57 10.80 -7.05 3.50
C PRO A 57 11.73 -5.91 3.01
N ASP A 58 12.11 -5.98 1.75
CA ASP A 58 13.01 -5.00 1.14
C ASP A 58 12.42 -3.61 1.14
N LEU A 59 13.28 -2.65 1.19
CA LEU A 59 12.93 -1.26 1.36
C LEU A 59 12.27 -0.66 0.13
N PRO A 60 11.30 0.23 0.34
CA PRO A 60 10.55 0.91 -0.72
C PRO A 60 11.35 2.03 -1.40
N ILE A 61 10.74 2.68 -2.38
CA ILE A 61 11.35 3.80 -3.07
C ILE A 61 10.41 5.01 -3.04
N CYS A 62 10.86 6.12 -3.57
CA CYS A 62 10.11 7.35 -3.63
C CYS A 62 9.93 7.80 -5.05
N LYS A 63 8.72 7.81 -5.49
CA LYS A 63 8.39 8.28 -6.79
C LYS A 63 7.43 9.39 -6.71
N GLU A 64 7.74 10.46 -7.35
CA GLU A 64 6.90 11.59 -7.35
C GLU A 64 5.83 11.31 -8.38
N GLN A 65 6.25 10.75 -9.47
CA GLN A 65 5.40 10.43 -10.57
C GLN A 65 4.99 8.97 -10.52
N VAL A 66 3.74 8.76 -10.27
CA VAL A 66 3.11 7.45 -10.27
C VAL A 66 2.01 7.44 -11.32
N GLN A 67 1.35 6.33 -11.49
CA GLN A 67 0.30 6.27 -12.49
C GLN A 67 -1.03 6.49 -11.83
N SER A 68 -2.04 6.71 -12.61
CA SER A 68 -3.33 6.99 -12.08
C SER A 68 -4.25 5.78 -12.23
N CYS A 69 -3.82 4.84 -13.08
CA CYS A 69 -4.50 3.56 -13.32
C CYS A 69 -5.78 3.71 -14.13
N GLY A 70 -6.01 4.91 -14.64
CA GLY A 70 -7.18 5.19 -15.43
C GLY A 70 -8.47 4.90 -14.68
N PRO A 71 -9.43 4.27 -15.34
CA PRO A 71 -10.65 3.82 -14.72
C PRO A 71 -10.43 2.51 -13.97
N PRO A 72 -11.23 2.25 -12.96
CA PRO A 72 -11.13 1.03 -12.18
C PRO A 72 -11.78 -0.14 -12.91
N PRO A 73 -11.53 -1.36 -12.46
CA PRO A 73 -12.21 -2.54 -12.99
C PRO A 73 -13.68 -2.59 -12.53
N GLU A 74 -14.32 -3.70 -12.69
CA GLU A 74 -15.65 -3.85 -12.20
C GLU A 74 -15.60 -4.88 -11.10
N LEU A 75 -16.67 -5.04 -10.38
CA LEU A 75 -16.72 -6.04 -9.36
C LEU A 75 -17.12 -7.35 -10.02
N LEU A 76 -16.89 -8.45 -9.33
CA LEU A 76 -17.20 -9.78 -9.86
C LEU A 76 -18.66 -9.87 -10.26
N ASN A 77 -19.50 -9.90 -9.26
CA ASN A 77 -20.92 -10.04 -9.46
C ASN A 77 -21.57 -8.70 -9.23
N GLY A 78 -20.93 -7.90 -8.40
CA GLY A 78 -21.43 -6.60 -8.05
C GLY A 78 -20.97 -5.55 -9.04
N ASN A 79 -20.80 -4.33 -8.59
CA ASN A 79 -20.37 -3.27 -9.47
C ASN A 79 -19.70 -2.20 -8.66
N VAL A 80 -19.43 -1.11 -9.30
CA VAL A 80 -18.83 0.01 -8.70
C VAL A 80 -19.98 0.96 -8.34
N LYS A 81 -20.05 1.41 -7.11
CA LYS A 81 -21.09 2.37 -6.75
C LYS A 81 -20.59 3.76 -7.02
N GLU A 82 -19.29 3.90 -7.06
CA GLU A 82 -18.67 5.15 -7.38
C GLU A 82 -18.75 5.49 -8.85
N LYS A 83 -18.40 6.70 -9.14
CA LYS A 83 -18.39 7.20 -10.49
C LYS A 83 -17.03 6.90 -11.08
N THR A 84 -16.99 6.36 -12.25
CA THR A 84 -15.74 5.98 -12.83
C THR A 84 -15.09 7.12 -13.60
N LYS A 85 -13.94 7.50 -13.13
CA LYS A 85 -13.13 8.50 -13.79
C LYS A 85 -12.31 7.81 -14.88
N GLU A 86 -11.71 8.58 -15.74
CA GLU A 86 -10.83 8.02 -16.75
C GLU A 86 -9.41 8.07 -16.23
N GLU A 87 -9.24 8.76 -15.15
CA GLU A 87 -7.97 8.94 -14.51
C GLU A 87 -8.17 9.15 -13.01
N TYR A 88 -7.93 8.11 -12.24
CA TYR A 88 -8.06 8.19 -10.80
C TYR A 88 -6.84 8.81 -10.14
N GLY A 89 -5.85 8.00 -9.86
CA GLY A 89 -4.70 8.49 -9.19
C GLY A 89 -4.22 7.51 -8.17
N HIS A 90 -2.98 7.66 -7.78
CA HIS A 90 -2.39 6.82 -6.78
C HIS A 90 -3.12 6.99 -5.44
N SER A 91 -3.47 5.85 -4.84
CA SER A 91 -4.15 5.77 -3.55
C SER A 91 -5.61 6.27 -3.59
N GLU A 92 -6.13 6.52 -4.77
CA GLU A 92 -7.51 6.95 -4.88
C GLU A 92 -8.38 5.74 -4.98
N VAL A 93 -9.29 5.62 -4.04
CA VAL A 93 -10.15 4.49 -3.97
C VAL A 93 -11.44 4.67 -4.72
N VAL A 94 -12.04 3.55 -5.01
CA VAL A 94 -13.25 3.48 -5.75
C VAL A 94 -14.19 2.54 -5.02
N GLU A 95 -15.26 3.06 -4.47
CA GLU A 95 -16.23 2.22 -3.77
C GLU A 95 -17.09 1.37 -4.72
N TYR A 96 -17.23 0.15 -4.34
CA TYR A 96 -17.97 -0.87 -5.02
C TYR A 96 -19.15 -1.30 -4.17
N TYR A 97 -20.01 -2.12 -4.73
CA TYR A 97 -21.13 -2.69 -4.04
C TYR A 97 -21.50 -3.97 -4.73
N CYS A 98 -21.90 -4.95 -4.02
CA CYS A 98 -22.29 -6.18 -4.66
C CYS A 98 -23.79 -6.38 -4.50
N ASN A 99 -24.30 -7.41 -5.13
CA ASN A 99 -25.73 -7.72 -5.07
C ASN A 99 -26.14 -8.11 -3.64
N PRO A 100 -27.44 -7.94 -3.27
CA PRO A 100 -27.97 -8.22 -1.90
C PRO A 100 -28.07 -9.72 -1.58
N ARG A 101 -27.06 -10.44 -1.95
CA ARG A 101 -26.96 -11.87 -1.75
C ARG A 101 -25.50 -12.27 -1.62
N PHE A 102 -24.64 -11.29 -1.50
CA PHE A 102 -23.24 -11.51 -1.38
C PHE A 102 -22.71 -10.77 -0.19
N LEU A 103 -21.67 -11.30 0.35
CA LEU A 103 -20.96 -10.73 1.45
C LEU A 103 -19.74 -10.06 0.88
N MET A 104 -19.39 -8.95 1.42
CA MET A 104 -18.28 -8.21 0.90
C MET A 104 -17.15 -8.31 1.90
N LYS A 105 -16.20 -9.16 1.58
CA LYS A 105 -15.14 -9.55 2.48
C LYS A 105 -14.03 -8.52 2.58
N GLY A 106 -13.52 -8.12 1.45
CA GLY A 106 -12.40 -7.21 1.41
C GLY A 106 -12.82 -5.75 1.34
N PRO A 107 -11.90 -4.87 0.96
CA PRO A 107 -12.15 -3.43 0.88
C PRO A 107 -13.03 -3.09 -0.31
N ASN A 108 -14.19 -2.51 -0.06
CA ASN A 108 -15.14 -2.18 -1.14
C ASN A 108 -14.76 -0.90 -1.82
N LYS A 109 -13.50 -0.61 -1.82
CA LYS A 109 -12.93 0.59 -2.36
C LYS A 109 -11.46 0.38 -2.52
N ILE A 110 -11.04 0.27 -3.75
CA ILE A 110 -9.67 -0.07 -4.05
C ILE A 110 -8.96 1.10 -4.60
N GLN A 111 -7.68 1.13 -4.42
CA GLN A 111 -6.88 2.24 -4.80
C GLN A 111 -5.86 1.83 -5.82
N CYS A 112 -5.36 2.78 -6.53
CA CYS A 112 -4.32 2.57 -7.48
C CYS A 112 -2.96 2.65 -6.83
N VAL A 113 -2.33 1.53 -6.77
CA VAL A 113 -1.04 1.40 -6.20
C VAL A 113 0.00 1.29 -7.30
N ASP A 114 0.73 2.38 -7.44
CA ASP A 114 1.77 2.61 -8.46
C ASP A 114 1.17 2.66 -9.84
N GLY A 115 0.72 1.55 -10.32
CA GLY A 115 0.07 1.48 -11.59
C GLY A 115 -0.82 0.26 -11.69
N GLU A 116 -1.19 -0.27 -10.55
CA GLU A 116 -2.10 -1.40 -10.46
C GLU A 116 -3.09 -1.13 -9.38
N TRP A 117 -4.26 -1.65 -9.52
CA TRP A 117 -5.24 -1.51 -8.48
C TRP A 117 -5.01 -2.58 -7.41
N THR A 118 -5.55 -2.36 -6.25
CA THR A 118 -5.44 -3.31 -5.18
C THR A 118 -6.46 -4.45 -5.30
N THR A 119 -6.35 -5.41 -4.41
CA THR A 119 -7.27 -6.52 -4.34
C THR A 119 -8.68 -6.01 -4.14
N LEU A 120 -9.58 -6.44 -5.01
CA LEU A 120 -10.96 -6.07 -4.97
C LEU A 120 -11.66 -6.55 -3.69
N PRO A 121 -12.86 -6.01 -3.39
CA PRO A 121 -13.61 -6.38 -2.18
C PRO A 121 -14.02 -7.84 -2.16
N VAL A 122 -14.07 -8.45 -3.34
CA VAL A 122 -14.44 -9.86 -3.53
C VAL A 122 -15.75 -10.22 -2.81
N CYS A 123 -16.82 -10.18 -3.53
CA CYS A 123 -18.07 -10.51 -2.94
C CYS A 123 -18.42 -11.93 -3.22
N ILE A 124 -18.83 -12.61 -2.20
CA ILE A 124 -19.12 -14.01 -2.26
C ILE A 124 -20.50 -14.27 -1.72
N VAL A 125 -21.16 -15.26 -2.26
CA VAL A 125 -22.53 -15.61 -1.88
C VAL A 125 -22.60 -15.87 -0.38
N GLU A 126 -23.64 -15.32 0.23
CA GLU A 126 -23.91 -15.47 1.63
C GLU A 126 -24.28 -16.93 1.91
N GLU A 1 -7.57 16.35 -26.93
CA GLU A 1 -6.51 17.20 -26.41
C GLU A 1 -5.67 16.41 -25.41
N ALA A 2 -4.38 16.40 -25.64
CA ALA A 2 -3.46 15.69 -24.78
C ALA A 2 -2.21 16.52 -24.62
N ALA A 3 -1.97 16.97 -23.43
CA ALA A 3 -0.79 17.74 -23.13
C ALA A 3 0.28 16.83 -22.56
N GLY A 4 1.50 17.14 -22.82
CA GLY A 4 2.60 16.35 -22.31
C GLY A 4 3.86 17.17 -22.22
N GLU A 5 3.68 18.46 -22.24
CA GLU A 5 4.78 19.39 -22.22
C GLU A 5 4.63 20.42 -21.11
N ARG A 6 3.68 20.20 -20.23
CA ARG A 6 3.48 21.03 -19.07
C ARG A 6 3.39 20.15 -17.84
N GLU A 7 4.55 19.81 -17.32
CA GLU A 7 4.72 18.96 -16.14
C GLU A 7 4.11 17.55 -16.32
N CYS A 8 4.05 16.80 -15.24
CA CYS A 8 3.56 15.42 -15.24
C CYS A 8 2.09 15.36 -15.65
N GLU A 9 1.26 16.12 -14.93
CA GLU A 9 -0.19 16.20 -15.11
C GLU A 9 -0.87 14.90 -14.65
N LEU A 10 -1.89 15.04 -13.83
CA LEU A 10 -2.62 13.90 -13.31
C LEU A 10 -3.33 13.22 -14.48
N PRO A 11 -3.03 11.95 -14.75
CA PRO A 11 -3.67 11.21 -15.84
C PRO A 11 -5.09 10.81 -15.47
N LYS A 12 -5.75 10.19 -16.37
CA LYS A 12 -7.09 9.78 -16.14
C LYS A 12 -7.09 8.53 -15.28
N ILE A 13 -7.40 8.72 -14.02
CA ILE A 13 -7.48 7.65 -13.04
C ILE A 13 -8.76 6.84 -13.25
N ASP A 14 -9.03 5.98 -12.31
CA ASP A 14 -10.24 5.17 -12.35
C ASP A 14 -11.42 6.06 -12.06
N VAL A 15 -12.56 5.66 -12.53
CA VAL A 15 -13.81 6.38 -12.29
C VAL A 15 -14.12 6.45 -10.78
N HIS A 16 -13.67 5.45 -10.04
CA HIS A 16 -13.90 5.40 -8.61
C HIS A 16 -12.65 5.65 -7.83
N LEU A 17 -11.61 6.12 -8.49
CA LEU A 17 -10.34 6.35 -7.84
C LEU A 17 -10.31 7.81 -7.38
N VAL A 18 -9.54 8.07 -6.36
CA VAL A 18 -9.31 9.39 -5.82
C VAL A 18 -7.84 9.49 -5.48
N PRO A 19 -7.15 10.42 -6.05
CA PRO A 19 -5.78 10.68 -5.69
C PRO A 19 -5.68 11.52 -4.41
N ASP A 20 -4.75 11.14 -3.58
CA ASP A 20 -4.44 11.76 -2.30
C ASP A 20 -3.90 13.18 -2.47
N ARG A 21 -3.03 13.38 -3.46
CA ARG A 21 -2.54 14.71 -3.74
C ARG A 21 -3.66 15.57 -4.29
N LYS A 22 -4.13 15.18 -5.47
CA LYS A 22 -5.19 15.83 -6.17
C LYS A 22 -4.79 17.23 -6.58
N LYS A 23 -3.95 17.28 -7.56
CA LYS A 23 -3.48 18.48 -8.15
C LYS A 23 -3.37 18.18 -9.63
N ASP A 24 -3.63 19.18 -10.43
CA ASP A 24 -3.64 19.02 -11.87
C ASP A 24 -2.30 18.60 -12.45
N GLN A 25 -1.25 19.27 -12.05
CA GLN A 25 0.08 18.92 -12.54
C GLN A 25 1.00 18.54 -11.40
N TYR A 26 1.89 17.62 -11.68
CA TYR A 26 2.82 17.10 -10.70
C TYR A 26 4.22 17.41 -11.10
N LYS A 27 5.09 17.36 -10.13
CA LYS A 27 6.51 17.49 -10.31
C LYS A 27 7.07 16.08 -10.44
N VAL A 28 8.16 15.91 -11.11
CA VAL A 28 8.81 14.60 -11.14
C VAL A 28 9.27 14.24 -9.74
N GLY A 29 9.05 13.02 -9.37
CA GLY A 29 9.37 12.59 -8.04
C GLY A 29 8.19 12.73 -7.09
N GLU A 30 7.16 13.47 -7.53
CA GLU A 30 5.95 13.62 -6.75
C GLU A 30 5.26 12.30 -6.65
N VAL A 31 4.78 11.99 -5.50
CA VAL A 31 4.08 10.78 -5.33
C VAL A 31 2.63 11.07 -5.10
N LEU A 32 1.83 10.43 -5.85
CA LEU A 32 0.46 10.56 -5.70
C LEU A 32 -0.16 9.34 -5.27
N LYS A 33 -0.47 9.32 -4.01
CA LYS A 33 -1.12 8.20 -3.41
C LYS A 33 -2.54 8.20 -3.90
N PHE A 34 -3.08 7.07 -4.06
CA PHE A 34 -4.42 6.92 -4.51
C PHE A 34 -5.21 6.09 -3.57
N SER A 35 -6.50 6.06 -3.83
CA SER A 35 -7.39 5.14 -3.24
C SER A 35 -8.72 5.30 -3.94
N CYS A 36 -9.67 4.59 -3.50
CA CYS A 36 -10.94 4.54 -4.14
C CYS A 36 -12.04 5.13 -3.29
N LYS A 37 -13.14 5.45 -3.95
CA LYS A 37 -14.34 5.99 -3.37
C LYS A 37 -14.86 5.17 -2.19
N PRO A 38 -15.71 5.80 -1.36
CA PRO A 38 -16.30 5.17 -0.19
C PRO A 38 -17.04 3.91 -0.58
N GLY A 39 -16.53 2.80 -0.15
CA GLY A 39 -17.13 1.56 -0.49
C GLY A 39 -16.15 0.66 -1.20
N PHE A 40 -15.22 1.27 -1.87
CA PHE A 40 -14.27 0.55 -2.65
C PHE A 40 -12.96 0.38 -1.95
N THR A 41 -12.23 -0.54 -2.45
CA THR A 41 -10.94 -0.85 -2.05
C THR A 41 -9.97 -0.66 -3.20
N ILE A 42 -8.89 0.04 -2.96
CA ILE A 42 -7.90 0.24 -3.98
C ILE A 42 -6.97 -0.97 -4.05
N VAL A 43 -6.77 -1.47 -5.23
CA VAL A 43 -5.87 -2.58 -5.47
C VAL A 43 -4.88 -2.19 -6.55
N GLY A 44 -3.62 -2.43 -6.28
CA GLY A 44 -2.59 -2.09 -7.21
C GLY A 44 -1.65 -1.08 -6.61
N PRO A 45 -0.94 -0.29 -7.42
CA PRO A 45 -0.02 0.72 -6.93
C PRO A 45 -0.77 1.85 -6.21
N ASN A 46 -0.59 1.96 -4.93
CA ASN A 46 -1.34 2.93 -4.14
C ASN A 46 -0.62 4.27 -4.11
N SER A 47 0.61 4.31 -4.53
CA SER A 47 1.40 5.53 -4.58
C SER A 47 2.36 5.51 -5.75
N VAL A 48 2.02 6.23 -6.80
CA VAL A 48 2.85 6.27 -7.99
C VAL A 48 3.73 7.50 -7.97
N GLN A 49 4.77 7.50 -8.77
CA GLN A 49 5.68 8.62 -8.84
C GLN A 49 5.57 9.27 -10.16
N CYS A 50 5.89 10.52 -10.21
CA CYS A 50 6.08 11.11 -11.48
C CYS A 50 7.50 10.84 -11.89
N TYR A 51 7.66 10.36 -13.07
CA TYR A 51 8.96 10.14 -13.63
C TYR A 51 9.14 11.09 -14.78
N HIS A 52 10.35 11.18 -15.32
CA HIS A 52 10.64 12.13 -16.42
C HIS A 52 9.87 11.78 -17.70
N PHE A 53 9.31 10.59 -17.75
CA PHE A 53 8.54 10.15 -18.88
C PHE A 53 7.04 10.11 -18.57
N GLY A 54 6.69 10.49 -17.36
CA GLY A 54 5.30 10.52 -16.98
C GLY A 54 5.04 9.87 -15.66
N LEU A 55 3.79 9.79 -15.29
CA LEU A 55 3.38 9.19 -14.03
C LEU A 55 3.50 7.68 -14.15
N SER A 56 4.23 7.05 -13.27
CA SER A 56 4.40 5.61 -13.32
C SER A 56 4.53 5.01 -11.92
N PRO A 57 4.00 3.78 -11.70
CA PRO A 57 3.25 3.01 -12.73
C PRO A 57 1.87 3.64 -13.05
N ASP A 58 1.02 2.93 -13.76
CA ASP A 58 -0.26 3.50 -14.13
C ASP A 58 -1.23 3.39 -12.97
N LEU A 59 -2.43 3.84 -13.17
CA LEU A 59 -3.36 4.00 -12.08
C LEU A 59 -3.95 2.66 -11.62
N PRO A 60 -4.12 2.52 -10.30
CA PRO A 60 -4.73 1.34 -9.67
C PRO A 60 -6.21 1.21 -9.98
N ILE A 61 -6.79 0.14 -9.53
CA ILE A 61 -8.18 -0.14 -9.77
C ILE A 61 -8.97 -0.10 -8.46
N CYS A 62 -10.26 -0.22 -8.59
CA CYS A 62 -11.17 -0.21 -7.48
C CYS A 62 -11.92 -1.52 -7.36
N LYS A 63 -11.69 -2.22 -6.29
CA LYS A 63 -12.35 -3.45 -5.97
C LYS A 63 -13.31 -3.15 -4.90
N GLU A 64 -14.57 -3.37 -5.12
CA GLU A 64 -15.51 -3.07 -4.07
C GLU A 64 -15.51 -4.23 -3.08
N GLN A 65 -15.23 -5.39 -3.60
CA GLN A 65 -15.13 -6.57 -2.81
C GLN A 65 -13.70 -7.01 -2.79
N VAL A 66 -13.13 -7.01 -1.63
CA VAL A 66 -11.77 -7.41 -1.46
C VAL A 66 -11.74 -8.52 -0.41
N GLN A 67 -10.70 -9.32 -0.40
CA GLN A 67 -10.58 -10.36 0.58
C GLN A 67 -9.88 -9.82 1.80
N SER A 68 -10.04 -10.49 2.90
CA SER A 68 -9.48 -10.03 4.13
C SER A 68 -8.21 -10.79 4.48
N CYS A 69 -7.89 -11.77 3.64
CA CYS A 69 -6.68 -12.59 3.74
C CYS A 69 -6.69 -13.52 4.95
N GLY A 70 -7.86 -13.66 5.57
CA GLY A 70 -8.04 -14.52 6.72
C GLY A 70 -7.05 -14.19 7.82
N PRO A 71 -6.46 -15.21 8.44
CA PRO A 71 -5.41 -15.04 9.41
C PRO A 71 -4.04 -14.84 8.71
N PRO A 72 -3.12 -14.13 9.35
CA PRO A 72 -1.79 -13.87 8.78
C PRO A 72 -0.87 -15.09 8.84
N PRO A 73 0.22 -15.07 8.07
CA PRO A 73 1.24 -16.12 8.13
C PRO A 73 2.09 -16.02 9.41
N GLU A 74 3.01 -16.95 9.56
CA GLU A 74 3.89 -16.95 10.71
C GLU A 74 5.17 -16.21 10.37
N LEU A 75 5.81 -15.68 11.38
CA LEU A 75 7.08 -15.03 11.21
C LEU A 75 8.12 -16.12 11.39
N LEU A 76 9.20 -16.10 10.60
CA LEU A 76 10.22 -17.17 10.64
C LEU A 76 10.67 -17.60 12.04
N ASN A 77 10.86 -16.64 12.92
CA ASN A 77 11.20 -16.95 14.29
C ASN A 77 10.32 -16.25 15.30
N GLY A 78 9.65 -15.22 14.87
CA GLY A 78 8.79 -14.47 15.76
C GLY A 78 7.34 -14.86 15.60
N ASN A 79 6.45 -13.89 15.71
CA ASN A 79 5.04 -14.10 15.52
C ASN A 79 4.36 -12.76 15.34
N VAL A 80 3.06 -12.78 15.23
CA VAL A 80 2.27 -11.57 15.13
C VAL A 80 1.98 -11.07 16.56
N LYS A 81 2.18 -9.79 16.79
CA LYS A 81 1.93 -9.17 18.11
C LYS A 81 0.49 -8.71 18.21
N GLU A 82 -0.15 -8.62 17.07
CA GLU A 82 -1.52 -8.24 16.98
C GLU A 82 -2.40 -9.46 17.26
N LYS A 83 -3.65 -9.23 17.51
CA LYS A 83 -4.59 -10.30 17.73
C LYS A 83 -4.97 -10.91 16.40
N THR A 84 -4.54 -12.13 16.18
CA THR A 84 -4.87 -12.83 14.96
C THR A 84 -6.36 -13.11 14.85
N LYS A 85 -6.96 -12.52 13.86
CA LYS A 85 -8.35 -12.71 13.57
C LYS A 85 -8.48 -13.69 12.42
N GLU A 86 -9.69 -14.16 12.19
CA GLU A 86 -9.93 -15.11 11.13
C GLU A 86 -10.27 -14.36 9.85
N GLU A 87 -10.55 -13.10 10.03
CA GLU A 87 -10.83 -12.20 8.96
C GLU A 87 -10.27 -10.84 9.32
N TYR A 88 -9.18 -10.49 8.69
CA TYR A 88 -8.57 -9.21 8.92
C TYR A 88 -9.16 -8.12 8.03
N GLY A 89 -8.66 -8.01 6.82
CA GLY A 89 -9.17 -7.02 5.90
C GLY A 89 -8.08 -6.45 5.05
N HIS A 90 -8.43 -5.97 3.87
CA HIS A 90 -7.46 -5.29 3.02
C HIS A 90 -6.92 -4.06 3.75
N SER A 91 -5.60 -3.94 3.76
CA SER A 91 -4.87 -2.86 4.44
C SER A 91 -4.79 -3.02 5.97
N GLU A 92 -5.36 -4.08 6.49
CA GLU A 92 -5.24 -4.39 7.89
C GLU A 92 -3.90 -5.03 8.07
N VAL A 93 -3.09 -4.46 8.92
CA VAL A 93 -1.75 -4.95 9.11
C VAL A 93 -1.71 -5.93 10.22
N VAL A 94 -0.79 -6.79 10.11
CA VAL A 94 -0.44 -7.60 11.17
C VAL A 94 0.96 -7.24 11.58
N GLU A 95 1.05 -6.51 12.65
CA GLU A 95 2.31 -6.18 13.18
C GLU A 95 2.93 -7.47 13.75
N TYR A 96 4.16 -7.61 13.52
CA TYR A 96 4.93 -8.74 13.91
C TYR A 96 5.94 -8.35 14.94
N TYR A 97 6.42 -9.34 15.66
CA TYR A 97 7.45 -9.14 16.62
C TYR A 97 8.29 -10.38 16.58
N CYS A 98 9.57 -10.22 16.59
CA CYS A 98 10.41 -11.35 16.57
C CYS A 98 10.92 -11.61 17.97
N ASN A 99 11.74 -12.64 18.12
CA ASN A 99 12.29 -13.02 19.40
C ASN A 99 13.15 -11.89 19.90
N PRO A 100 13.33 -11.80 21.20
CA PRO A 100 14.05 -10.70 21.85
C PRO A 100 15.58 -10.77 21.66
N ARG A 101 15.99 -11.39 20.58
CA ARG A 101 17.40 -11.53 20.22
C ARG A 101 17.56 -11.09 18.78
N PHE A 102 16.45 -10.71 18.17
CA PHE A 102 16.43 -10.46 16.75
C PHE A 102 16.05 -9.03 16.45
N LEU A 103 16.38 -8.63 15.25
CA LEU A 103 16.07 -7.33 14.72
C LEU A 103 15.30 -7.53 13.43
N MET A 104 14.42 -6.61 13.10
CA MET A 104 13.68 -6.67 11.85
C MET A 104 14.40 -5.89 10.78
N LYS A 105 14.26 -6.31 9.54
CA LYS A 105 14.82 -5.56 8.44
C LYS A 105 13.70 -4.90 7.65
N GLY A 106 12.69 -5.67 7.37
CA GLY A 106 11.55 -5.18 6.63
C GLY A 106 10.48 -4.67 7.57
N PRO A 107 9.32 -4.25 7.05
CA PRO A 107 8.21 -3.72 7.86
C PRO A 107 7.69 -4.75 8.85
N ASN A 108 7.66 -4.41 10.15
CA ASN A 108 7.17 -5.33 11.22
C ASN A 108 5.69 -5.44 11.20
N LYS A 109 5.13 -5.35 10.07
CA LYS A 109 3.75 -5.30 9.90
C LYS A 109 3.47 -5.38 8.44
N ILE A 110 2.47 -6.14 8.07
CA ILE A 110 2.17 -6.37 6.69
C ILE A 110 0.69 -6.31 6.54
N GLN A 111 0.24 -5.73 5.51
CA GLN A 111 -1.17 -5.60 5.31
C GLN A 111 -1.64 -6.47 4.18
N CYS A 112 -2.86 -6.89 4.29
CA CYS A 112 -3.51 -7.70 3.28
C CYS A 112 -3.75 -6.93 2.02
N VAL A 113 -3.13 -7.40 0.99
CA VAL A 113 -3.20 -6.82 -0.28
C VAL A 113 -4.09 -7.66 -1.19
N ASP A 114 -5.36 -7.41 -1.02
CA ASP A 114 -6.47 -7.92 -1.84
C ASP A 114 -6.85 -9.32 -1.48
N GLY A 115 -5.94 -10.23 -1.59
CA GLY A 115 -6.20 -11.59 -1.18
C GLY A 115 -4.95 -12.29 -0.68
N GLU A 116 -3.85 -11.56 -0.61
CA GLU A 116 -2.60 -12.08 -0.10
C GLU A 116 -1.93 -11.04 0.74
N TRP A 117 -1.14 -11.46 1.66
CA TRP A 117 -0.40 -10.58 2.51
C TRP A 117 0.90 -10.18 1.82
N THR A 118 1.55 -9.17 2.32
CA THR A 118 2.79 -8.71 1.76
C THR A 118 4.01 -9.46 2.32
N THR A 119 5.18 -9.08 1.86
CA THR A 119 6.44 -9.67 2.28
C THR A 119 6.68 -9.37 3.76
N LEU A 120 7.07 -10.40 4.49
CA LEU A 120 7.27 -10.31 5.91
C LEU A 120 8.49 -9.49 6.33
N PRO A 121 8.47 -9.00 7.61
CA PRO A 121 9.51 -8.13 8.20
C PRO A 121 10.89 -8.73 8.28
N VAL A 122 10.96 -10.04 8.13
CA VAL A 122 12.21 -10.80 8.12
C VAL A 122 13.20 -10.42 9.23
N CYS A 123 13.08 -11.09 10.33
CA CYS A 123 13.92 -10.81 11.46
C CYS A 123 15.13 -11.69 11.45
N ILE A 124 16.20 -11.12 11.91
CA ILE A 124 17.47 -11.77 11.98
C ILE A 124 18.09 -11.49 13.32
N VAL A 125 18.89 -12.41 13.80
CA VAL A 125 19.53 -12.26 15.09
C VAL A 125 20.45 -11.02 15.11
N GLU A 126 20.42 -10.31 16.22
CA GLU A 126 21.16 -9.07 16.45
C GLU A 126 22.66 -9.29 16.28
N GLU A 1 25.24 10.03 10.95
CA GLU A 1 25.30 10.60 12.29
C GLU A 1 26.79 10.83 12.57
N ALA A 2 27.10 11.70 13.52
CA ALA A 2 28.47 11.97 13.91
C ALA A 2 29.05 10.77 14.65
N ALA A 3 28.26 10.18 15.52
CA ALA A 3 28.70 9.01 16.22
C ALA A 3 28.21 7.80 15.47
N GLY A 4 28.97 7.42 14.48
CA GLY A 4 28.61 6.31 13.65
C GLY A 4 27.89 6.78 12.42
N GLU A 5 28.57 6.77 11.31
CA GLU A 5 28.00 7.21 10.08
C GLU A 5 27.83 6.04 9.15
N ARG A 6 26.63 5.74 8.82
CA ARG A 6 26.33 4.66 7.93
C ARG A 6 25.33 5.15 6.91
N GLU A 7 25.50 4.76 5.68
CA GLU A 7 24.53 5.08 4.66
C GLU A 7 23.37 4.12 4.79
N CYS A 8 22.33 4.65 5.34
CA CYS A 8 21.07 4.01 5.80
C CYS A 8 21.20 2.58 6.37
N GLU A 9 21.54 1.66 5.48
CA GLU A 9 21.60 0.24 5.65
C GLU A 9 20.26 -0.36 5.46
N LEU A 10 20.23 -1.64 5.52
CA LEU A 10 19.03 -2.35 5.43
C LEU A 10 18.92 -3.12 6.74
N PRO A 11 18.03 -2.67 7.64
CA PRO A 11 17.78 -3.36 8.90
C PRO A 11 17.14 -4.73 8.69
N LYS A 12 16.81 -5.43 9.74
CA LYS A 12 16.26 -6.74 9.57
C LYS A 12 14.76 -6.68 9.37
N ILE A 13 14.42 -6.46 8.11
CA ILE A 13 13.04 -6.40 7.65
C ILE A 13 12.23 -7.64 8.07
N ASP A 14 12.63 -8.76 7.55
CA ASP A 14 12.04 -10.06 7.78
C ASP A 14 12.95 -11.00 6.99
N VAL A 15 12.56 -12.20 6.82
CA VAL A 15 13.31 -13.15 6.05
C VAL A 15 12.55 -13.41 4.74
N HIS A 16 11.26 -13.15 4.76
CA HIS A 16 10.40 -13.33 3.61
C HIS A 16 10.06 -12.04 2.97
N LEU A 17 10.82 -11.05 3.29
CA LEU A 17 10.56 -9.75 2.80
C LEU A 17 11.73 -9.37 1.91
N VAL A 18 11.47 -8.66 0.85
CA VAL A 18 12.50 -8.29 -0.08
C VAL A 18 12.24 -6.89 -0.65
N PRO A 19 13.19 -5.98 -0.46
CA PRO A 19 13.13 -4.64 -1.03
C PRO A 19 13.30 -4.65 -2.56
N ASP A 20 12.56 -3.80 -3.22
CA ASP A 20 12.62 -3.61 -4.66
C ASP A 20 13.88 -2.86 -4.97
N ARG A 21 14.08 -1.77 -4.24
CA ARG A 21 15.26 -1.06 -4.29
C ARG A 21 16.13 -1.70 -3.24
N LYS A 22 16.92 -2.63 -3.68
CA LYS A 22 17.72 -3.44 -2.82
C LYS A 22 19.19 -3.16 -3.00
N LYS A 23 19.85 -2.95 -1.91
CA LYS A 23 21.27 -2.78 -1.82
C LYS A 23 21.63 -3.01 -0.34
N ASP A 24 22.83 -2.73 0.07
CA ASP A 24 23.18 -2.96 1.48
C ASP A 24 23.20 -1.65 2.25
N GLN A 25 23.70 -0.63 1.62
CA GLN A 25 23.73 0.71 2.18
C GLN A 25 22.98 1.63 1.25
N TYR A 26 22.11 2.46 1.80
CA TYR A 26 21.21 3.28 0.99
C TYR A 26 21.63 4.70 0.98
N LYS A 27 21.01 5.46 0.15
CA LYS A 27 21.28 6.88 0.07
C LYS A 27 20.19 7.59 0.81
N VAL A 28 20.47 8.74 1.35
CA VAL A 28 19.45 9.53 1.99
C VAL A 28 18.46 9.98 0.90
N GLY A 29 17.21 9.63 1.09
CA GLY A 29 16.18 9.92 0.12
C GLY A 29 15.90 8.74 -0.80
N GLU A 30 16.61 7.63 -0.58
CA GLU A 30 16.40 6.40 -1.35
C GLU A 30 15.09 5.77 -0.87
N VAL A 31 14.21 5.43 -1.78
CA VAL A 31 12.95 4.81 -1.37
C VAL A 31 13.02 3.33 -1.58
N LEU A 32 12.96 2.61 -0.52
CA LEU A 32 13.03 1.20 -0.53
C LEU A 32 11.61 0.67 -0.51
N LYS A 33 11.08 0.41 -1.68
CA LYS A 33 9.78 -0.20 -1.77
C LYS A 33 9.97 -1.65 -1.46
N PHE A 34 9.30 -2.14 -0.49
CA PHE A 34 9.44 -3.52 -0.15
C PHE A 34 8.37 -4.36 -0.82
N SER A 35 8.46 -5.63 -0.58
CA SER A 35 7.57 -6.61 -1.04
C SER A 35 7.91 -7.85 -0.26
N CYS A 36 7.12 -8.83 -0.33
CA CYS A 36 7.38 -10.08 0.33
C CYS A 36 7.57 -11.18 -0.69
N LYS A 37 8.00 -12.34 -0.22
CA LYS A 37 8.20 -13.50 -1.04
C LYS A 37 6.94 -13.94 -1.72
N PRO A 38 7.11 -14.66 -2.82
CA PRO A 38 6.00 -15.20 -3.60
C PRO A 38 5.11 -16.05 -2.71
N GLY A 39 3.93 -15.57 -2.46
CA GLY A 39 3.03 -16.25 -1.58
C GLY A 39 2.60 -15.35 -0.45
N PHE A 40 3.41 -14.37 -0.16
CA PHE A 40 3.15 -13.49 0.94
C PHE A 40 2.62 -12.17 0.51
N THR A 41 2.03 -11.54 1.45
CA THR A 41 1.52 -10.25 1.36
C THR A 41 2.32 -9.33 2.26
N ILE A 42 2.76 -8.24 1.70
CA ILE A 42 3.43 -7.24 2.48
C ILE A 42 2.36 -6.40 3.21
N VAL A 43 2.44 -6.38 4.50
CA VAL A 43 1.48 -5.64 5.30
C VAL A 43 2.17 -4.54 6.06
N GLY A 44 1.71 -3.32 5.85
CA GLY A 44 2.27 -2.17 6.48
C GLY A 44 2.72 -1.18 5.43
N PRO A 45 3.67 -0.31 5.74
CA PRO A 45 4.25 0.62 4.77
C PRO A 45 5.10 -0.16 3.76
N ASN A 46 4.95 0.14 2.50
CA ASN A 46 5.70 -0.59 1.50
C ASN A 46 6.92 0.17 1.09
N SER A 47 6.77 1.45 0.87
CA SER A 47 7.88 2.25 0.39
C SER A 47 8.44 3.16 1.48
N VAL A 48 9.50 2.73 2.11
CA VAL A 48 10.12 3.52 3.14
C VAL A 48 11.26 4.31 2.52
N GLN A 49 11.50 5.47 3.02
CA GLN A 49 12.57 6.30 2.53
C GLN A 49 13.72 6.21 3.47
N CYS A 50 14.87 6.39 2.96
CA CYS A 50 15.96 6.55 3.83
C CYS A 50 16.01 7.98 4.25
N TYR A 51 15.85 8.24 5.50
CA TYR A 51 15.95 9.56 6.00
C TYR A 51 17.29 9.72 6.66
N HIS A 52 17.68 10.93 6.94
CA HIS A 52 18.99 11.19 7.54
C HIS A 52 19.05 10.67 8.99
N PHE A 53 17.90 10.36 9.53
CA PHE A 53 17.81 9.83 10.87
C PHE A 53 17.60 8.31 10.86
N GLY A 54 17.51 7.74 9.68
CA GLY A 54 17.35 6.31 9.55
C GLY A 54 16.32 5.94 8.52
N LEU A 55 16.13 4.65 8.31
CA LEU A 55 15.13 4.15 7.37
C LEU A 55 13.74 4.39 7.99
N SER A 56 12.88 5.12 7.30
CA SER A 56 11.56 5.42 7.84
C SER A 56 10.52 5.51 6.72
N PRO A 57 9.24 5.12 6.97
CA PRO A 57 8.78 4.60 8.29
C PRO A 57 9.40 3.24 8.65
N ASP A 58 8.92 2.63 9.72
CA ASP A 58 9.47 1.34 10.11
C ASP A 58 9.00 0.28 9.13
N LEU A 59 9.39 -0.92 9.34
CA LEU A 59 9.27 -1.91 8.32
C LEU A 59 7.99 -2.70 8.42
N PRO A 60 7.48 -3.10 7.27
CA PRO A 60 6.28 -3.92 7.15
C PRO A 60 6.53 -5.37 7.57
N ILE A 61 5.54 -6.21 7.36
CA ILE A 61 5.62 -7.62 7.68
C ILE A 61 5.13 -8.44 6.48
N CYS A 62 5.28 -9.74 6.58
CA CYS A 62 4.88 -10.66 5.54
C CYS A 62 3.79 -11.59 6.02
N LYS A 63 2.60 -11.38 5.55
CA LYS A 63 1.48 -12.21 5.92
C LYS A 63 1.09 -13.02 4.73
N GLU A 64 1.02 -14.30 4.90
CA GLU A 64 0.76 -15.17 3.81
C GLU A 64 -0.74 -15.30 3.65
N GLN A 65 -1.42 -15.29 4.77
CA GLN A 65 -2.84 -15.42 4.81
C GLN A 65 -3.46 -14.09 5.16
N VAL A 66 -4.16 -13.53 4.21
CA VAL A 66 -4.78 -12.23 4.33
C VAL A 66 -6.29 -12.33 4.12
N GLN A 67 -6.99 -11.29 4.49
CA GLN A 67 -8.41 -11.25 4.37
C GLN A 67 -8.80 -10.71 3.02
N SER A 68 -10.05 -10.79 2.71
CA SER A 68 -10.51 -10.37 1.42
C SER A 68 -11.32 -9.10 1.51
N CYS A 69 -11.80 -8.82 2.74
CA CYS A 69 -12.64 -7.67 3.05
C CYS A 69 -14.05 -7.87 2.53
N GLY A 70 -14.31 -9.06 1.98
CA GLY A 70 -15.57 -9.38 1.41
C GLY A 70 -15.91 -8.49 0.24
N PRO A 71 -17.17 -8.03 0.15
CA PRO A 71 -17.59 -7.08 -0.87
C PRO A 71 -17.10 -5.68 -0.53
N PRO A 72 -16.99 -4.82 -1.52
CA PRO A 72 -16.52 -3.48 -1.32
C PRO A 72 -17.62 -2.59 -0.77
N PRO A 73 -17.24 -1.46 -0.18
CA PRO A 73 -18.19 -0.50 0.35
C PRO A 73 -18.93 0.28 -0.76
N GLU A 74 -19.62 1.28 -0.35
CA GLU A 74 -20.34 2.13 -1.21
C GLU A 74 -19.60 3.41 -1.41
N LEU A 75 -19.88 4.09 -2.46
CA LEU A 75 -19.26 5.36 -2.69
C LEU A 75 -20.19 6.36 -2.12
N LEU A 76 -19.69 7.49 -1.75
CA LEU A 76 -20.52 8.46 -1.18
C LEU A 76 -21.54 9.03 -2.15
N ASN A 77 -21.07 9.39 -3.30
CA ASN A 77 -21.89 10.08 -4.27
C ASN A 77 -21.84 9.35 -5.59
N GLY A 78 -21.60 8.08 -5.53
CA GLY A 78 -21.53 7.27 -6.70
C GLY A 78 -21.73 5.84 -6.31
N ASN A 79 -21.08 4.94 -7.00
CA ASN A 79 -21.19 3.53 -6.72
C ASN A 79 -20.04 2.76 -7.32
N VAL A 80 -20.02 1.48 -7.08
CA VAL A 80 -19.04 0.59 -7.66
C VAL A 80 -19.48 0.26 -9.10
N LYS A 81 -18.57 0.32 -10.04
CA LYS A 81 -18.90 0.00 -11.44
C LYS A 81 -18.66 -1.45 -11.69
N GLU A 82 -17.80 -2.01 -10.90
CA GLU A 82 -17.40 -3.39 -11.02
C GLU A 82 -18.45 -4.27 -10.40
N LYS A 83 -18.41 -5.54 -10.71
CA LYS A 83 -19.31 -6.49 -10.09
C LYS A 83 -18.80 -6.77 -8.69
N THR A 84 -19.67 -6.84 -7.75
CA THR A 84 -19.28 -7.00 -6.40
C THR A 84 -19.12 -8.46 -6.01
N LYS A 85 -17.89 -8.86 -5.80
CA LYS A 85 -17.56 -10.17 -5.29
C LYS A 85 -17.96 -10.17 -3.82
N GLU A 86 -18.18 -11.33 -3.26
CA GLU A 86 -18.47 -11.43 -1.84
C GLU A 86 -17.17 -11.69 -1.09
N GLU A 87 -16.11 -11.76 -1.88
CA GLU A 87 -14.76 -12.00 -1.41
C GLU A 87 -13.80 -11.36 -2.42
N TYR A 88 -13.28 -10.19 -2.12
CA TYR A 88 -12.30 -9.56 -3.00
C TYR A 88 -10.91 -10.13 -2.82
N GLY A 89 -10.21 -9.66 -1.82
CA GLY A 89 -8.89 -10.13 -1.57
C GLY A 89 -7.94 -8.99 -1.33
N HIS A 90 -6.76 -9.31 -0.86
CA HIS A 90 -5.77 -8.30 -0.61
C HIS A 90 -5.30 -7.69 -1.94
N SER A 91 -5.27 -6.37 -1.98
CA SER A 91 -4.85 -5.60 -3.14
C SER A 91 -5.77 -5.79 -4.35
N GLU A 92 -6.98 -6.25 -4.08
CA GLU A 92 -7.97 -6.36 -5.10
C GLU A 92 -8.69 -5.08 -5.13
N VAL A 93 -8.60 -4.39 -6.22
CA VAL A 93 -9.25 -3.15 -6.33
C VAL A 93 -10.64 -3.26 -6.84
N VAL A 94 -11.38 -2.27 -6.50
CA VAL A 94 -12.72 -2.09 -6.89
C VAL A 94 -12.91 -0.73 -7.43
N GLU A 95 -13.27 -0.68 -8.67
CA GLU A 95 -13.51 0.55 -9.34
C GLU A 95 -14.87 1.12 -9.06
N TYR A 96 -14.84 2.34 -8.72
CA TYR A 96 -15.99 3.13 -8.44
C TYR A 96 -16.22 4.14 -9.53
N TYR A 97 -17.42 4.58 -9.62
CA TYR A 97 -17.79 5.65 -10.50
C TYR A 97 -18.66 6.56 -9.69
N CYS A 98 -18.48 7.81 -9.84
CA CYS A 98 -19.33 8.73 -9.15
C CYS A 98 -20.29 9.34 -10.16
N ASN A 99 -21.30 10.04 -9.68
CA ASN A 99 -22.28 10.66 -10.56
C ASN A 99 -21.61 11.66 -11.51
N PRO A 100 -22.20 11.87 -12.70
CA PRO A 100 -21.58 12.66 -13.81
C PRO A 100 -21.49 14.17 -13.58
N ARG A 101 -21.25 14.54 -12.38
CA ARG A 101 -21.18 15.93 -11.99
C ARG A 101 -20.22 16.11 -10.82
N PHE A 102 -19.47 15.07 -10.53
CA PHE A 102 -18.55 15.11 -9.42
C PHE A 102 -17.13 14.92 -9.91
N LEU A 103 -16.23 15.29 -9.07
CA LEU A 103 -14.83 15.14 -9.29
C LEU A 103 -14.33 14.08 -8.37
N MET A 104 -13.52 13.21 -8.87
CA MET A 104 -13.01 12.14 -8.07
C MET A 104 -11.60 12.50 -7.66
N LYS A 105 -11.45 12.79 -6.38
CA LYS A 105 -10.21 13.32 -5.85
C LYS A 105 -9.12 12.24 -5.72
N GLY A 106 -9.46 11.17 -5.07
CA GLY A 106 -8.51 10.11 -4.84
C GLY A 106 -8.73 8.94 -5.78
N PRO A 107 -8.16 7.78 -5.46
CA PRO A 107 -8.25 6.57 -6.31
C PRO A 107 -9.67 5.99 -6.37
N ASN A 108 -10.21 5.85 -7.57
CA ASN A 108 -11.55 5.30 -7.74
C ASN A 108 -11.57 3.81 -7.53
N LYS A 109 -10.43 3.23 -7.38
CA LYS A 109 -10.30 1.84 -7.16
C LYS A 109 -9.57 1.65 -5.89
N ILE A 110 -10.21 1.03 -4.96
CA ILE A 110 -9.59 0.82 -3.68
C ILE A 110 -9.31 -0.61 -3.50
N GLN A 111 -8.41 -0.92 -2.64
CA GLN A 111 -8.00 -2.26 -2.49
C GLN A 111 -8.15 -2.68 -1.05
N CYS A 112 -8.29 -3.94 -0.84
CA CYS A 112 -8.32 -4.47 0.48
C CYS A 112 -6.94 -4.71 0.96
N VAL A 113 -6.59 -3.93 1.89
CA VAL A 113 -5.34 -3.96 2.47
C VAL A 113 -5.37 -4.80 3.73
N ASP A 114 -5.28 -6.10 3.52
CA ASP A 114 -5.10 -7.13 4.58
C ASP A 114 -6.40 -7.48 5.27
N GLY A 115 -7.15 -6.48 5.63
CA GLY A 115 -8.47 -6.67 6.19
C GLY A 115 -9.21 -5.36 6.34
N GLU A 116 -8.74 -4.35 5.60
CA GLU A 116 -9.34 -3.02 5.58
C GLU A 116 -9.23 -2.49 4.17
N TRP A 117 -10.20 -1.76 3.71
CA TRP A 117 -10.12 -1.18 2.39
C TRP A 117 -9.42 0.15 2.49
N THR A 118 -8.79 0.57 1.42
CA THR A 118 -8.17 1.87 1.37
C THR A 118 -9.22 2.98 1.31
N THR A 119 -8.78 4.20 1.51
CA THR A 119 -9.66 5.35 1.49
C THR A 119 -10.26 5.51 0.10
N LEU A 120 -11.57 5.64 0.07
CA LEU A 120 -12.31 5.79 -1.14
C LEU A 120 -11.90 7.03 -1.94
N PRO A 121 -12.28 7.08 -3.25
CA PRO A 121 -11.90 8.17 -4.14
C PRO A 121 -12.40 9.52 -3.67
N VAL A 122 -13.47 9.51 -2.89
CA VAL A 122 -14.12 10.72 -2.38
C VAL A 122 -14.45 11.69 -3.51
N CYS A 123 -15.62 11.56 -4.02
CA CYS A 123 -16.02 12.40 -5.09
C CYS A 123 -16.83 13.52 -4.58
N ILE A 124 -16.52 14.68 -5.04
CA ILE A 124 -17.11 15.89 -4.59
C ILE A 124 -17.66 16.65 -5.75
N VAL A 125 -18.62 17.49 -5.48
CA VAL A 125 -19.30 18.27 -6.48
C VAL A 125 -18.30 19.17 -7.21
N GLU A 126 -18.34 19.12 -8.52
CA GLU A 126 -17.51 19.96 -9.35
C GLU A 126 -18.05 21.39 -9.26
N GLU A 1 -20.72 -33.25 1.92
CA GLU A 1 -21.42 -33.65 0.69
C GLU A 1 -21.33 -32.60 -0.42
N ALA A 2 -20.37 -31.67 -0.29
CA ALA A 2 -20.11 -30.70 -1.36
C ALA A 2 -19.37 -31.41 -2.50
N ALA A 3 -18.82 -32.59 -2.17
CA ALA A 3 -18.16 -33.51 -3.09
C ALA A 3 -16.84 -32.96 -3.62
N GLY A 4 -16.15 -32.21 -2.81
CA GLY A 4 -14.86 -31.72 -3.21
C GLY A 4 -14.53 -30.41 -2.57
N GLU A 5 -13.26 -30.11 -2.45
CA GLU A 5 -12.80 -28.87 -1.90
C GLU A 5 -11.87 -28.21 -2.90
N ARG A 6 -12.37 -27.24 -3.61
CA ARG A 6 -11.57 -26.57 -4.61
C ARG A 6 -11.11 -25.21 -4.09
N GLU A 7 -11.87 -24.70 -3.11
CA GLU A 7 -11.65 -23.37 -2.51
C GLU A 7 -11.67 -22.28 -3.58
N CYS A 8 -11.05 -21.17 -3.30
CA CYS A 8 -10.96 -20.08 -4.23
C CYS A 8 -9.90 -20.38 -5.26
N GLU A 9 -10.15 -20.04 -6.47
CA GLU A 9 -9.15 -20.16 -7.48
C GLU A 9 -8.76 -18.76 -7.86
N LEU A 10 -7.47 -18.51 -8.00
CA LEU A 10 -6.94 -17.22 -8.41
C LEU A 10 -7.70 -16.78 -9.66
N PRO A 11 -8.43 -15.66 -9.60
CA PRO A 11 -9.19 -15.16 -10.74
C PRO A 11 -8.27 -14.71 -11.85
N LYS A 12 -8.82 -14.23 -12.90
CA LYS A 12 -7.98 -13.82 -13.97
C LYS A 12 -7.65 -12.37 -13.80
N ILE A 13 -6.52 -12.16 -13.17
CA ILE A 13 -6.04 -10.84 -12.84
C ILE A 13 -5.47 -10.16 -14.07
N ASP A 14 -4.93 -8.98 -13.84
CA ASP A 14 -4.34 -8.19 -14.90
C ASP A 14 -3.02 -8.84 -15.33
N VAL A 15 -2.56 -8.47 -16.46
CA VAL A 15 -1.33 -8.98 -17.01
C VAL A 15 -0.12 -8.33 -16.32
N HIS A 16 -0.29 -7.11 -15.87
CA HIS A 16 0.77 -6.38 -15.21
C HIS A 16 0.67 -6.55 -13.72
N LEU A 17 -0.26 -7.36 -13.28
CA LEU A 17 -0.46 -7.58 -11.87
C LEU A 17 0.20 -8.89 -11.48
N VAL A 18 0.63 -9.00 -10.25
CA VAL A 18 1.27 -10.18 -9.71
C VAL A 18 0.86 -10.41 -8.25
N PRO A 19 0.19 -11.53 -7.97
CA PRO A 19 -0.17 -11.88 -6.62
C PRO A 19 1.03 -12.38 -5.82
N ASP A 20 1.08 -11.96 -4.59
CA ASP A 20 2.14 -12.24 -3.65
C ASP A 20 2.20 -13.71 -3.27
N ARG A 21 1.05 -14.29 -2.89
CA ARG A 21 1.03 -15.70 -2.53
C ARG A 21 1.36 -16.54 -3.74
N LYS A 22 0.73 -16.19 -4.85
CA LYS A 22 0.98 -16.80 -6.15
C LYS A 22 0.84 -18.31 -6.06
N LYS A 23 -0.32 -18.71 -5.66
CA LYS A 23 -0.64 -20.09 -5.52
C LYS A 23 -1.85 -20.37 -6.41
N ASP A 24 -2.07 -21.61 -6.74
CA ASP A 24 -3.16 -21.99 -7.66
C ASP A 24 -4.52 -21.75 -7.06
N GLN A 25 -4.71 -22.25 -5.87
CA GLN A 25 -5.96 -22.11 -5.18
C GLN A 25 -5.71 -21.44 -3.86
N TYR A 26 -6.69 -20.73 -3.39
CA TYR A 26 -6.60 -20.01 -2.15
C TYR A 26 -7.69 -20.51 -1.25
N LYS A 27 -7.32 -21.05 -0.12
CA LYS A 27 -8.29 -21.58 0.84
C LYS A 27 -9.03 -20.41 1.49
N VAL A 28 -10.26 -20.65 1.94
CA VAL A 28 -11.05 -19.58 2.58
C VAL A 28 -10.29 -18.98 3.76
N GLY A 29 -9.98 -17.71 3.63
CA GLY A 29 -9.21 -16.99 4.63
C GLY A 29 -7.82 -16.65 4.15
N GLU A 30 -7.46 -17.08 2.95
CA GLU A 30 -6.20 -16.69 2.35
C GLU A 30 -6.26 -15.29 1.84
N VAL A 31 -5.22 -14.54 2.09
CA VAL A 31 -5.16 -13.21 1.57
C VAL A 31 -4.26 -13.18 0.37
N LEU A 32 -4.72 -12.55 -0.64
CA LEU A 32 -3.98 -12.41 -1.83
C LEU A 32 -3.48 -11.01 -1.90
N LYS A 33 -2.32 -10.81 -1.35
CA LYS A 33 -1.65 -9.57 -1.54
C LYS A 33 -1.29 -9.48 -2.98
N PHE A 34 -1.63 -8.43 -3.60
CA PHE A 34 -1.24 -8.22 -4.93
C PHE A 34 -0.18 -7.16 -4.99
N SER A 35 0.32 -6.97 -6.16
CA SER A 35 1.28 -6.01 -6.51
C SER A 35 1.26 -5.99 -8.01
N CYS A 36 1.84 -5.05 -8.59
CA CYS A 36 1.94 -5.00 -10.03
C CYS A 36 3.39 -5.14 -10.45
N LYS A 37 3.62 -4.95 -11.73
CA LYS A 37 4.94 -4.89 -12.30
C LYS A 37 5.77 -3.80 -11.63
N PRO A 38 7.09 -3.90 -11.74
CA PRO A 38 8.04 -2.99 -11.09
C PRO A 38 7.76 -1.50 -11.29
N GLY A 39 7.31 -1.13 -12.48
CA GLY A 39 7.04 0.26 -12.75
C GLY A 39 5.57 0.59 -12.66
N PHE A 40 4.77 -0.38 -12.25
CA PHE A 40 3.36 -0.20 -12.17
C PHE A 40 2.92 -0.08 -10.76
N THR A 41 1.99 0.77 -10.56
CA THR A 41 1.43 0.98 -9.29
C THR A 41 0.14 0.22 -9.13
N ILE A 42 0.08 -0.58 -8.10
CA ILE A 42 -1.14 -1.25 -7.78
C ILE A 42 -2.08 -0.28 -7.06
N VAL A 43 -3.24 -0.08 -7.61
CA VAL A 43 -4.23 0.82 -7.05
C VAL A 43 -5.47 0.02 -6.69
N GLY A 44 -6.05 0.34 -5.55
CA GLY A 44 -7.22 -0.36 -5.11
C GLY A 44 -6.89 -1.28 -3.96
N PRO A 45 -7.59 -2.39 -3.82
CA PRO A 45 -7.33 -3.35 -2.75
C PRO A 45 -6.06 -4.14 -3.03
N ASN A 46 -5.05 -3.93 -2.23
CA ASN A 46 -3.78 -4.63 -2.44
C ASN A 46 -3.79 -5.99 -1.77
N SER A 47 -4.88 -6.32 -1.09
CA SER A 47 -5.04 -7.59 -0.44
C SER A 47 -6.51 -7.99 -0.39
N VAL A 48 -6.84 -9.04 -1.11
CA VAL A 48 -8.20 -9.55 -1.10
C VAL A 48 -8.19 -10.88 -0.36
N GLN A 49 -9.27 -11.22 0.29
CA GLN A 49 -9.33 -12.48 0.99
C GLN A 49 -10.13 -13.48 0.20
N CYS A 50 -9.89 -14.70 0.47
CA CYS A 50 -10.74 -15.73 -0.04
C CYS A 50 -11.89 -15.90 0.93
N TYR A 51 -13.06 -15.56 0.49
CA TYR A 51 -14.24 -15.70 1.28
C TYR A 51 -14.99 -16.93 0.81
N HIS A 52 -16.00 -17.33 1.57
CA HIS A 52 -16.80 -18.53 1.24
C HIS A 52 -17.49 -18.43 -0.13
N PHE A 53 -17.63 -17.23 -0.64
CA PHE A 53 -18.26 -17.02 -1.92
C PHE A 53 -17.25 -16.67 -3.01
N GLY A 54 -16.00 -16.61 -2.62
CA GLY A 54 -14.95 -16.34 -3.57
C GLY A 54 -13.99 -15.27 -3.12
N LEU A 55 -13.14 -14.84 -4.03
CA LEU A 55 -12.12 -13.83 -3.74
C LEU A 55 -12.79 -12.47 -3.64
N SER A 56 -12.64 -11.80 -2.54
CA SER A 56 -13.23 -10.49 -2.36
C SER A 56 -12.33 -9.62 -1.46
N PRO A 57 -12.29 -8.30 -1.70
CA PRO A 57 -13.05 -7.61 -2.77
C PRO A 57 -12.54 -7.96 -4.19
N ASP A 58 -13.01 -7.25 -5.18
CA ASP A 58 -12.59 -7.51 -6.54
C ASP A 58 -11.16 -7.05 -6.75
N LEU A 59 -10.62 -7.37 -7.87
CA LEU A 59 -9.21 -7.20 -8.13
C LEU A 59 -8.81 -5.74 -8.36
N PRO A 60 -7.64 -5.38 -7.86
CA PRO A 60 -7.04 -4.05 -8.06
C PRO A 60 -6.56 -3.86 -9.48
N ILE A 61 -6.07 -2.69 -9.77
CA ILE A 61 -5.59 -2.38 -11.09
C ILE A 61 -4.14 -1.96 -11.04
N CYS A 62 -3.55 -1.94 -12.18
CA CYS A 62 -2.19 -1.52 -12.34
C CYS A 62 -2.12 -0.20 -13.08
N LYS A 63 -1.72 0.82 -12.39
CA LYS A 63 -1.55 2.12 -12.97
C LYS A 63 -0.09 2.43 -13.05
N GLU A 64 0.43 2.47 -14.25
CA GLU A 64 1.81 2.84 -14.42
C GLU A 64 1.91 4.36 -14.30
N GLN A 65 0.85 5.01 -14.71
CA GLN A 65 0.75 6.44 -14.66
C GLN A 65 0.18 6.86 -13.32
N VAL A 66 1.03 7.36 -12.48
CA VAL A 66 0.64 7.80 -11.16
C VAL A 66 1.15 9.18 -10.88
N GLN A 67 0.76 9.68 -9.76
CA GLN A 67 1.11 10.99 -9.35
C GLN A 67 2.28 10.94 -8.41
N SER A 68 2.94 12.03 -8.30
CA SER A 68 4.08 12.15 -7.45
C SER A 68 3.71 12.93 -6.20
N CYS A 69 2.51 13.52 -6.21
CA CYS A 69 1.94 14.27 -5.08
C CYS A 69 2.64 15.60 -4.82
N GLY A 70 3.61 15.93 -5.66
CA GLY A 70 4.40 17.12 -5.47
C GLY A 70 5.17 17.06 -4.18
N PRO A 71 5.20 18.15 -3.41
CA PRO A 71 5.80 18.14 -2.10
C PRO A 71 4.88 17.45 -1.09
N PRO A 72 5.46 16.82 -0.06
CA PRO A 72 4.68 16.15 0.97
C PRO A 72 4.12 17.14 1.95
N PRO A 73 3.17 16.72 2.77
CA PRO A 73 2.63 17.56 3.79
C PRO A 73 3.65 17.79 4.89
N GLU A 74 3.40 18.73 5.71
CA GLU A 74 4.24 18.96 6.83
C GLU A 74 3.83 18.01 7.94
N LEU A 75 4.66 17.82 8.92
CA LEU A 75 4.29 16.98 10.02
C LEU A 75 3.47 17.82 10.94
N LEU A 76 2.93 17.23 11.96
CA LEU A 76 2.17 18.00 12.84
C LEU A 76 3.00 18.89 13.72
N ASN A 77 3.71 18.30 14.62
CA ASN A 77 4.53 19.06 15.52
C ASN A 77 5.93 19.12 14.97
N GLY A 78 6.32 18.06 14.31
CA GLY A 78 7.63 17.96 13.73
C GLY A 78 7.70 18.59 12.37
N ASN A 79 8.46 17.98 11.50
CA ASN A 79 8.63 18.44 10.14
C ASN A 79 9.14 17.28 9.32
N VAL A 80 9.49 17.54 8.09
CA VAL A 80 10.07 16.54 7.23
C VAL A 80 11.58 16.74 7.34
N LYS A 81 12.32 15.67 7.52
CA LYS A 81 13.76 15.82 7.71
C LYS A 81 14.47 15.79 6.38
N GLU A 82 13.86 15.14 5.43
CA GLU A 82 14.36 15.04 4.10
C GLU A 82 14.07 16.34 3.38
N LYS A 83 14.88 16.70 2.41
CA LYS A 83 14.61 17.86 1.61
C LYS A 83 13.39 17.65 0.77
N THR A 84 12.40 18.43 1.06
CA THR A 84 11.17 18.40 0.39
C THR A 84 11.30 19.02 -0.99
N LYS A 85 11.30 18.19 -1.98
CA LYS A 85 11.36 18.65 -3.35
C LYS A 85 9.96 18.92 -3.87
N GLU A 86 9.84 19.29 -5.12
CA GLU A 86 8.58 19.74 -5.65
C GLU A 86 7.81 18.64 -6.38
N GLU A 87 8.47 17.54 -6.66
CA GLU A 87 7.82 16.40 -7.29
C GLU A 87 8.41 15.12 -6.71
N TYR A 88 7.66 14.42 -5.90
CA TYR A 88 8.14 13.18 -5.32
C TYR A 88 7.94 11.97 -6.19
N GLY A 89 6.94 11.20 -5.89
CA GLY A 89 6.68 10.01 -6.63
C GLY A 89 5.87 9.08 -5.81
N HIS A 90 5.27 8.12 -6.46
CA HIS A 90 4.44 7.13 -5.82
C HIS A 90 5.20 6.34 -4.76
N SER A 91 6.30 5.80 -5.13
CA SER A 91 7.02 4.95 -4.24
C SER A 91 8.07 5.73 -3.44
N GLU A 92 7.98 7.05 -3.50
CA GLU A 92 8.91 7.86 -2.80
C GLU A 92 8.32 8.26 -1.48
N VAL A 93 8.96 7.82 -0.44
CA VAL A 93 8.53 8.05 0.90
C VAL A 93 9.19 9.29 1.42
N VAL A 94 8.59 9.88 2.40
CA VAL A 94 9.12 11.06 2.98
C VAL A 94 9.33 10.91 4.47
N GLU A 95 10.58 10.89 4.86
CA GLU A 95 10.94 10.77 6.25
C GLU A 95 10.70 12.05 7.04
N TYR A 96 9.88 11.94 8.01
CA TYR A 96 9.56 13.00 8.91
C TYR A 96 10.32 12.81 10.20
N TYR A 97 10.21 13.79 11.06
CA TYR A 97 10.72 13.73 12.40
C TYR A 97 9.85 14.63 13.24
N CYS A 98 9.51 14.19 14.40
CA CYS A 98 8.78 15.00 15.33
C CYS A 98 9.82 15.59 16.28
N ASN A 99 9.37 16.42 17.17
CA ASN A 99 10.26 17.10 18.10
C ASN A 99 10.51 16.21 19.31
N PRO A 100 11.64 16.42 20.05
CA PRO A 100 12.06 15.58 21.21
C PRO A 100 11.12 15.63 22.44
N ARG A 101 9.88 15.97 22.20
CA ARG A 101 8.86 16.06 23.22
C ARG A 101 7.75 15.08 22.86
N PHE A 102 7.88 14.51 21.68
CA PHE A 102 6.86 13.65 21.15
C PHE A 102 7.48 12.37 20.63
N LEU A 103 6.67 11.37 20.57
CA LEU A 103 7.04 10.09 20.07
C LEU A 103 6.41 9.93 18.70
N MET A 104 6.85 8.95 17.96
CA MET A 104 6.31 8.72 16.64
C MET A 104 5.63 7.38 16.60
N LYS A 105 4.33 7.39 16.45
CA LYS A 105 3.53 6.16 16.51
C LYS A 105 3.55 5.42 15.20
N GLY A 106 3.21 6.10 14.15
CA GLY A 106 3.11 5.48 12.87
C GLY A 106 4.41 5.57 12.11
N PRO A 107 4.42 5.16 10.85
CA PRO A 107 5.61 5.21 10.01
C PRO A 107 6.09 6.64 9.81
N ASN A 108 7.35 6.92 10.20
CA ASN A 108 7.93 8.26 10.07
C ASN A 108 7.98 8.72 8.62
N LYS A 109 7.81 7.82 7.73
CA LYS A 109 7.81 8.10 6.35
C LYS A 109 6.56 7.54 5.68
N ILE A 110 6.11 8.21 4.63
CA ILE A 110 4.84 7.90 3.97
C ILE A 110 5.06 8.05 2.48
N GLN A 111 4.42 7.25 1.70
CA GLN A 111 4.61 7.34 0.27
C GLN A 111 3.35 7.81 -0.41
N CYS A 112 3.50 8.36 -1.58
CA CYS A 112 2.38 8.88 -2.37
C CYS A 112 1.70 7.78 -3.07
N VAL A 113 0.69 7.37 -2.46
CA VAL A 113 -0.09 6.31 -2.93
C VAL A 113 -1.08 6.82 -3.98
N ASP A 114 -0.84 6.42 -5.24
CA ASP A 114 -1.54 6.92 -6.44
C ASP A 114 -1.38 8.42 -6.59
N GLY A 115 -2.08 9.18 -5.80
CA GLY A 115 -2.00 10.60 -5.81
C GLY A 115 -2.39 11.16 -4.47
N GLU A 116 -2.25 10.32 -3.46
CA GLU A 116 -2.61 10.66 -2.12
C GLU A 116 -1.49 10.20 -1.20
N TRP A 117 -1.03 11.05 -0.34
CA TRP A 117 -0.07 10.62 0.64
C TRP A 117 -0.82 9.83 1.71
N THR A 118 -0.17 8.90 2.32
CA THR A 118 -0.78 8.08 3.31
C THR A 118 -0.78 8.74 4.70
N THR A 119 -1.36 8.04 5.67
CA THR A 119 -1.45 8.48 7.04
C THR A 119 -0.06 8.76 7.62
N LEU A 120 0.13 9.97 8.09
CA LEU A 120 1.38 10.45 8.65
C LEU A 120 1.78 9.70 9.93
N PRO A 121 3.07 9.82 10.33
CA PRO A 121 3.64 9.13 11.51
C PRO A 121 3.01 9.50 12.83
N VAL A 122 2.27 10.57 12.85
CA VAL A 122 1.52 11.07 14.01
C VAL A 122 2.33 11.20 15.34
N CYS A 123 2.70 12.42 15.64
CA CYS A 123 3.44 12.75 16.85
C CYS A 123 2.51 12.76 18.01
N ILE A 124 2.90 12.12 19.06
CA ILE A 124 2.16 12.12 20.28
C ILE A 124 3.08 12.51 21.38
N VAL A 125 2.60 13.35 22.25
CA VAL A 125 3.43 13.88 23.31
C VAL A 125 3.88 12.78 24.26
N GLU A 126 5.17 12.76 24.53
CA GLU A 126 5.81 11.77 25.36
C GLU A 126 5.21 11.78 26.76
N GLU A 1 -16.94 9.89 30.22
CA GLU A 1 -17.53 8.89 29.35
C GLU A 1 -16.52 7.80 29.12
N ALA A 2 -16.91 6.75 28.46
CA ALA A 2 -16.01 5.69 28.15
C ALA A 2 -16.19 5.26 26.71
N ALA A 3 -15.39 5.83 25.86
CA ALA A 3 -15.38 5.47 24.46
C ALA A 3 -14.37 4.37 24.30
N GLY A 4 -13.35 4.45 25.13
CA GLY A 4 -12.33 3.48 25.16
C GLY A 4 -11.89 3.22 26.56
N GLU A 5 -12.03 1.99 27.00
CA GLU A 5 -11.56 1.55 28.30
C GLU A 5 -10.05 1.65 28.23
N ARG A 6 -9.54 1.09 27.17
CA ARG A 6 -8.16 1.18 26.81
C ARG A 6 -8.16 1.89 25.47
N GLU A 7 -7.82 3.14 25.47
CA GLU A 7 -7.94 3.92 24.26
C GLU A 7 -6.66 3.94 23.47
N CYS A 8 -6.78 4.39 22.26
CA CYS A 8 -5.66 4.61 21.38
C CYS A 8 -5.30 6.08 21.27
N GLU A 9 -6.34 6.90 21.14
CA GLU A 9 -6.23 8.31 20.84
C GLU A 9 -5.53 8.37 19.46
N LEU A 10 -4.79 9.38 19.18
CA LEU A 10 -4.18 9.48 17.91
C LEU A 10 -2.84 10.20 18.11
N PRO A 11 -1.71 9.52 17.91
CA PRO A 11 -0.37 10.12 18.03
C PRO A 11 -0.09 11.19 16.93
N LYS A 12 1.13 11.63 16.86
CA LYS A 12 1.51 12.62 15.88
C LYS A 12 1.86 11.95 14.57
N ILE A 13 0.87 11.80 13.72
CA ILE A 13 1.05 11.16 12.41
C ILE A 13 2.08 11.90 11.54
N ASP A 14 1.68 13.01 11.00
CA ASP A 14 2.46 13.84 10.15
C ASP A 14 1.58 15.05 9.90
N VAL A 15 1.99 15.92 9.05
CA VAL A 15 1.23 17.08 8.73
C VAL A 15 0.61 16.90 7.34
N HIS A 16 1.18 15.99 6.58
CA HIS A 16 0.71 15.71 5.24
C HIS A 16 -0.04 14.41 5.20
N LEU A 17 -0.37 13.91 6.37
CA LEU A 17 -1.00 12.62 6.50
C LEU A 17 -2.40 12.85 7.04
N VAL A 18 -3.34 12.10 6.55
CA VAL A 18 -4.73 12.23 6.95
C VAL A 18 -5.36 10.87 7.27
N PRO A 19 -5.77 10.68 8.53
CA PRO A 19 -6.46 9.47 8.95
C PRO A 19 -7.93 9.46 8.50
N ASP A 20 -8.40 8.31 8.02
CA ASP A 20 -9.82 8.15 7.66
C ASP A 20 -10.69 8.45 8.87
N ARG A 21 -10.40 7.76 9.93
CA ARG A 21 -11.10 7.95 11.16
C ARG A 21 -10.54 9.17 11.81
N LYS A 22 -11.34 10.17 12.01
CA LYS A 22 -10.87 11.32 12.71
C LYS A 22 -11.80 11.55 13.86
N LYS A 23 -11.43 11.00 14.98
CA LYS A 23 -12.22 10.99 16.17
C LYS A 23 -11.32 11.26 17.36
N ASP A 24 -11.87 11.38 18.53
CA ASP A 24 -11.06 11.72 19.69
C ASP A 24 -10.48 10.51 20.36
N GLN A 25 -11.30 9.54 20.68
CA GLN A 25 -10.80 8.32 21.25
C GLN A 25 -11.05 7.17 20.33
N TYR A 26 -10.00 6.54 19.93
CA TYR A 26 -10.09 5.41 19.07
C TYR A 26 -10.32 4.16 19.84
N LYS A 27 -11.35 3.48 19.43
CA LYS A 27 -11.81 2.26 20.03
C LYS A 27 -10.97 1.11 19.56
N VAL A 28 -10.72 0.16 20.42
CA VAL A 28 -9.95 -1.02 20.02
C VAL A 28 -10.68 -1.74 18.87
N GLY A 29 -10.01 -1.82 17.75
CA GLY A 29 -10.56 -2.39 16.55
C GLY A 29 -10.94 -1.32 15.56
N GLU A 30 -10.70 -0.07 15.91
CA GLU A 30 -10.92 1.03 15.02
C GLU A 30 -9.78 1.05 14.07
N VAL A 31 -10.04 0.85 12.83
CA VAL A 31 -8.97 0.88 11.90
C VAL A 31 -8.81 2.26 11.32
N LEU A 32 -7.66 2.79 11.50
CA LEU A 32 -7.37 4.09 11.04
C LEU A 32 -6.71 3.97 9.71
N LYS A 33 -7.49 4.05 8.68
CA LYS A 33 -7.01 3.98 7.34
C LYS A 33 -6.41 5.32 6.96
N PHE A 34 -5.13 5.46 7.13
CA PHE A 34 -4.44 6.70 6.85
C PHE A 34 -4.23 6.84 5.37
N SER A 35 -3.93 8.03 4.96
CA SER A 35 -3.63 8.39 3.64
C SER A 35 -2.78 9.64 3.78
N CYS A 36 -2.22 10.09 2.75
CA CYS A 36 -1.49 11.32 2.76
C CYS A 36 -2.15 12.31 1.81
N LYS A 37 -1.65 13.53 1.79
CA LYS A 37 -2.12 14.60 0.92
C LYS A 37 -2.09 14.21 -0.57
N PRO A 38 -2.81 14.98 -1.41
CA PRO A 38 -2.95 14.73 -2.87
C PRO A 38 -1.65 14.38 -3.60
N GLY A 39 -0.57 15.04 -3.26
CA GLY A 39 0.69 14.79 -3.94
C GLY A 39 1.61 13.94 -3.10
N PHE A 40 1.12 13.44 -2.01
CA PHE A 40 1.92 12.65 -1.12
C PHE A 40 1.51 11.23 -1.12
N THR A 41 2.47 10.40 -1.22
CA THR A 41 2.31 9.02 -1.18
C THR A 41 2.47 8.52 0.24
N ILE A 42 1.51 7.81 0.71
CA ILE A 42 1.58 7.19 2.00
C ILE A 42 2.44 5.93 1.88
N VAL A 43 3.54 5.91 2.58
CA VAL A 43 4.42 4.79 2.53
C VAL A 43 4.36 4.03 3.83
N GLY A 44 3.94 2.80 3.74
CA GLY A 44 3.85 1.95 4.90
C GLY A 44 2.45 1.44 5.08
N PRO A 45 2.10 0.98 6.28
CA PRO A 45 0.74 0.51 6.59
C PRO A 45 -0.25 1.67 6.55
N ASN A 46 -1.26 1.54 5.74
CA ASN A 46 -2.25 2.60 5.62
C ASN A 46 -3.29 2.40 6.69
N SER A 47 -3.79 1.20 6.77
CA SER A 47 -4.81 0.85 7.72
C SER A 47 -4.22 0.13 8.93
N VAL A 48 -3.95 0.88 9.96
CA VAL A 48 -3.50 0.31 11.20
C VAL A 48 -4.71 0.22 12.09
N GLN A 49 -4.75 -0.72 12.97
CA GLN A 49 -5.88 -0.84 13.81
C GLN A 49 -5.57 -0.19 15.10
N CYS A 50 -6.56 0.13 15.76
CA CYS A 50 -6.43 0.48 17.13
C CYS A 50 -6.43 -0.79 17.97
N TYR A 51 -5.46 -0.92 18.83
CA TYR A 51 -5.34 -2.05 19.71
C TYR A 51 -5.41 -1.56 21.14
N HIS A 52 -5.50 -2.46 22.11
CA HIS A 52 -5.63 -2.05 23.51
C HIS A 52 -4.36 -1.37 24.05
N PHE A 53 -3.28 -1.47 23.31
CA PHE A 53 -2.01 -0.88 23.68
C PHE A 53 -1.71 0.37 22.87
N GLY A 54 -2.57 0.66 21.92
CA GLY A 54 -2.38 1.80 21.08
C GLY A 54 -2.55 1.43 19.63
N LEU A 55 -2.20 2.34 18.76
CA LEU A 55 -2.34 2.12 17.33
C LEU A 55 -1.25 1.17 16.85
N SER A 56 -1.64 0.17 16.10
CA SER A 56 -0.69 -0.79 15.61
C SER A 56 -1.17 -1.33 14.25
N PRO A 57 -0.25 -1.60 13.31
CA PRO A 57 1.19 -1.45 13.54
C PRO A 57 1.67 0.02 13.52
N ASP A 58 2.99 0.19 13.57
CA ASP A 58 3.65 1.52 13.49
C ASP A 58 3.07 2.35 12.36
N LEU A 59 2.99 3.63 12.57
CA LEU A 59 2.32 4.53 11.66
C LEU A 59 3.17 4.84 10.41
N PRO A 60 2.51 5.05 9.27
CA PRO A 60 3.18 5.32 7.98
C PRO A 60 3.75 6.74 7.89
N ILE A 61 4.36 7.04 6.76
CA ILE A 61 4.92 8.35 6.50
C ILE A 61 4.43 8.85 5.14
N CYS A 62 4.68 10.10 4.86
CA CYS A 62 4.29 10.68 3.60
C CYS A 62 5.50 10.99 2.75
N LYS A 63 5.49 10.49 1.55
CA LYS A 63 6.54 10.75 0.60
C LYS A 63 5.99 11.33 -0.67
N GLU A 64 6.40 12.53 -0.96
CA GLU A 64 6.02 13.18 -2.18
C GLU A 64 6.96 12.66 -3.25
N GLN A 65 8.19 12.46 -2.83
CA GLN A 65 9.23 11.98 -3.70
C GLN A 65 9.33 10.48 -3.58
N VAL A 66 8.75 9.80 -4.51
CA VAL A 66 8.83 8.35 -4.59
C VAL A 66 9.57 7.97 -5.84
N GLN A 67 9.90 6.72 -5.96
CA GLN A 67 10.69 6.27 -7.06
C GLN A 67 9.78 5.70 -8.13
N SER A 68 10.32 5.45 -9.28
CA SER A 68 9.54 4.93 -10.35
C SER A 68 9.99 3.54 -10.77
N CYS A 69 11.12 3.10 -10.19
CA CYS A 69 11.68 1.74 -10.37
C CYS A 69 12.18 1.47 -11.81
N GLY A 70 12.14 2.48 -12.67
CA GLY A 70 12.53 2.32 -14.04
C GLY A 70 11.65 1.32 -14.76
N PRO A 71 12.25 0.38 -15.49
CA PRO A 71 11.53 -0.70 -16.15
C PRO A 71 11.11 -1.77 -15.15
N PRO A 72 10.06 -2.51 -15.46
CA PRO A 72 9.55 -3.55 -14.61
C PRO A 72 10.32 -4.87 -14.75
N PRO A 73 10.19 -5.76 -13.78
CA PRO A 73 10.81 -7.08 -13.82
C PRO A 73 10.13 -7.99 -14.85
N GLU A 74 10.69 -9.14 -15.05
CA GLU A 74 10.10 -10.09 -15.98
C GLU A 74 9.29 -11.11 -15.17
N LEU A 75 8.40 -11.81 -15.84
CA LEU A 75 7.54 -12.78 -15.19
C LEU A 75 8.16 -14.16 -15.35
N LEU A 76 8.31 -14.90 -14.25
CA LEU A 76 8.94 -16.24 -14.24
C LEU A 76 8.46 -17.17 -15.35
N ASN A 77 7.17 -17.18 -15.62
CA ASN A 77 6.62 -18.03 -16.67
C ASN A 77 5.67 -17.25 -17.53
N GLY A 78 5.95 -15.99 -17.66
CA GLY A 78 5.21 -15.14 -18.53
C GLY A 78 6.09 -14.03 -19.01
N ASN A 79 5.52 -12.88 -19.17
CA ASN A 79 6.25 -11.69 -19.54
C ASN A 79 5.37 -10.50 -19.31
N VAL A 80 5.83 -9.36 -19.70
CA VAL A 80 5.10 -8.15 -19.55
C VAL A 80 4.33 -7.89 -20.86
N LYS A 81 3.06 -7.59 -20.75
CA LYS A 81 2.24 -7.34 -21.94
C LYS A 81 2.31 -5.88 -22.29
N GLU A 82 2.76 -5.11 -21.35
CA GLU A 82 2.94 -3.71 -21.56
C GLU A 82 4.30 -3.41 -22.14
N LYS A 83 4.42 -2.20 -22.62
CA LYS A 83 5.62 -1.76 -23.22
C LYS A 83 6.52 -1.25 -22.10
N THR A 84 7.66 -1.85 -21.98
CA THR A 84 8.54 -1.56 -20.91
C THR A 84 9.23 -0.23 -21.07
N LYS A 85 8.70 0.73 -20.35
CA LYS A 85 9.21 2.09 -20.33
C LYS A 85 10.57 2.11 -19.63
N GLU A 86 11.19 3.25 -19.61
CA GLU A 86 12.45 3.39 -18.89
C GLU A 86 12.19 4.01 -17.52
N GLU A 87 10.94 4.31 -17.28
CA GLU A 87 10.48 4.80 -16.02
C GLU A 87 9.00 4.51 -15.92
N TYR A 88 8.60 3.78 -14.93
CA TYR A 88 7.20 3.58 -14.71
C TYR A 88 6.62 4.62 -13.76
N GLY A 89 6.70 4.36 -12.49
CA GLY A 89 6.16 5.28 -11.52
C GLY A 89 5.63 4.51 -10.36
N HIS A 90 5.40 5.19 -9.24
CA HIS A 90 4.88 4.55 -8.05
C HIS A 90 3.56 3.84 -8.31
N SER A 91 2.64 4.52 -8.87
CA SER A 91 1.34 3.98 -9.06
C SER A 91 1.16 3.48 -10.47
N GLU A 92 2.26 3.19 -11.13
CA GLU A 92 2.19 2.68 -12.46
C GLU A 92 2.32 1.21 -12.40
N VAL A 93 1.29 0.56 -12.79
CA VAL A 93 1.30 -0.85 -12.84
C VAL A 93 1.71 -1.32 -14.19
N VAL A 94 2.33 -2.39 -14.19
CA VAL A 94 2.77 -3.03 -15.37
C VAL A 94 2.06 -4.29 -15.49
N GLU A 95 1.28 -4.39 -16.51
CA GLU A 95 0.56 -5.58 -16.78
C GLU A 95 1.46 -6.66 -17.37
N TYR A 96 1.25 -7.83 -16.90
CA TYR A 96 1.95 -9.00 -17.26
C TYR A 96 0.98 -10.00 -17.85
N TYR A 97 1.53 -11.01 -18.45
CA TYR A 97 0.76 -12.13 -18.95
C TYR A 97 1.61 -13.37 -18.77
N CYS A 98 1.03 -14.49 -18.46
CA CYS A 98 1.77 -15.71 -18.35
C CYS A 98 1.56 -16.52 -19.62
N ASN A 99 2.29 -17.60 -19.78
CA ASN A 99 2.08 -18.49 -20.91
C ASN A 99 0.74 -19.19 -20.75
N PRO A 100 0.10 -19.60 -21.86
CA PRO A 100 -1.27 -20.18 -21.86
C PRO A 100 -1.36 -21.58 -21.20
N ARG A 101 -0.31 -21.99 -20.55
CA ARG A 101 -0.25 -23.28 -19.91
C ARG A 101 -0.33 -23.06 -18.40
N PHE A 102 -0.50 -21.81 -18.01
CA PHE A 102 -0.50 -21.44 -16.62
C PHE A 102 -1.69 -20.56 -16.29
N LEU A 103 -1.94 -20.45 -15.03
CA LEU A 103 -2.95 -19.58 -14.48
C LEU A 103 -2.22 -18.39 -13.89
N MET A 104 -2.93 -17.34 -13.59
CA MET A 104 -2.31 -16.16 -13.05
C MET A 104 -3.00 -15.85 -11.74
N LYS A 105 -2.33 -16.16 -10.67
CA LYS A 105 -2.93 -16.12 -9.34
C LYS A 105 -2.94 -14.73 -8.71
N GLY A 106 -1.84 -14.05 -8.80
CA GLY A 106 -1.74 -12.74 -8.19
C GLY A 106 -2.03 -11.63 -9.16
N PRO A 107 -1.84 -10.38 -8.75
CA PRO A 107 -2.07 -9.20 -9.60
C PRO A 107 -1.16 -9.20 -10.83
N ASN A 108 -1.77 -9.17 -12.00
CA ASN A 108 -1.04 -9.22 -13.29
C ASN A 108 -0.55 -7.85 -13.68
N LYS A 109 -0.41 -7.01 -12.72
CA LYS A 109 -0.03 -5.65 -12.89
C LYS A 109 0.39 -5.13 -11.56
N ILE A 110 1.67 -4.95 -11.44
CA ILE A 110 2.27 -4.57 -10.20
C ILE A 110 2.72 -3.14 -10.28
N GLN A 111 2.70 -2.46 -9.17
CA GLN A 111 3.12 -1.08 -9.13
C GLN A 111 4.37 -0.95 -8.29
N CYS A 112 5.12 0.06 -8.58
CA CYS A 112 6.36 0.33 -7.89
C CYS A 112 6.10 1.04 -6.55
N VAL A 113 6.05 0.28 -5.48
CA VAL A 113 5.75 0.85 -4.19
C VAL A 113 7.00 1.41 -3.52
N ASP A 114 6.98 2.71 -3.31
CA ASP A 114 8.13 3.50 -2.82
C ASP A 114 9.30 3.43 -3.79
N GLY A 115 9.99 2.32 -3.79
CA GLY A 115 11.08 2.11 -4.71
C GLY A 115 11.27 0.64 -5.03
N GLU A 116 10.24 -0.16 -4.75
CA GLU A 116 10.29 -1.58 -5.06
C GLU A 116 9.01 -2.01 -5.69
N TRP A 117 9.08 -2.87 -6.65
CA TRP A 117 7.90 -3.41 -7.24
C TRP A 117 7.30 -4.42 -6.27
N THR A 118 6.03 -4.65 -6.39
CA THR A 118 5.34 -5.58 -5.55
C THR A 118 5.53 -7.03 -6.01
N THR A 119 4.91 -7.94 -5.28
CA THR A 119 4.95 -9.34 -5.57
C THR A 119 4.27 -9.63 -6.91
N LEU A 120 5.00 -10.29 -7.77
CA LEU A 120 4.54 -10.64 -9.09
C LEU A 120 3.30 -11.54 -9.12
N PRO A 121 2.59 -11.56 -10.27
CA PRO A 121 1.32 -12.31 -10.46
C PRO A 121 1.44 -13.81 -10.33
N VAL A 122 2.66 -14.30 -10.34
CA VAL A 122 3.02 -15.71 -10.13
C VAL A 122 2.20 -16.74 -10.95
N CYS A 123 2.82 -17.22 -12.00
CA CYS A 123 2.22 -18.20 -12.88
C CYS A 123 2.36 -19.59 -12.27
N ILE A 124 1.33 -20.36 -12.41
CA ILE A 124 1.28 -21.73 -11.96
C ILE A 124 0.53 -22.49 -12.97
N VAL A 125 0.92 -23.72 -13.14
CA VAL A 125 0.42 -24.54 -14.11
C VAL A 125 -1.11 -24.70 -14.01
N GLU A 126 -1.75 -24.66 -15.15
CA GLU A 126 -3.19 -24.74 -15.25
C GLU A 126 -3.67 -26.12 -14.82
N GLU A 1 -24.41 14.92 -25.76
CA GLU A 1 -23.70 14.82 -24.49
C GLU A 1 -24.04 13.53 -23.78
N ALA A 2 -23.15 12.57 -23.93
CA ALA A 2 -23.28 11.30 -23.29
C ALA A 2 -21.89 10.79 -23.06
N ALA A 3 -21.73 9.90 -22.13
CA ALA A 3 -20.44 9.31 -21.86
C ALA A 3 -20.19 8.18 -22.83
N GLY A 4 -19.51 8.50 -23.94
CA GLY A 4 -19.17 7.50 -24.93
C GLY A 4 -18.19 6.54 -24.34
N GLU A 5 -17.11 7.07 -23.89
CA GLU A 5 -16.18 6.33 -23.12
C GLU A 5 -16.53 6.63 -21.69
N ARG A 6 -17.16 5.66 -21.07
CA ARG A 6 -17.74 5.79 -19.74
C ARG A 6 -16.71 6.14 -18.70
N GLU A 7 -16.94 7.24 -18.01
CA GLU A 7 -16.14 7.61 -16.88
C GLU A 7 -16.57 6.73 -15.73
N CYS A 8 -15.63 6.26 -14.99
CA CYS A 8 -15.84 5.32 -13.92
C CYS A 8 -16.61 5.90 -12.77
N GLU A 9 -17.38 5.07 -12.15
CA GLU A 9 -18.09 5.40 -10.95
C GLU A 9 -17.54 4.45 -9.89
N LEU A 10 -17.51 4.86 -8.66
CA LEU A 10 -17.01 4.04 -7.58
C LEU A 10 -18.12 3.02 -7.20
N PRO A 11 -17.89 1.72 -7.47
CA PRO A 11 -18.87 0.68 -7.21
C PRO A 11 -18.95 0.33 -5.74
N LYS A 12 -19.65 -0.74 -5.43
CA LYS A 12 -19.77 -1.16 -4.06
C LYS A 12 -18.48 -1.79 -3.59
N ILE A 13 -17.73 -1.03 -2.85
CA ILE A 13 -16.50 -1.49 -2.27
C ILE A 13 -16.81 -2.22 -0.98
N ASP A 14 -15.81 -2.46 -0.18
CA ASP A 14 -16.06 -3.07 1.10
C ASP A 14 -16.61 -2.00 2.00
N VAL A 15 -17.50 -2.39 2.82
CA VAL A 15 -18.12 -1.51 3.80
C VAL A 15 -17.08 -0.84 4.72
N HIS A 16 -15.94 -1.47 4.92
CA HIS A 16 -14.90 -0.91 5.75
C HIS A 16 -13.80 -0.34 4.94
N LEU A 17 -14.01 -0.23 3.66
CA LEU A 17 -13.02 0.31 2.78
C LEU A 17 -13.33 1.77 2.58
N VAL A 18 -12.33 2.53 2.28
CA VAL A 18 -12.47 3.92 2.01
C VAL A 18 -11.46 4.31 0.91
N PRO A 19 -11.97 4.82 -0.21
CA PRO A 19 -11.13 5.27 -1.30
C PRO A 19 -10.45 6.61 -0.99
N ASP A 20 -9.17 6.72 -1.34
CA ASP A 20 -8.43 7.97 -1.16
C ASP A 20 -8.93 8.96 -2.17
N ARG A 21 -9.14 8.50 -3.38
CA ARG A 21 -9.78 9.31 -4.36
C ARG A 21 -11.25 9.21 -4.14
N LYS A 22 -11.87 10.32 -3.94
CA LYS A 22 -13.25 10.36 -3.66
C LYS A 22 -13.88 11.46 -4.46
N LYS A 23 -14.33 11.11 -5.62
CA LYS A 23 -14.93 12.02 -6.55
C LYS A 23 -16.16 11.39 -7.18
N ASP A 24 -16.90 12.15 -7.94
CA ASP A 24 -18.14 11.65 -8.53
C ASP A 24 -17.86 10.63 -9.60
N GLN A 25 -16.97 10.96 -10.50
CA GLN A 25 -16.59 10.06 -11.56
C GLN A 25 -15.11 10.02 -11.67
N TYR A 26 -14.64 8.94 -12.14
CA TYR A 26 -13.25 8.68 -12.23
C TYR A 26 -12.88 8.57 -13.66
N LYS A 27 -12.01 9.43 -14.05
CA LYS A 27 -11.52 9.50 -15.40
C LYS A 27 -10.66 8.29 -15.66
N VAL A 28 -10.74 7.75 -16.84
CA VAL A 28 -9.94 6.58 -17.18
C VAL A 28 -8.45 6.90 -17.09
N GLY A 29 -7.82 6.27 -16.14
CA GLY A 29 -6.46 6.52 -15.82
C GLY A 29 -6.33 6.95 -14.39
N GLU A 30 -7.45 7.33 -13.77
CA GLU A 30 -7.45 7.65 -12.37
C GLU A 30 -7.28 6.39 -11.61
N VAL A 31 -6.33 6.38 -10.77
CA VAL A 31 -6.11 5.25 -9.98
C VAL A 31 -6.63 5.49 -8.59
N LEU A 32 -7.56 4.70 -8.23
CA LEU A 32 -8.21 4.84 -6.99
C LEU A 32 -7.49 4.03 -5.97
N LYS A 33 -6.68 4.70 -5.23
CA LYS A 33 -5.97 4.11 -4.16
C LYS A 33 -6.92 3.99 -3.00
N PHE A 34 -7.14 2.81 -2.57
CA PHE A 34 -8.03 2.56 -1.48
C PHE A 34 -7.25 2.39 -0.20
N SER A 35 -7.98 2.16 0.84
CA SER A 35 -7.51 1.93 2.15
C SER A 35 -8.73 1.46 2.90
N CYS A 36 -8.56 0.84 4.00
CA CYS A 36 -9.69 0.47 4.80
C CYS A 36 -9.77 1.40 6.00
N LYS A 37 -10.72 1.13 6.87
CA LYS A 37 -10.87 1.84 8.10
C LYS A 37 -9.66 1.66 9.01
N PRO A 38 -9.50 2.55 10.03
CA PRO A 38 -8.33 2.59 10.94
C PRO A 38 -7.88 1.22 11.49
N GLY A 39 -8.82 0.38 11.84
CA GLY A 39 -8.49 -0.89 12.42
C GLY A 39 -8.48 -2.01 11.40
N PHE A 40 -8.69 -1.67 10.16
CA PHE A 40 -8.80 -2.64 9.12
C PHE A 40 -7.62 -2.65 8.20
N THR A 41 -7.40 -3.79 7.67
CA THR A 41 -6.39 -4.06 6.72
C THR A 41 -6.97 -4.18 5.34
N ILE A 42 -6.46 -3.39 4.46
CA ILE A 42 -6.83 -3.48 3.07
C ILE A 42 -6.08 -4.67 2.44
N VAL A 43 -6.80 -5.59 1.88
CA VAL A 43 -6.21 -6.76 1.28
C VAL A 43 -6.47 -6.78 -0.20
N GLY A 44 -5.41 -6.80 -0.96
CA GLY A 44 -5.54 -6.90 -2.38
C GLY A 44 -4.93 -5.71 -3.08
N PRO A 45 -5.45 -5.35 -4.26
CA PRO A 45 -4.98 -4.20 -5.03
C PRO A 45 -5.44 -2.89 -4.39
N ASN A 46 -4.50 -2.11 -3.93
CA ASN A 46 -4.86 -0.86 -3.29
C ASN A 46 -5.12 0.19 -4.33
N SER A 47 -4.52 0.04 -5.47
CA SER A 47 -4.62 1.01 -6.50
C SER A 47 -5.17 0.40 -7.79
N VAL A 48 -6.45 0.58 -8.00
CA VAL A 48 -7.09 0.10 -9.20
C VAL A 48 -7.27 1.27 -10.14
N GLN A 49 -7.12 1.06 -11.41
CA GLN A 49 -7.24 2.15 -12.35
C GLN A 49 -8.60 2.18 -12.93
N CYS A 50 -9.01 3.36 -13.28
CA CYS A 50 -10.18 3.47 -14.11
C CYS A 50 -9.80 3.09 -15.51
N TYR A 51 -10.48 2.16 -16.05
CA TYR A 51 -10.29 1.78 -17.40
C TYR A 51 -11.57 2.10 -18.13
N HIS A 52 -11.55 2.13 -19.44
CA HIS A 52 -12.77 2.48 -20.20
C HIS A 52 -13.86 1.41 -20.17
N PHE A 53 -13.59 0.35 -19.46
CA PHE A 53 -14.56 -0.68 -19.23
C PHE A 53 -15.00 -0.68 -17.77
N GLY A 54 -14.36 0.16 -16.99
CA GLY A 54 -14.69 0.30 -15.60
C GLY A 54 -13.47 0.29 -14.72
N LEU A 55 -13.69 0.38 -13.43
CA LEU A 55 -12.61 0.29 -12.47
C LEU A 55 -12.09 -1.13 -12.41
N SER A 56 -10.83 -1.33 -12.71
CA SER A 56 -10.25 -2.63 -12.70
C SER A 56 -8.85 -2.60 -12.07
N PRO A 57 -8.45 -3.68 -11.36
CA PRO A 57 -9.29 -4.87 -11.12
C PRO A 57 -10.39 -4.60 -10.07
N ASP A 58 -11.06 -5.66 -9.61
CA ASP A 58 -12.12 -5.50 -8.61
C ASP A 58 -11.56 -5.02 -7.29
N LEU A 59 -12.44 -4.64 -6.42
CA LEU A 59 -12.08 -3.94 -5.20
C LEU A 59 -11.42 -4.86 -4.17
N PRO A 60 -10.47 -4.32 -3.40
CA PRO A 60 -9.81 -5.04 -2.32
C PRO A 60 -10.78 -5.23 -1.14
N ILE A 61 -10.39 -6.03 -0.17
CA ILE A 61 -11.23 -6.29 0.99
C ILE A 61 -10.61 -5.70 2.24
N CYS A 62 -11.26 -5.89 3.36
CA CYS A 62 -10.81 -5.35 4.63
C CYS A 62 -10.76 -6.42 5.71
N LYS A 63 -9.57 -6.79 6.10
CA LYS A 63 -9.37 -7.74 7.19
C LYS A 63 -9.09 -7.00 8.45
N GLU A 64 -9.81 -7.27 9.48
CA GLU A 64 -9.57 -6.66 10.75
C GLU A 64 -8.48 -7.46 11.44
N GLN A 65 -8.50 -8.74 11.19
CA GLN A 65 -7.52 -9.63 11.71
C GLN A 65 -6.55 -9.99 10.61
N VAL A 66 -5.38 -9.47 10.70
CA VAL A 66 -4.34 -9.68 9.75
C VAL A 66 -3.12 -10.19 10.55
N GLN A 67 -2.05 -10.58 9.89
CA GLN A 67 -0.87 -11.05 10.59
C GLN A 67 0.00 -9.90 10.91
N SER A 68 0.55 -9.94 12.06
CA SER A 68 1.51 -8.97 12.43
C SER A 68 2.88 -9.55 12.11
N CYS A 69 3.46 -9.05 11.03
CA CYS A 69 4.80 -9.48 10.51
C CYS A 69 6.00 -9.27 11.47
N GLY A 70 5.73 -9.17 12.76
CA GLY A 70 6.75 -8.98 13.77
C GLY A 70 7.63 -7.79 13.50
N PRO A 71 8.94 -7.93 13.74
CA PRO A 71 9.90 -6.90 13.42
C PRO A 71 10.26 -6.91 11.92
N PRO A 72 10.69 -5.77 11.40
CA PRO A 72 11.07 -5.65 9.99
C PRO A 72 12.42 -6.30 9.68
N PRO A 73 12.63 -6.65 8.41
CA PRO A 73 13.91 -7.20 7.93
C PRO A 73 15.01 -6.13 7.92
N GLU A 74 16.14 -6.42 7.32
CA GLU A 74 17.19 -5.44 7.25
C GLU A 74 17.35 -4.92 5.84
N LEU A 75 17.83 -3.72 5.72
CA LEU A 75 18.12 -3.15 4.43
C LEU A 75 19.49 -3.71 4.00
N LEU A 76 19.64 -4.06 2.71
CA LEU A 76 20.91 -4.65 2.20
C LEU A 76 22.18 -3.94 2.64
N ASN A 77 22.22 -2.64 2.53
CA ASN A 77 23.39 -1.90 2.95
C ASN A 77 23.06 -0.99 4.09
N GLY A 78 21.84 -0.53 4.11
CA GLY A 78 21.39 0.37 5.13
C GLY A 78 20.79 -0.35 6.31
N ASN A 79 19.90 0.30 6.98
CA ASN A 79 19.19 -0.26 8.11
C ASN A 79 17.89 0.43 8.33
N VAL A 80 17.24 0.07 9.37
CA VAL A 80 16.00 0.65 9.78
C VAL A 80 16.29 1.79 10.77
N LYS A 81 15.64 2.91 10.59
CA LYS A 81 15.86 4.06 11.47
C LYS A 81 14.84 4.07 12.59
N GLU A 82 13.72 3.45 12.35
CA GLU A 82 12.65 3.41 13.31
C GLU A 82 12.93 2.39 14.37
N LYS A 83 12.40 2.61 15.56
CA LYS A 83 12.50 1.66 16.65
C LYS A 83 11.77 0.39 16.28
N THR A 84 12.55 -0.64 16.04
CA THR A 84 12.04 -1.91 15.67
C THR A 84 11.35 -2.59 16.83
N LYS A 85 10.08 -2.48 16.86
CA LYS A 85 9.31 -3.21 17.80
C LYS A 85 9.13 -4.62 17.30
N GLU A 86 8.87 -5.54 18.17
CA GLU A 86 8.86 -6.93 17.78
C GLU A 86 7.51 -7.41 17.26
N GLU A 87 6.59 -6.49 17.22
CA GLU A 87 5.31 -6.72 16.63
C GLU A 87 4.85 -5.44 15.96
N TYR A 88 4.86 -5.44 14.65
CA TYR A 88 4.35 -4.32 13.90
C TYR A 88 2.88 -4.47 13.55
N GLY A 89 2.59 -4.78 12.31
CA GLY A 89 1.23 -4.93 11.90
C GLY A 89 1.05 -4.51 10.49
N HIS A 90 -0.10 -4.80 9.94
CA HIS A 90 -0.39 -4.41 8.57
C HIS A 90 -0.57 -2.89 8.53
N SER A 91 -0.08 -2.27 7.44
CA SER A 91 -0.14 -0.81 7.19
C SER A 91 0.91 -0.07 8.04
N GLU A 92 1.64 -0.81 8.85
CA GLU A 92 2.66 -0.22 9.65
C GLU A 92 3.95 -0.32 8.90
N VAL A 93 4.47 0.82 8.54
CA VAL A 93 5.68 0.90 7.78
C VAL A 93 6.89 1.00 8.63
N VAL A 94 7.98 0.70 8.04
CA VAL A 94 9.24 0.80 8.68
C VAL A 94 10.19 1.63 7.85
N GLU A 95 10.51 2.79 8.34
CA GLU A 95 11.47 3.66 7.71
C GLU A 95 12.87 3.11 7.80
N TYR A 96 13.43 2.93 6.68
CA TYR A 96 14.78 2.52 6.52
C TYR A 96 15.60 3.71 6.16
N TYR A 97 16.87 3.55 6.24
CA TYR A 97 17.80 4.53 5.83
C TYR A 97 18.99 3.81 5.29
N CYS A 98 19.51 4.26 4.22
CA CYS A 98 20.68 3.64 3.71
C CYS A 98 21.86 4.52 4.06
N ASN A 99 23.04 4.09 3.69
CA ASN A 99 24.23 4.84 4.02
C ASN A 99 24.34 6.04 3.12
N PRO A 100 25.07 7.10 3.55
CA PRO A 100 25.28 8.36 2.78
C PRO A 100 26.19 8.16 1.54
N ARG A 101 26.08 7.00 0.97
CA ARG A 101 26.88 6.57 -0.13
C ARG A 101 25.95 5.96 -1.17
N PHE A 102 24.65 6.04 -0.90
CA PHE A 102 23.65 5.41 -1.76
C PHE A 102 22.45 6.30 -1.96
N LEU A 103 21.70 5.97 -2.96
CA LEU A 103 20.44 6.58 -3.29
C LEU A 103 19.36 5.53 -3.09
N MET A 104 18.20 5.94 -2.70
CA MET A 104 17.12 5.03 -2.39
C MET A 104 16.11 5.02 -3.53
N LYS A 105 15.94 3.84 -4.13
CA LYS A 105 15.07 3.71 -5.30
C LYS A 105 13.59 3.62 -4.92
N GLY A 106 13.25 2.64 -4.14
CA GLY A 106 11.87 2.40 -3.80
C GLY A 106 11.47 3.03 -2.49
N PRO A 107 10.37 2.55 -1.90
CA PRO A 107 9.84 3.10 -0.66
C PRO A 107 10.75 2.81 0.53
N ASN A 108 11.29 3.87 1.12
CA ASN A 108 12.15 3.76 2.32
C ASN A 108 11.40 3.19 3.51
N LYS A 109 10.11 3.10 3.41
CA LYS A 109 9.27 2.56 4.44
C LYS A 109 8.25 1.61 3.89
N ILE A 110 8.39 0.36 4.28
CA ILE A 110 7.58 -0.72 3.77
C ILE A 110 6.64 -1.16 4.85
N GLN A 111 5.52 -1.65 4.49
CA GLN A 111 4.57 -2.09 5.44
C GLN A 111 4.34 -3.57 5.37
N CYS A 112 3.97 -4.12 6.48
CA CYS A 112 3.60 -5.51 6.58
C CYS A 112 2.29 -5.72 5.87
N VAL A 113 2.28 -6.58 4.89
CA VAL A 113 1.09 -6.86 4.19
C VAL A 113 0.63 -8.29 4.35
N ASP A 114 -0.12 -8.50 5.41
CA ASP A 114 -0.91 -9.73 5.61
C ASP A 114 -0.09 -10.92 6.02
N GLY A 115 1.17 -10.71 6.29
CA GLY A 115 2.01 -11.79 6.70
C GLY A 115 3.40 -11.66 6.13
N GLU A 116 3.59 -10.76 5.18
CA GLU A 116 4.89 -10.54 4.60
C GLU A 116 5.08 -9.07 4.43
N TRP A 117 6.28 -8.63 4.52
CA TRP A 117 6.59 -7.24 4.28
C TRP A 117 6.66 -7.01 2.78
N THR A 118 6.50 -5.79 2.36
CA THR A 118 6.60 -5.47 0.97
C THR A 118 8.07 -5.36 0.55
N THR A 119 8.31 -5.08 -0.71
CA THR A 119 9.64 -4.99 -1.23
C THR A 119 10.35 -3.78 -0.67
N LEU A 120 11.53 -4.05 -0.11
CA LEU A 120 12.38 -3.04 0.47
C LEU A 120 12.77 -1.95 -0.53
N PRO A 121 13.20 -0.77 -0.01
CA PRO A 121 13.54 0.38 -0.85
C PRO A 121 14.62 0.08 -1.87
N VAL A 122 15.65 -0.66 -1.46
CA VAL A 122 16.82 -0.96 -2.28
C VAL A 122 17.64 0.32 -2.55
N CYS A 123 18.82 0.34 -2.01
CA CYS A 123 19.67 1.46 -2.20
C CYS A 123 20.86 1.11 -3.06
N ILE A 124 21.17 1.99 -3.94
CA ILE A 124 22.22 1.85 -4.91
C ILE A 124 23.14 2.98 -4.78
N VAL A 125 24.37 2.72 -5.07
CA VAL A 125 25.41 3.59 -4.85
C VAL A 125 25.24 4.96 -5.52
N GLU A 126 25.59 5.97 -4.78
CA GLU A 126 25.51 7.33 -5.23
C GLU A 126 26.83 7.68 -5.86
N GLU A 1 -30.39 18.98 -8.93
CA GLU A 1 -29.46 18.46 -7.94
C GLU A 1 -28.30 17.80 -8.68
N ALA A 2 -27.29 18.60 -9.01
CA ALA A 2 -26.12 18.15 -9.77
C ALA A 2 -25.11 19.29 -9.89
N ALA A 3 -25.11 20.21 -8.95
CA ALA A 3 -24.19 21.32 -8.99
C ALA A 3 -22.79 20.87 -8.64
N GLY A 4 -21.81 21.41 -9.35
CA GLY A 4 -20.41 21.12 -9.07
C GLY A 4 -19.92 19.79 -9.66
N GLU A 5 -20.75 18.77 -9.56
CA GLU A 5 -20.41 17.42 -10.00
C GLU A 5 -20.36 17.27 -11.54
N ARG A 6 -19.32 17.82 -12.10
CA ARG A 6 -19.02 17.73 -13.51
C ARG A 6 -18.15 16.53 -13.79
N GLU A 7 -17.45 16.14 -12.77
CA GLU A 7 -16.52 15.05 -12.80
C GLU A 7 -16.51 14.38 -11.46
N CYS A 8 -15.46 13.67 -11.13
CA CYS A 8 -15.40 12.89 -9.92
C CYS A 8 -15.59 13.73 -8.67
N GLU A 9 -16.42 13.26 -7.79
CA GLU A 9 -16.65 13.93 -6.55
C GLU A 9 -15.77 13.33 -5.51
N LEU A 10 -15.98 12.05 -5.29
CA LEU A 10 -15.25 11.13 -4.39
C LEU A 10 -16.32 10.11 -4.00
N PRO A 11 -16.06 8.82 -4.11
CA PRO A 11 -17.03 7.80 -3.70
C PRO A 11 -17.19 7.76 -2.16
N LYS A 12 -17.87 6.78 -1.67
CA LYS A 12 -18.01 6.65 -0.25
C LYS A 12 -16.92 5.75 0.28
N ILE A 13 -15.91 6.35 0.87
CA ILE A 13 -14.81 5.61 1.46
C ILE A 13 -15.26 5.01 2.81
N ASP A 14 -14.31 4.59 3.59
CA ASP A 14 -14.59 4.03 4.90
C ASP A 14 -14.82 5.17 5.88
N VAL A 15 -15.40 4.88 7.00
CA VAL A 15 -15.65 5.88 8.01
C VAL A 15 -14.34 6.27 8.74
N HIS A 16 -13.39 5.36 8.80
CA HIS A 16 -12.12 5.64 9.46
C HIS A 16 -11.04 5.95 8.48
N LEU A 17 -11.44 6.11 7.24
CA LEU A 17 -10.54 6.35 6.15
C LEU A 17 -10.58 7.85 5.85
N VAL A 18 -9.47 8.40 5.44
CA VAL A 18 -9.36 9.79 5.09
C VAL A 18 -8.46 9.92 3.86
N PRO A 19 -8.97 10.49 2.78
CA PRO A 19 -8.18 10.78 1.59
C PRO A 19 -7.22 11.96 1.83
N ASP A 20 -6.00 11.80 1.38
CA ASP A 20 -4.93 12.78 1.52
C ASP A 20 -5.25 14.04 0.75
N ARG A 21 -5.84 13.87 -0.44
CA ARG A 21 -6.22 15.01 -1.28
C ARG A 21 -7.32 15.79 -0.62
N LYS A 22 -8.45 15.11 -0.41
CA LYS A 22 -9.64 15.67 0.20
C LYS A 22 -10.05 16.96 -0.49
N LYS A 23 -10.59 16.78 -1.66
CA LYS A 23 -11.07 17.87 -2.43
C LYS A 23 -12.47 17.52 -2.89
N ASP A 24 -13.24 18.52 -3.21
CA ASP A 24 -14.66 18.32 -3.51
C ASP A 24 -14.88 17.75 -4.89
N GLN A 25 -14.02 18.09 -5.83
CA GLN A 25 -14.08 17.51 -7.16
C GLN A 25 -12.71 17.09 -7.63
N TYR A 26 -12.64 15.90 -8.15
CA TYR A 26 -11.43 15.33 -8.67
C TYR A 26 -11.56 15.22 -10.15
N LYS A 27 -10.48 15.47 -10.81
CA LYS A 27 -10.46 15.36 -12.23
C LYS A 27 -9.97 13.96 -12.56
N VAL A 28 -10.36 13.46 -13.71
CA VAL A 28 -9.94 12.14 -14.11
C VAL A 28 -8.44 12.07 -14.30
N GLY A 29 -7.84 11.22 -13.50
CA GLY A 29 -6.43 11.09 -13.47
C GLY A 29 -5.86 11.56 -12.15
N GLU A 30 -6.73 12.10 -11.30
CA GLU A 30 -6.33 12.46 -9.95
C GLU A 30 -6.18 11.23 -9.12
N VAL A 31 -5.13 11.15 -8.37
CA VAL A 31 -4.96 10.06 -7.48
C VAL A 31 -5.12 10.51 -6.05
N LEU A 32 -5.92 9.82 -5.36
CA LEU A 32 -6.17 10.15 -4.03
C LEU A 32 -5.75 9.12 -3.07
N LYS A 33 -4.58 9.37 -2.51
CA LYS A 33 -4.02 8.54 -1.48
C LYS A 33 -4.92 8.54 -0.28
N PHE A 34 -5.31 7.41 0.13
CA PHE A 34 -6.13 7.24 1.27
C PHE A 34 -5.33 6.72 2.38
N SER A 35 -5.86 6.81 3.56
CA SER A 35 -5.34 6.17 4.69
C SER A 35 -6.34 6.27 5.78
N CYS A 36 -6.14 5.53 6.78
CA CYS A 36 -7.05 5.47 7.87
C CYS A 36 -6.58 6.34 9.01
N LYS A 37 -7.43 6.47 10.01
CA LYS A 37 -7.14 7.19 11.24
C LYS A 37 -5.83 6.71 11.89
N PRO A 38 -5.25 7.50 12.84
CA PRO A 38 -3.90 7.24 13.38
C PRO A 38 -3.73 5.89 14.10
N GLY A 39 -4.82 5.27 14.47
CA GLY A 39 -4.74 3.98 15.11
C GLY A 39 -5.25 2.86 14.23
N PHE A 40 -5.52 3.17 12.99
CA PHE A 40 -6.04 2.20 12.05
C PHE A 40 -5.07 1.88 10.96
N THR A 41 -5.32 0.79 10.32
CA THR A 41 -4.61 0.30 9.21
C THR A 41 -5.48 0.35 7.95
N ILE A 42 -4.94 0.87 6.88
CA ILE A 42 -5.62 0.90 5.63
C ILE A 42 -5.44 -0.45 4.90
N VAL A 43 -6.53 -1.10 4.58
CA VAL A 43 -6.47 -2.37 3.90
C VAL A 43 -7.15 -2.28 2.55
N GLY A 44 -6.35 -2.33 1.52
CA GLY A 44 -6.85 -2.26 0.17
C GLY A 44 -6.02 -1.29 -0.61
N PRO A 45 -6.49 -0.84 -1.77
CA PRO A 45 -5.80 0.16 -2.59
C PRO A 45 -5.62 1.47 -1.81
N ASN A 46 -4.42 1.97 -1.76
CA ASN A 46 -4.13 3.15 -0.96
C ASN A 46 -4.20 4.41 -1.79
N SER A 47 -4.30 4.26 -3.09
CA SER A 47 -4.34 5.39 -3.99
C SER A 47 -5.14 5.07 -5.25
N VAL A 48 -6.39 5.50 -5.27
CA VAL A 48 -7.26 5.27 -6.40
C VAL A 48 -7.21 6.46 -7.34
N GLN A 49 -7.73 6.28 -8.52
CA GLN A 49 -7.75 7.31 -9.50
C GLN A 49 -9.16 7.72 -9.75
N CYS A 50 -9.31 8.90 -10.23
CA CYS A 50 -10.56 9.25 -10.81
C CYS A 50 -10.51 8.80 -12.24
N TYR A 51 -11.52 8.12 -12.65
CA TYR A 51 -11.63 7.68 -14.02
C TYR A 51 -12.83 8.36 -14.64
N HIS A 52 -13.06 8.16 -15.93
CA HIS A 52 -14.18 8.85 -16.58
C HIS A 52 -15.52 8.25 -16.16
N PHE A 53 -15.48 7.08 -15.54
CA PHE A 53 -16.69 6.43 -15.06
C PHE A 53 -16.87 6.64 -13.55
N GLY A 54 -15.92 7.30 -12.93
CA GLY A 54 -15.97 7.52 -11.50
C GLY A 54 -14.65 7.16 -10.89
N LEU A 55 -14.55 7.15 -9.59
CA LEU A 55 -13.31 6.83 -8.94
C LEU A 55 -13.17 5.35 -8.76
N SER A 56 -12.01 4.87 -9.03
CA SER A 56 -11.70 3.45 -8.98
C SER A 56 -10.19 3.24 -8.80
N PRO A 57 -9.74 2.07 -8.28
CA PRO A 57 -10.62 0.93 -7.88
C PRO A 57 -11.50 1.22 -6.63
N ASP A 58 -12.11 0.17 -6.08
CA ASP A 58 -12.97 0.29 -4.89
C ASP A 58 -12.16 0.76 -3.69
N LEU A 59 -12.85 1.27 -2.70
CA LEU A 59 -12.21 1.93 -1.58
C LEU A 59 -11.64 0.96 -0.58
N PRO A 60 -10.51 1.31 0.02
CA PRO A 60 -9.89 0.53 1.07
C PRO A 60 -10.73 0.58 2.34
N ILE A 61 -10.48 -0.33 3.22
CA ILE A 61 -11.16 -0.38 4.48
C ILE A 61 -10.16 -0.02 5.57
N CYS A 62 -10.61 -0.05 6.79
CA CYS A 62 -9.77 0.29 7.91
C CYS A 62 -9.84 -0.76 8.99
N LYS A 63 -8.73 -1.39 9.26
CA LYS A 63 -8.62 -2.34 10.33
C LYS A 63 -7.90 -1.69 11.43
N GLU A 64 -8.40 -1.76 12.61
CA GLU A 64 -7.74 -1.10 13.70
C GLU A 64 -6.73 -2.07 14.27
N GLN A 65 -7.14 -3.29 14.32
CA GLN A 65 -6.33 -4.36 14.80
C GLN A 65 -5.73 -5.04 13.62
N VAL A 66 -4.48 -4.85 13.39
CA VAL A 66 -3.86 -5.50 12.28
C VAL A 66 -2.97 -6.63 12.81
N GLN A 67 -2.37 -7.40 11.96
CA GLN A 67 -1.51 -8.45 12.38
C GLN A 67 -0.10 -7.91 12.41
N SER A 68 0.75 -8.52 13.20
CA SER A 68 2.10 -8.03 13.30
C SER A 68 3.06 -8.84 12.42
N CYS A 69 2.53 -9.91 11.86
CA CYS A 69 3.19 -10.69 10.78
C CYS A 69 4.41 -11.51 11.20
N GLY A 70 4.93 -11.27 12.39
CA GLY A 70 6.14 -11.94 12.84
C GLY A 70 7.34 -11.54 12.00
N PRO A 71 8.29 -12.46 11.80
CA PRO A 71 9.44 -12.22 10.93
C PRO A 71 9.08 -12.38 9.45
N PRO A 72 9.76 -11.63 8.58
CA PRO A 72 9.55 -11.68 7.12
C PRO A 72 10.20 -12.93 6.46
N PRO A 73 9.85 -13.21 5.18
CA PRO A 73 10.41 -14.34 4.40
C PRO A 73 11.90 -14.14 4.02
N GLU A 74 12.40 -14.97 3.13
CA GLU A 74 13.77 -14.89 2.68
C GLU A 74 13.78 -14.44 1.23
N LEU A 75 14.92 -14.04 0.74
CA LEU A 75 15.02 -13.60 -0.63
C LEU A 75 15.66 -14.71 -1.45
N LEU A 76 15.07 -15.03 -2.59
CA LEU A 76 15.55 -16.11 -3.46
C LEU A 76 17.04 -16.03 -3.81
N ASN A 77 17.52 -14.85 -4.13
CA ASN A 77 18.92 -14.66 -4.52
C ASN A 77 19.50 -13.51 -3.74
N GLY A 78 18.98 -13.32 -2.57
CA GLY A 78 19.48 -12.32 -1.69
C GLY A 78 19.20 -12.69 -0.28
N ASN A 79 19.03 -11.72 0.54
CA ASN A 79 18.69 -11.93 1.90
C ASN A 79 18.11 -10.64 2.42
N VAL A 80 17.99 -10.54 3.69
CA VAL A 80 17.47 -9.36 4.31
C VAL A 80 18.62 -8.63 4.99
N LYS A 81 18.77 -7.35 4.72
CA LYS A 81 19.88 -6.60 5.32
C LYS A 81 19.50 -6.10 6.68
N GLU A 82 18.22 -5.99 6.89
CA GLU A 82 17.73 -5.50 8.14
C GLU A 82 17.59 -6.60 9.15
N LYS A 83 17.87 -6.26 10.38
CA LYS A 83 17.73 -7.16 11.50
C LYS A 83 16.30 -7.67 11.59
N THR A 84 16.12 -8.95 11.36
CA THR A 84 14.83 -9.56 11.38
C THR A 84 14.40 -9.93 12.77
N LYS A 85 13.56 -9.11 13.33
CA LYS A 85 13.06 -9.33 14.65
C LYS A 85 11.86 -10.27 14.60
N GLU A 86 11.54 -10.85 15.74
CA GLU A 86 10.46 -11.82 15.89
C GLU A 86 9.07 -11.26 15.52
N GLU A 87 8.90 -9.96 15.54
CA GLU A 87 7.62 -9.39 15.23
C GLU A 87 7.79 -8.00 14.65
N TYR A 88 7.24 -7.76 13.48
CA TYR A 88 7.38 -6.49 12.79
C TYR A 88 6.19 -5.56 12.96
N GLY A 89 5.14 -5.86 12.27
CA GLY A 89 3.98 -5.02 12.27
C GLY A 89 3.56 -4.72 10.85
N HIS A 90 2.41 -4.08 10.70
CA HIS A 90 1.89 -3.73 9.39
C HIS A 90 2.81 -2.79 8.59
N SER A 91 3.01 -1.63 9.09
CA SER A 91 3.74 -0.59 8.38
C SER A 91 5.24 -0.69 8.63
N GLU A 92 5.74 -1.89 8.63
CA GLU A 92 7.13 -2.10 8.88
C GLU A 92 7.76 -2.78 7.71
N VAL A 93 8.52 -2.01 6.97
CA VAL A 93 9.24 -2.55 5.85
C VAL A 93 10.50 -3.20 6.27
N VAL A 94 10.91 -4.11 5.48
CA VAL A 94 12.09 -4.86 5.72
C VAL A 94 12.96 -4.77 4.48
N GLU A 95 14.09 -4.10 4.59
CA GLU A 95 15.04 -4.03 3.49
C GLU A 95 15.73 -5.33 3.22
N TYR A 96 15.54 -5.78 2.07
CA TYR A 96 16.23 -6.91 1.54
C TYR A 96 17.35 -6.43 0.65
N TYR A 97 18.25 -7.32 0.33
CA TYR A 97 19.33 -7.02 -0.57
C TYR A 97 19.62 -8.29 -1.34
N CYS A 98 19.86 -8.19 -2.59
CA CYS A 98 20.20 -9.36 -3.37
C CYS A 98 21.72 -9.49 -3.42
N ASN A 99 22.21 -10.57 -4.03
CA ASN A 99 23.65 -10.75 -4.17
C ASN A 99 24.21 -9.69 -5.12
N PRO A 100 25.52 -9.38 -5.04
CA PRO A 100 26.17 -8.31 -5.86
C PRO A 100 26.35 -8.70 -7.33
N ARG A 101 25.38 -9.38 -7.84
CA ARG A 101 25.39 -9.92 -9.17
C ARG A 101 23.97 -10.07 -9.71
N PHE A 102 23.02 -9.48 -9.01
CA PHE A 102 21.65 -9.53 -9.45
C PHE A 102 21.03 -8.17 -9.39
N LEU A 103 20.04 -8.00 -10.19
CA LEU A 103 19.25 -6.82 -10.22
C LEU A 103 18.06 -7.07 -9.34
N MET A 104 17.56 -6.06 -8.74
CA MET A 104 16.44 -6.18 -7.85
C MET A 104 15.27 -5.49 -8.51
N LYS A 105 14.22 -6.24 -8.78
CA LYS A 105 13.11 -5.74 -9.57
C LYS A 105 12.19 -4.79 -8.81
N GLY A 106 11.43 -5.32 -7.88
CA GLY A 106 10.44 -4.56 -7.20
C GLY A 106 10.95 -3.91 -5.93
N PRO A 107 10.05 -3.68 -4.96
CA PRO A 107 10.39 -3.05 -3.69
C PRO A 107 11.34 -3.91 -2.87
N ASN A 108 12.52 -3.37 -2.56
CA ASN A 108 13.50 -4.12 -1.76
C ASN A 108 13.10 -4.15 -0.34
N LYS A 109 12.16 -3.35 0.01
CA LYS A 109 11.68 -3.28 1.32
C LYS A 109 10.24 -3.64 1.26
N ILE A 110 9.83 -4.57 2.02
CA ILE A 110 8.46 -4.96 1.97
C ILE A 110 7.80 -4.71 3.28
N GLN A 111 6.60 -4.20 3.21
CA GLN A 111 5.80 -3.99 4.37
C GLN A 111 4.77 -5.08 4.45
N CYS A 112 4.21 -5.26 5.58
CA CYS A 112 3.26 -6.30 5.76
C CYS A 112 1.89 -5.76 5.75
N VAL A 113 1.20 -6.09 4.73
CA VAL A 113 -0.11 -5.64 4.54
C VAL A 113 -1.08 -6.57 5.25
N ASP A 114 -1.67 -6.03 6.30
CA ASP A 114 -2.50 -6.76 7.26
C ASP A 114 -1.74 -7.87 7.95
N GLY A 115 -1.58 -8.99 7.29
CA GLY A 115 -0.81 -10.08 7.82
C GLY A 115 -0.11 -10.80 6.71
N GLU A 116 -0.07 -10.14 5.57
CA GLU A 116 0.53 -10.69 4.40
C GLU A 116 1.56 -9.72 3.89
N TRP A 117 2.79 -10.12 3.90
CA TRP A 117 3.86 -9.31 3.38
C TRP A 117 3.65 -9.11 1.89
N THR A 118 4.02 -7.97 1.40
CA THR A 118 3.88 -7.65 0.00
C THR A 118 4.77 -8.52 -0.88
N THR A 119 4.62 -8.35 -2.18
CA THR A 119 5.39 -9.07 -3.16
C THR A 119 6.88 -8.76 -2.98
N LEU A 120 7.67 -9.80 -2.92
CA LEU A 120 9.09 -9.68 -2.80
C LEU A 120 9.73 -8.99 -3.99
N PRO A 121 10.87 -8.34 -3.75
CA PRO A 121 11.59 -7.57 -4.76
C PRO A 121 12.01 -8.37 -5.98
N VAL A 122 12.40 -9.63 -5.76
CA VAL A 122 12.84 -10.55 -6.83
C VAL A 122 14.21 -10.15 -7.43
N CYS A 123 15.17 -11.03 -7.27
CA CYS A 123 16.50 -10.85 -7.82
C CYS A 123 16.60 -11.58 -9.14
N ILE A 124 17.18 -10.93 -10.11
CA ILE A 124 17.40 -11.49 -11.43
C ILE A 124 18.76 -11.13 -11.87
N VAL A 125 19.36 -12.03 -12.58
CA VAL A 125 20.67 -11.94 -12.99
C VAL A 125 20.95 -10.69 -13.85
N GLU A 126 22.08 -10.08 -13.62
CA GLU A 126 22.47 -8.90 -14.34
C GLU A 126 23.15 -9.28 -15.64
N GLU A 1 -6.71 -23.41 28.08
CA GLU A 1 -8.01 -23.53 28.73
C GLU A 1 -8.25 -22.32 29.63
N ALA A 2 -7.60 -21.23 29.33
CA ALA A 2 -7.68 -20.06 30.16
C ALA A 2 -8.21 -18.91 29.35
N ALA A 3 -8.52 -17.80 30.02
CA ALA A 3 -8.94 -16.58 29.35
C ALA A 3 -7.81 -16.11 28.44
N GLY A 4 -8.02 -16.27 27.16
CA GLY A 4 -7.00 -16.00 26.20
C GLY A 4 -7.13 -14.66 25.55
N GLU A 5 -6.69 -14.63 24.30
CA GLU A 5 -6.59 -13.44 23.47
C GLU A 5 -5.94 -12.29 24.23
N ARG A 6 -4.69 -12.48 24.55
CA ARG A 6 -3.91 -11.44 25.18
C ARG A 6 -2.94 -10.87 24.20
N GLU A 7 -3.06 -11.36 23.00
CA GLU A 7 -2.29 -10.98 21.89
C GLU A 7 -3.10 -11.32 20.67
N CYS A 8 -2.74 -10.75 19.57
CA CYS A 8 -3.46 -10.93 18.34
C CYS A 8 -3.34 -12.35 17.85
N GLU A 9 -4.43 -12.99 17.75
CA GLU A 9 -4.45 -14.36 17.34
C GLU A 9 -4.80 -14.42 15.84
N LEU A 10 -5.04 -13.23 15.32
CA LEU A 10 -5.41 -12.94 13.94
C LEU A 10 -6.85 -13.32 13.69
N PRO A 11 -7.68 -12.33 13.41
CA PRO A 11 -9.11 -12.52 13.08
C PRO A 11 -9.29 -13.23 11.73
N LYS A 12 -10.44 -13.10 11.17
CA LYS A 12 -10.71 -13.70 9.90
C LYS A 12 -10.32 -12.74 8.82
N ILE A 13 -9.15 -12.91 8.24
CA ILE A 13 -8.78 -12.09 7.11
C ILE A 13 -9.56 -12.51 5.89
N ASP A 14 -9.40 -11.79 4.83
CA ASP A 14 -10.06 -12.12 3.59
C ASP A 14 -9.52 -13.44 3.08
N VAL A 15 -10.35 -14.15 2.44
CA VAL A 15 -10.02 -15.43 1.84
C VAL A 15 -8.89 -15.27 0.80
N HIS A 16 -8.77 -14.08 0.24
CA HIS A 16 -7.73 -13.80 -0.73
C HIS A 16 -6.63 -12.95 -0.15
N LEU A 17 -6.67 -12.72 1.14
CA LEU A 17 -5.67 -11.89 1.76
C LEU A 17 -4.54 -12.77 2.23
N VAL A 18 -3.35 -12.23 2.23
CA VAL A 18 -2.19 -12.90 2.75
C VAL A 18 -1.38 -11.92 3.59
N PRO A 19 -1.24 -12.20 4.88
CA PRO A 19 -0.39 -11.40 5.74
C PRO A 19 1.08 -11.71 5.44
N ASP A 20 1.93 -10.68 5.32
CA ASP A 20 3.36 -10.91 5.04
C ASP A 20 4.00 -11.65 6.20
N ARG A 21 3.50 -11.36 7.39
CA ARG A 21 3.97 -12.03 8.58
C ARG A 21 3.50 -13.46 8.59
N LYS A 22 2.17 -13.61 8.66
CA LYS A 22 1.47 -14.89 8.73
C LYS A 22 2.07 -15.83 9.76
N LYS A 23 1.66 -15.60 10.96
CA LYS A 23 2.12 -16.33 12.09
C LYS A 23 0.90 -16.71 12.92
N ASP A 24 1.03 -17.66 13.83
CA ASP A 24 -0.15 -18.13 14.58
C ASP A 24 -0.62 -17.09 15.58
N GLN A 25 0.32 -16.54 16.33
CA GLN A 25 0.00 -15.49 17.27
C GLN A 25 0.88 -14.30 17.04
N TYR A 26 0.26 -13.18 17.05
CA TYR A 26 0.85 -11.92 16.79
C TYR A 26 0.95 -11.14 18.07
N LYS A 27 2.12 -10.72 18.39
CA LYS A 27 2.34 -9.95 19.59
C LYS A 27 1.92 -8.51 19.34
N VAL A 28 1.47 -7.84 20.36
CA VAL A 28 1.05 -6.46 20.23
C VAL A 28 2.22 -5.57 19.84
N GLY A 29 2.08 -4.95 18.70
CA GLY A 29 3.11 -4.16 18.12
C GLY A 29 3.59 -4.77 16.81
N GLU A 30 3.14 -6.01 16.52
CA GLU A 30 3.44 -6.63 15.25
C GLU A 30 2.67 -5.93 14.15
N VAL A 31 3.38 -5.49 13.16
CA VAL A 31 2.79 -4.81 12.04
C VAL A 31 2.65 -5.80 10.93
N LEU A 32 1.45 -6.06 10.56
CA LEU A 32 1.20 -7.05 9.56
C LEU A 32 0.95 -6.37 8.29
N LYS A 33 1.81 -6.56 7.35
CA LYS A 33 1.62 -5.98 6.08
C LYS A 33 0.89 -6.97 5.24
N PHE A 34 -0.37 -6.78 5.13
CA PHE A 34 -1.17 -7.65 4.36
C PHE A 34 -0.98 -7.34 2.91
N SER A 35 -1.34 -8.25 2.13
CA SER A 35 -1.36 -8.16 0.74
C SER A 35 -2.45 -9.12 0.37
N CYS A 36 -2.85 -9.13 -0.81
CA CYS A 36 -3.81 -10.09 -1.23
C CYS A 36 -3.11 -11.10 -2.10
N LYS A 37 -3.84 -12.06 -2.63
CA LYS A 37 -3.34 -13.00 -3.59
C LYS A 37 -2.75 -12.28 -4.81
N PRO A 38 -1.94 -12.97 -5.66
CA PRO A 38 -1.19 -12.31 -6.73
C PRO A 38 -2.04 -11.55 -7.76
N GLY A 39 -3.27 -11.98 -7.95
CA GLY A 39 -4.13 -11.30 -8.89
C GLY A 39 -5.03 -10.30 -8.20
N PHE A 40 -4.93 -10.25 -6.90
CA PHE A 40 -5.79 -9.44 -6.12
C PHE A 40 -5.17 -8.19 -5.63
N THR A 41 -5.91 -7.15 -5.74
CA THR A 41 -5.54 -5.90 -5.26
C THR A 41 -5.98 -5.77 -3.82
N ILE A 42 -5.05 -5.44 -2.97
CA ILE A 42 -5.37 -5.18 -1.61
C ILE A 42 -5.92 -3.75 -1.52
N VAL A 43 -7.08 -3.61 -0.96
CA VAL A 43 -7.70 -2.32 -0.83
C VAL A 43 -7.86 -1.99 0.63
N GLY A 44 -7.17 -0.98 1.05
CA GLY A 44 -7.23 -0.54 2.41
C GLY A 44 -5.86 -0.53 3.05
N PRO A 45 -5.79 -0.40 4.38
CA PRO A 45 -4.53 -0.42 5.12
C PRO A 45 -3.82 -1.77 4.99
N ASN A 46 -2.66 -1.77 4.38
CA ASN A 46 -1.92 -3.00 4.20
C ASN A 46 -1.27 -3.36 5.52
N SER A 47 -0.61 -2.41 6.13
CA SER A 47 0.08 -2.62 7.36
C SER A 47 -0.74 -2.14 8.57
N VAL A 48 -1.18 -3.07 9.39
CA VAL A 48 -1.89 -2.75 10.61
C VAL A 48 -1.05 -3.23 11.80
N GLN A 49 -1.26 -2.67 12.95
CA GLN A 49 -0.51 -3.09 14.13
C GLN A 49 -1.37 -3.94 14.99
N CYS A 50 -0.74 -4.80 15.72
CA CYS A 50 -1.43 -5.51 16.75
C CYS A 50 -1.53 -4.61 17.94
N TYR A 51 -2.69 -4.47 18.46
CA TYR A 51 -2.89 -3.75 19.67
C TYR A 51 -3.36 -4.75 20.69
N HIS A 52 -3.35 -4.40 21.96
CA HIS A 52 -3.77 -5.34 23.02
C HIS A 52 -5.25 -5.76 22.88
N PHE A 53 -6.00 -4.99 22.14
CA PHE A 53 -7.41 -5.29 21.91
C PHE A 53 -7.63 -6.01 20.58
N GLY A 54 -6.57 -6.15 19.81
CA GLY A 54 -6.68 -6.80 18.53
C GLY A 54 -5.95 -6.03 17.47
N LEU A 55 -5.98 -6.52 16.26
CA LEU A 55 -5.34 -5.87 15.14
C LEU A 55 -6.11 -4.64 14.74
N SER A 56 -5.45 -3.53 14.63
CA SER A 56 -6.08 -2.32 14.21
C SER A 56 -5.09 -1.47 13.38
N PRO A 57 -5.59 -0.70 12.38
CA PRO A 57 -7.03 -0.63 12.05
C PRO A 57 -7.58 -1.95 11.49
N ASP A 58 -8.84 -1.95 11.08
CA ASP A 58 -9.49 -3.14 10.54
C ASP A 58 -8.83 -3.59 9.29
N LEU A 59 -9.09 -4.81 8.91
CA LEU A 59 -8.39 -5.44 7.85
C LEU A 59 -8.85 -4.96 6.49
N PRO A 60 -7.93 -4.89 5.56
CA PRO A 60 -8.19 -4.48 4.19
C PRO A 60 -8.99 -5.55 3.44
N ILE A 61 -9.39 -5.25 2.25
CA ILE A 61 -10.12 -6.20 1.44
C ILE A 61 -9.34 -6.52 0.18
N CYS A 62 -9.87 -7.40 -0.62
CA CYS A 62 -9.25 -7.82 -1.84
C CYS A 62 -10.17 -7.59 -3.03
N LYS A 63 -9.69 -6.84 -3.98
CA LYS A 63 -10.42 -6.61 -5.19
C LYS A 63 -9.61 -7.12 -6.35
N GLU A 64 -10.16 -8.05 -7.07
CA GLU A 64 -9.50 -8.60 -8.21
C GLU A 64 -9.67 -7.63 -9.35
N GLN A 65 -10.85 -7.13 -9.44
CA GLN A 65 -11.21 -6.23 -10.49
C GLN A 65 -10.98 -4.82 -10.04
N VAL A 66 -9.81 -4.34 -10.32
CA VAL A 66 -9.41 -3.03 -9.92
C VAL A 66 -9.34 -2.14 -11.18
N GLN A 67 -9.16 -0.85 -11.01
CA GLN A 67 -9.05 0.05 -12.12
C GLN A 67 -7.59 0.18 -12.46
N SER A 68 -7.31 0.64 -13.64
CA SER A 68 -5.97 0.78 -14.06
C SER A 68 -5.56 2.26 -14.11
N CYS A 69 -6.54 3.15 -13.86
CA CYS A 69 -6.35 4.62 -13.80
C CYS A 69 -6.10 5.28 -15.14
N GLY A 70 -5.41 4.60 -16.00
CA GLY A 70 -5.07 5.16 -17.25
C GLY A 70 -3.77 5.90 -17.15
N PRO A 71 -3.63 7.04 -17.81
CA PRO A 71 -2.44 7.84 -17.71
C PRO A 71 -2.37 8.61 -16.38
N PRO A 72 -1.16 8.78 -15.86
CA PRO A 72 -0.94 9.48 -14.60
C PRO A 72 -0.91 11.01 -14.80
N PRO A 73 -0.90 11.78 -13.70
CA PRO A 73 -0.81 13.25 -13.73
C PRO A 73 0.57 13.76 -14.23
N GLU A 74 0.81 15.03 -14.04
CA GLU A 74 2.08 15.64 -14.38
C GLU A 74 2.87 15.76 -13.09
N LEU A 75 4.14 16.11 -13.16
CA LEU A 75 4.83 16.29 -11.93
C LEU A 75 4.75 17.73 -11.50
N LEU A 76 5.11 17.94 -10.26
CA LEU A 76 5.09 19.21 -9.68
C LEU A 76 6.08 20.17 -10.38
N ASN A 77 7.34 19.90 -10.22
CA ASN A 77 8.37 20.69 -10.88
C ASN A 77 9.28 19.77 -11.61
N GLY A 78 8.69 18.80 -12.23
CA GLY A 78 9.38 17.88 -13.02
C GLY A 78 8.53 17.38 -14.12
N ASN A 79 8.68 16.13 -14.41
CA ASN A 79 7.93 15.49 -15.44
C ASN A 79 7.92 14.02 -15.11
N VAL A 80 7.42 13.24 -16.00
CA VAL A 80 7.42 11.83 -15.87
C VAL A 80 8.52 11.32 -16.81
N LYS A 81 9.34 10.41 -16.35
CA LYS A 81 10.43 9.90 -17.18
C LYS A 81 9.94 8.76 -18.04
N GLU A 82 8.98 8.06 -17.52
CA GLU A 82 8.46 6.89 -18.18
C GLU A 82 7.34 7.25 -19.13
N LYS A 83 7.08 6.37 -20.08
CA LYS A 83 6.05 6.60 -21.05
C LYS A 83 4.70 6.44 -20.41
N THR A 84 3.93 7.50 -20.42
CA THR A 84 2.63 7.48 -19.85
C THR A 84 1.68 6.65 -20.69
N LYS A 85 1.43 5.46 -20.22
CA LYS A 85 0.52 4.55 -20.85
C LYS A 85 -0.90 5.01 -20.60
N GLU A 86 -1.80 4.61 -21.46
CA GLU A 86 -3.20 4.94 -21.30
C GLU A 86 -3.85 3.93 -20.38
N GLU A 87 -3.10 2.93 -20.03
CA GLU A 87 -3.48 1.95 -19.07
C GLU A 87 -2.27 1.62 -18.25
N TYR A 88 -2.29 1.96 -17.01
CA TYR A 88 -1.23 1.57 -16.15
C TYR A 88 -1.60 0.31 -15.38
N GLY A 89 -2.41 0.45 -14.36
CA GLY A 89 -2.82 -0.67 -13.58
C GLY A 89 -2.62 -0.39 -12.12
N HIS A 90 -3.24 -1.17 -11.25
CA HIS A 90 -3.08 -0.99 -9.83
C HIS A 90 -1.62 -1.05 -9.37
N SER A 91 -0.99 -2.13 -9.64
CA SER A 91 0.36 -2.33 -9.19
C SER A 91 1.39 -1.74 -10.17
N GLU A 92 0.95 -0.83 -10.99
CA GLU A 92 1.82 -0.23 -11.95
C GLU A 92 2.21 1.14 -11.45
N VAL A 93 3.49 1.34 -11.26
CA VAL A 93 4.00 2.61 -10.77
C VAL A 93 4.51 3.45 -11.92
N VAL A 94 4.63 4.73 -11.68
CA VAL A 94 5.10 5.63 -12.68
C VAL A 94 6.25 6.44 -12.15
N GLU A 95 7.41 6.24 -12.69
CA GLU A 95 8.59 7.02 -12.31
C GLU A 95 8.52 8.46 -12.82
N TYR A 96 8.62 9.37 -11.91
CA TYR A 96 8.73 10.78 -12.23
C TYR A 96 10.14 11.25 -11.95
N TYR A 97 10.45 12.43 -12.41
CA TYR A 97 11.73 13.07 -12.14
C TYR A 97 11.50 14.57 -12.16
N CYS A 98 12.12 15.28 -11.29
CA CYS A 98 12.02 16.72 -11.31
C CYS A 98 13.23 17.35 -11.95
N ASN A 99 13.18 18.67 -12.13
CA ASN A 99 14.27 19.42 -12.73
C ASN A 99 15.52 19.33 -11.85
N PRO A 100 16.70 19.51 -12.44
CA PRO A 100 18.01 19.36 -11.76
C PRO A 100 18.34 20.47 -10.75
N ARG A 101 17.33 21.02 -10.17
CA ARG A 101 17.48 22.08 -9.21
C ARG A 101 16.47 21.94 -8.12
N PHE A 102 15.96 20.73 -7.99
CA PHE A 102 15.04 20.36 -6.95
C PHE A 102 15.47 19.03 -6.35
N LEU A 103 15.05 18.78 -5.16
CA LEU A 103 15.31 17.55 -4.47
C LEU A 103 14.01 16.78 -4.38
N MET A 104 14.05 15.54 -4.71
CA MET A 104 12.86 14.72 -4.70
C MET A 104 12.81 13.95 -3.40
N LYS A 105 11.93 14.36 -2.53
CA LYS A 105 11.85 13.83 -1.18
C LYS A 105 10.90 12.63 -1.07
N GLY A 106 9.76 12.72 -1.70
CA GLY A 106 8.80 11.65 -1.62
C GLY A 106 9.00 10.60 -2.69
N PRO A 107 8.16 9.57 -2.74
CA PRO A 107 8.26 8.47 -3.71
C PRO A 107 8.19 8.98 -5.15
N ASN A 108 9.30 8.85 -5.90
CA ASN A 108 9.37 9.29 -7.29
C ASN A 108 8.42 8.55 -8.18
N LYS A 109 7.92 7.46 -7.71
CA LYS A 109 7.00 6.71 -8.48
C LYS A 109 5.68 6.62 -7.72
N ILE A 110 4.58 6.41 -8.44
CA ILE A 110 3.26 6.35 -7.83
C ILE A 110 2.48 5.24 -8.49
N GLN A 111 1.64 4.58 -7.75
CA GLN A 111 0.88 3.48 -8.29
C GLN A 111 -0.60 3.79 -8.19
N CYS A 112 -1.37 3.13 -8.99
CA CYS A 112 -2.81 3.33 -9.04
C CYS A 112 -3.51 2.47 -8.03
N VAL A 113 -3.92 3.10 -7.02
CA VAL A 113 -4.54 2.46 -5.92
C VAL A 113 -6.07 2.42 -6.08
N ASP A 114 -6.57 1.23 -6.39
CA ASP A 114 -7.98 0.93 -6.65
C ASP A 114 -8.56 1.63 -7.88
N GLY A 115 -8.48 2.92 -7.90
CA GLY A 115 -8.93 3.68 -9.04
C GLY A 115 -8.36 5.08 -9.06
N GLU A 116 -7.47 5.38 -8.13
CA GLU A 116 -6.87 6.68 -8.01
C GLU A 116 -5.42 6.53 -7.76
N TRP A 117 -4.64 7.50 -8.12
CA TRP A 117 -3.23 7.41 -7.92
C TRP A 117 -2.84 7.73 -6.50
N THR A 118 -1.59 7.57 -6.22
CA THR A 118 -1.06 7.85 -4.94
C THR A 118 -0.44 9.23 -4.92
N THR A 119 -0.14 9.69 -3.73
CA THR A 119 0.47 10.96 -3.50
C THR A 119 1.81 11.09 -4.26
N LEU A 120 1.93 12.16 -5.02
CA LEU A 120 3.09 12.44 -5.84
C LEU A 120 4.35 12.70 -5.03
N PRO A 121 5.51 12.44 -5.67
CA PRO A 121 6.84 12.61 -5.05
C PRO A 121 7.09 13.98 -4.46
N VAL A 122 6.50 15.00 -5.10
CA VAL A 122 6.63 16.42 -4.72
C VAL A 122 8.07 16.87 -4.36
N CYS A 123 8.73 17.40 -5.34
CA CYS A 123 10.08 17.85 -5.18
C CYS A 123 10.09 19.28 -4.68
N ILE A 124 11.19 19.69 -4.15
CA ILE A 124 11.34 21.01 -3.58
C ILE A 124 12.70 21.56 -3.93
N VAL A 125 12.84 22.86 -3.94
CA VAL A 125 14.11 23.53 -4.26
C VAL A 125 15.24 23.02 -3.36
N GLU A 126 16.41 22.85 -3.94
CA GLU A 126 17.59 22.36 -3.25
C GLU A 126 18.02 23.33 -2.16
N GLU A 1 -26.72 -22.88 -7.36
CA GLU A 1 -27.55 -23.63 -6.43
C GLU A 1 -26.93 -23.54 -5.06
N ALA A 2 -27.67 -22.94 -4.12
CA ALA A 2 -27.22 -22.71 -2.74
C ALA A 2 -25.99 -21.81 -2.70
N ALA A 3 -25.51 -21.54 -1.52
CA ALA A 3 -24.35 -20.72 -1.36
C ALA A 3 -23.15 -21.59 -1.08
N GLY A 4 -21.99 -21.12 -1.46
CA GLY A 4 -20.76 -21.85 -1.24
C GLY A 4 -20.31 -21.76 0.19
N GLU A 5 -20.18 -22.90 0.81
CA GLU A 5 -19.81 -23.02 2.19
C GLU A 5 -18.30 -22.80 2.39
N ARG A 6 -17.99 -21.91 3.31
CA ARG A 6 -16.64 -21.61 3.80
C ARG A 6 -15.74 -20.95 2.77
N GLU A 7 -16.18 -19.81 2.27
CA GLU A 7 -15.42 -18.98 1.35
C GLU A 7 -15.69 -17.52 1.66
N CYS A 8 -15.15 -16.65 0.88
CA CYS A 8 -15.38 -15.24 1.03
C CYS A 8 -16.42 -14.79 0.01
N GLU A 9 -17.19 -13.79 0.34
CA GLU A 9 -18.25 -13.32 -0.56
C GLU A 9 -18.32 -11.80 -0.64
N LEU A 10 -17.26 -11.14 -0.13
CA LEU A 10 -17.13 -9.68 -0.07
C LEU A 10 -18.10 -9.12 0.97
N PRO A 11 -17.56 -8.79 2.16
CA PRO A 11 -18.34 -8.22 3.26
C PRO A 11 -18.77 -6.78 2.97
N LYS A 12 -19.32 -6.14 3.95
CA LYS A 12 -19.72 -4.76 3.82
C LYS A 12 -18.50 -3.88 3.95
N ILE A 13 -17.94 -3.52 2.83
CA ILE A 13 -16.79 -2.63 2.76
C ILE A 13 -17.22 -1.19 3.05
N ASP A 14 -16.29 -0.28 2.92
CA ASP A 14 -16.58 1.11 3.12
C ASP A 14 -17.41 1.60 1.97
N VAL A 15 -18.25 2.54 2.26
CA VAL A 15 -19.10 3.17 1.29
C VAL A 15 -18.28 3.82 0.15
N HIS A 16 -17.10 4.31 0.46
CA HIS A 16 -16.30 4.96 -0.52
C HIS A 16 -15.26 4.06 -1.09
N LEU A 17 -15.40 2.79 -0.82
CA LEU A 17 -14.44 1.81 -1.28
C LEU A 17 -15.06 1.02 -2.43
N VAL A 18 -14.22 0.54 -3.31
CA VAL A 18 -14.61 -0.30 -4.42
C VAL A 18 -13.53 -1.37 -4.64
N PRO A 19 -13.90 -2.65 -4.51
CA PRO A 19 -12.97 -3.75 -4.72
C PRO A 19 -12.58 -3.93 -6.20
N ASP A 20 -11.30 -4.12 -6.45
CA ASP A 20 -10.75 -4.32 -7.79
C ASP A 20 -11.29 -5.60 -8.38
N ARG A 21 -11.24 -6.67 -7.58
CA ARG A 21 -11.78 -7.96 -8.00
C ARG A 21 -13.27 -7.84 -8.20
N LYS A 22 -13.96 -7.66 -7.09
CA LYS A 22 -15.41 -7.56 -7.03
C LYS A 22 -16.05 -8.73 -7.73
N LYS A 23 -15.92 -9.85 -7.09
CA LYS A 23 -16.48 -11.08 -7.56
C LYS A 23 -17.44 -11.55 -6.49
N ASP A 24 -18.39 -12.38 -6.84
CA ASP A 24 -19.43 -12.76 -5.89
C ASP A 24 -18.91 -13.71 -4.82
N GLN A 25 -18.03 -14.59 -5.21
CA GLN A 25 -17.39 -15.51 -4.28
C GLN A 25 -15.90 -15.44 -4.45
N TYR A 26 -15.20 -15.53 -3.36
CA TYR A 26 -13.78 -15.45 -3.34
C TYR A 26 -13.25 -16.70 -2.71
N LYS A 27 -12.36 -17.33 -3.41
CA LYS A 27 -11.69 -18.51 -2.94
C LYS A 27 -10.76 -18.10 -1.81
N VAL A 28 -10.54 -18.94 -0.87
CA VAL A 28 -9.57 -18.64 0.14
C VAL A 28 -8.17 -18.69 -0.46
N GLY A 29 -7.50 -17.57 -0.40
CA GLY A 29 -6.23 -17.39 -1.04
C GLY A 29 -6.32 -16.32 -2.10
N GLU A 30 -7.55 -15.89 -2.43
CA GLU A 30 -7.76 -14.79 -3.37
C GLU A 30 -7.28 -13.52 -2.75
N VAL A 31 -6.69 -12.68 -3.55
CA VAL A 31 -6.23 -11.41 -3.07
C VAL A 31 -7.02 -10.36 -3.79
N LEU A 32 -7.79 -9.64 -3.05
CA LEU A 32 -8.61 -8.64 -3.60
C LEU A 32 -8.08 -7.30 -3.31
N LYS A 33 -7.59 -6.69 -4.33
CA LYS A 33 -7.15 -5.36 -4.26
C LYS A 33 -8.34 -4.47 -4.16
N PHE A 34 -8.24 -3.46 -3.40
CA PHE A 34 -9.29 -2.50 -3.31
C PHE A 34 -8.84 -1.17 -3.85
N SER A 35 -9.73 -0.24 -3.85
CA SER A 35 -9.52 1.08 -4.27
C SER A 35 -10.68 1.85 -3.70
N CYS A 36 -10.59 3.11 -3.66
CA CYS A 36 -11.68 3.94 -3.18
C CYS A 36 -12.28 4.73 -4.33
N LYS A 37 -13.27 5.54 -4.01
CA LYS A 37 -13.85 6.47 -4.93
C LYS A 37 -12.80 7.43 -5.49
N PRO A 38 -13.09 8.05 -6.64
CA PRO A 38 -12.15 8.93 -7.36
C PRO A 38 -11.46 9.95 -6.47
N GLY A 39 -12.22 10.59 -5.60
CA GLY A 39 -11.69 11.63 -4.78
C GLY A 39 -11.15 11.13 -3.47
N PHE A 40 -11.27 9.86 -3.23
CA PHE A 40 -10.80 9.31 -2.01
C PHE A 40 -9.45 8.71 -2.15
N THR A 41 -8.98 8.20 -1.07
CA THR A 41 -7.70 7.61 -0.98
C THR A 41 -7.86 6.35 -0.19
N ILE A 42 -7.36 5.28 -0.70
CA ILE A 42 -7.43 4.04 0.01
C ILE A 42 -6.23 3.96 0.95
N VAL A 43 -6.41 3.28 2.04
CA VAL A 43 -5.45 3.27 3.08
C VAL A 43 -4.92 1.84 3.33
N GLY A 44 -3.70 1.76 3.85
CA GLY A 44 -3.13 0.51 4.36
C GLY A 44 -3.13 -0.70 3.41
N PRO A 45 -3.74 -1.82 3.86
CA PRO A 45 -3.78 -3.06 3.11
C PRO A 45 -4.83 -3.03 2.01
N ASN A 46 -4.41 -2.68 0.82
CA ASN A 46 -5.33 -2.60 -0.28
C ASN A 46 -5.59 -3.97 -0.84
N SER A 47 -4.64 -4.84 -0.71
CA SER A 47 -4.78 -6.15 -1.22
C SER A 47 -4.83 -7.16 -0.08
N VAL A 48 -6.03 -7.52 0.33
CA VAL A 48 -6.20 -8.48 1.41
C VAL A 48 -6.47 -9.85 0.84
N GLN A 49 -6.19 -10.88 1.59
CA GLN A 49 -6.42 -12.24 1.13
C GLN A 49 -7.67 -12.79 1.74
N CYS A 50 -8.24 -13.74 1.09
CA CYS A 50 -9.30 -14.47 1.70
C CYS A 50 -8.67 -15.54 2.55
N TYR A 51 -8.95 -15.51 3.80
CA TYR A 51 -8.49 -16.50 4.71
C TYR A 51 -9.63 -17.44 4.96
N HIS A 52 -9.34 -18.57 5.56
CA HIS A 52 -10.35 -19.61 5.85
C HIS A 52 -11.55 -19.06 6.66
N PHE A 53 -11.31 -17.99 7.41
CA PHE A 53 -12.33 -17.44 8.28
C PHE A 53 -12.85 -16.11 7.75
N GLY A 54 -12.44 -15.75 6.55
CA GLY A 54 -12.87 -14.51 5.98
C GLY A 54 -11.73 -13.71 5.45
N LEU A 55 -12.02 -12.53 4.95
CA LEU A 55 -10.99 -11.68 4.39
C LEU A 55 -10.10 -11.14 5.49
N SER A 56 -8.82 -11.27 5.32
CA SER A 56 -7.88 -10.79 6.29
C SER A 56 -6.61 -10.28 5.59
N PRO A 57 -5.97 -9.21 6.12
CA PRO A 57 -6.43 -8.52 7.35
C PRO A 57 -7.76 -7.74 7.14
N ASP A 58 -8.17 -6.99 8.14
CA ASP A 58 -9.43 -6.23 8.05
C ASP A 58 -9.35 -5.21 6.93
N LEU A 59 -10.49 -4.92 6.38
CA LEU A 59 -10.61 -4.14 5.19
C LEU A 59 -10.28 -2.65 5.41
N PRO A 60 -9.62 -2.03 4.42
CA PRO A 60 -9.14 -0.65 4.50
C PRO A 60 -10.27 0.38 4.46
N ILE A 61 -9.93 1.60 4.84
CA ILE A 61 -10.86 2.73 4.84
C ILE A 61 -10.54 3.64 3.65
N CYS A 62 -11.23 4.74 3.56
CA CYS A 62 -10.99 5.73 2.55
C CYS A 62 -10.76 7.11 3.22
N LYS A 63 -9.67 7.75 2.87
CA LYS A 63 -9.29 9.03 3.48
C LYS A 63 -9.88 10.26 2.83
N GLU A 64 -9.58 10.40 1.55
CA GLU A 64 -9.90 11.59 0.71
C GLU A 64 -8.86 12.67 0.98
N GLN A 65 -8.73 13.00 2.23
CA GLN A 65 -7.77 13.94 2.66
C GLN A 65 -6.56 13.22 3.20
N VAL A 66 -5.47 13.47 2.57
CA VAL A 66 -4.20 12.91 2.92
C VAL A 66 -3.20 14.03 3.04
N GLN A 67 -2.04 13.73 3.53
CA GLN A 67 -1.04 14.75 3.74
C GLN A 67 -0.21 14.95 2.52
N SER A 68 0.69 15.88 2.58
CA SER A 68 1.55 16.14 1.49
C SER A 68 2.93 15.59 1.79
N CYS A 69 3.14 15.25 3.07
CA CYS A 69 4.30 14.51 3.57
C CYS A 69 5.59 15.33 3.58
N GLY A 70 5.55 16.50 2.95
CA GLY A 70 6.71 17.36 2.84
C GLY A 70 7.85 16.66 2.12
N PRO A 71 9.08 16.88 2.57
CA PRO A 71 10.24 16.18 2.04
C PRO A 71 10.31 14.71 2.52
N PRO A 72 10.96 13.84 1.75
CA PRO A 72 11.13 12.42 2.10
C PRO A 72 12.28 12.21 3.08
N PRO A 73 12.37 11.01 3.66
CA PRO A 73 13.48 10.64 4.53
C PRO A 73 14.78 10.47 3.72
N GLU A 74 15.82 10.08 4.37
CA GLU A 74 17.03 9.81 3.65
C GLU A 74 17.24 8.33 3.61
N LEU A 75 18.06 7.89 2.70
CA LEU A 75 18.31 6.51 2.57
C LEU A 75 19.39 6.11 3.54
N LEU A 76 19.14 5.08 4.32
CA LEU A 76 20.06 4.57 5.34
C LEU A 76 21.51 4.41 4.88
N ASN A 77 21.69 3.98 3.65
CA ASN A 77 23.03 3.82 3.08
C ASN A 77 23.08 4.44 1.70
N GLY A 78 22.26 5.45 1.49
CA GLY A 78 22.25 6.17 0.27
C GLY A 78 21.72 7.56 0.47
N ASN A 79 20.96 8.04 -0.50
CA ASN A 79 20.34 9.36 -0.45
C ASN A 79 19.29 9.46 -1.53
N VAL A 80 18.63 10.60 -1.63
CA VAL A 80 17.62 10.82 -2.64
C VAL A 80 18.31 11.40 -3.87
N LYS A 81 18.01 10.88 -5.06
CA LYS A 81 18.66 11.36 -6.29
C LYS A 81 17.86 12.48 -6.91
N GLU A 82 16.65 12.61 -6.48
CA GLU A 82 15.76 13.60 -6.96
C GLU A 82 15.92 14.81 -6.05
N LYS A 83 15.52 15.99 -6.49
CA LYS A 83 15.52 17.10 -5.55
C LYS A 83 14.38 16.88 -4.62
N THR A 84 14.67 16.84 -3.36
CA THR A 84 13.66 16.73 -2.38
C THR A 84 12.76 17.96 -2.43
N LYS A 85 11.54 17.75 -2.88
CA LYS A 85 10.57 18.80 -2.93
C LYS A 85 10.13 19.11 -1.54
N GLU A 86 9.72 20.32 -1.30
CA GLU A 86 9.35 20.77 0.03
C GLU A 86 7.97 20.23 0.38
N GLU A 87 7.30 19.77 -0.65
CA GLU A 87 6.00 19.22 -0.57
C GLU A 87 5.87 18.17 -1.66
N TYR A 88 5.76 16.94 -1.29
CA TYR A 88 5.65 15.88 -2.25
C TYR A 88 4.23 15.55 -2.65
N GLY A 89 3.45 15.14 -1.71
CA GLY A 89 2.11 14.78 -1.97
C GLY A 89 1.91 13.29 -1.94
N HIS A 90 0.69 12.88 -1.70
CA HIS A 90 0.34 11.49 -1.70
C HIS A 90 0.58 10.88 -3.09
N SER A 91 1.16 9.68 -3.09
CA SER A 91 1.49 8.92 -4.30
C SER A 91 2.65 9.54 -5.10
N GLU A 92 3.37 10.45 -4.49
CA GLU A 92 4.54 10.99 -5.12
C GLU A 92 5.71 10.18 -4.62
N VAL A 93 6.42 9.57 -5.53
CA VAL A 93 7.55 8.71 -5.19
C VAL A 93 8.81 9.52 -5.10
N VAL A 94 9.77 8.96 -4.43
CA VAL A 94 11.06 9.54 -4.31
C VAL A 94 12.13 8.52 -4.66
N GLU A 95 12.82 8.77 -5.74
CA GLU A 95 13.93 7.93 -6.17
C GLU A 95 15.16 8.18 -5.34
N TYR A 96 15.70 7.13 -4.87
CA TYR A 96 16.89 7.12 -4.09
C TYR A 96 18.02 6.49 -4.87
N TYR A 97 19.18 6.53 -4.28
CA TYR A 97 20.37 5.87 -4.77
C TYR A 97 21.17 5.49 -3.54
N CYS A 98 21.79 4.36 -3.54
CA CYS A 98 22.63 3.98 -2.42
C CYS A 98 24.07 4.31 -2.74
N ASN A 99 24.95 4.05 -1.81
CA ASN A 99 26.38 4.21 -2.06
C ASN A 99 26.85 3.11 -2.99
N PRO A 100 27.94 3.35 -3.74
CA PRO A 100 28.48 2.40 -4.77
C PRO A 100 29.20 1.19 -4.16
N ARG A 101 28.65 0.72 -3.09
CA ARG A 101 29.20 -0.36 -2.30
C ARG A 101 28.06 -1.11 -1.63
N PHE A 102 26.84 -0.85 -2.09
CA PHE A 102 25.66 -1.50 -1.54
C PHE A 102 24.70 -1.87 -2.65
N LEU A 103 23.97 -2.89 -2.40
CA LEU A 103 22.93 -3.36 -3.24
C LEU A 103 21.64 -2.72 -2.80
N MET A 104 20.72 -2.57 -3.69
CA MET A 104 19.45 -1.99 -3.35
C MET A 104 18.41 -3.10 -3.38
N LYS A 105 17.93 -3.47 -2.21
CA LYS A 105 17.04 -4.62 -2.05
C LYS A 105 15.65 -4.37 -2.62
N GLY A 106 14.99 -3.40 -2.06
CA GLY A 106 13.63 -3.12 -2.44
C GLY A 106 13.53 -1.99 -3.41
N PRO A 107 12.33 -1.41 -3.56
CA PRO A 107 12.07 -0.33 -4.51
C PRO A 107 12.89 0.92 -4.21
N ASN A 108 13.73 1.33 -5.17
CA ASN A 108 14.58 2.56 -5.04
C ASN A 108 13.77 3.82 -4.94
N LYS A 109 12.49 3.70 -5.01
CA LYS A 109 11.62 4.79 -4.89
C LYS A 109 10.39 4.39 -4.11
N ILE A 110 9.89 5.31 -3.29
CA ILE A 110 8.83 5.04 -2.33
C ILE A 110 7.86 6.19 -2.42
N GLN A 111 6.62 5.93 -2.32
CA GLN A 111 5.64 6.97 -2.42
C GLN A 111 4.99 7.17 -1.08
N CYS A 112 4.56 8.36 -0.82
CA CYS A 112 3.92 8.64 0.45
C CYS A 112 2.50 8.21 0.43
N VAL A 113 2.24 7.42 1.39
CA VAL A 113 1.03 6.77 1.59
C VAL A 113 0.35 7.36 2.80
N ASP A 114 -0.82 7.93 2.56
CA ASP A 114 -1.61 8.70 3.53
C ASP A 114 -0.84 9.96 3.96
N GLY A 115 0.11 9.78 4.82
CA GLY A 115 0.96 10.85 5.25
C GLY A 115 2.19 10.25 5.86
N GLU A 116 2.53 9.07 5.37
CA GLU A 116 3.66 8.32 5.84
C GLU A 116 4.32 7.73 4.62
N TRP A 117 5.59 7.60 4.63
CA TRP A 117 6.25 7.03 3.50
C TRP A 117 6.29 5.51 3.62
N THR A 118 6.50 4.84 2.52
CA THR A 118 6.57 3.41 2.52
C THR A 118 7.96 2.92 2.91
N THR A 119 8.12 1.61 2.94
CA THR A 119 9.38 0.99 3.29
C THR A 119 10.43 1.31 2.23
N LEU A 120 11.53 1.87 2.69
CA LEU A 120 12.64 2.28 1.85
C LEU A 120 13.34 1.10 1.14
N PRO A 121 14.11 1.41 0.07
CA PRO A 121 14.80 0.41 -0.76
C PRO A 121 15.82 -0.44 -0.04
N VAL A 122 16.23 0.02 1.12
CA VAL A 122 17.18 -0.68 2.01
C VAL A 122 18.47 -1.22 1.32
N CYS A 123 19.53 -0.46 1.46
CA CYS A 123 20.82 -0.81 0.89
C CYS A 123 21.49 -1.80 1.79
N ILE A 124 22.15 -2.73 1.20
CA ILE A 124 22.87 -3.77 1.89
C ILE A 124 24.17 -3.96 1.24
N VAL A 125 25.12 -4.28 2.03
CA VAL A 125 26.45 -4.42 1.68
C VAL A 125 26.67 -5.33 0.45
N GLU A 126 27.38 -4.78 -0.53
CA GLU A 126 27.69 -5.47 -1.75
C GLU A 126 29.04 -6.13 -1.57
N GLU A 1 9.22 -19.52 -19.22
CA GLU A 1 9.67 -20.47 -18.21
C GLU A 1 10.23 -21.71 -18.89
N ALA A 2 10.85 -22.57 -18.11
CA ALA A 2 11.38 -23.82 -18.61
C ALA A 2 11.25 -24.91 -17.55
N ALA A 3 10.82 -24.54 -16.35
CA ALA A 3 10.67 -25.49 -15.28
C ALA A 3 9.48 -25.11 -14.43
N GLY A 4 8.90 -26.11 -13.82
CA GLY A 4 7.79 -25.95 -12.94
C GLY A 4 7.75 -27.12 -12.03
N GLU A 5 8.73 -27.18 -11.18
CA GLU A 5 8.98 -28.31 -10.33
C GLU A 5 8.10 -28.27 -9.08
N ARG A 6 7.85 -27.08 -8.59
CA ARG A 6 7.04 -26.88 -7.41
C ARG A 6 6.40 -25.52 -7.45
N GLU A 7 5.27 -25.38 -6.80
CA GLU A 7 4.62 -24.11 -6.68
C GLU A 7 5.09 -23.46 -5.37
N CYS A 8 4.49 -22.39 -4.99
CA CYS A 8 4.86 -21.71 -3.76
C CYS A 8 4.15 -22.29 -2.57
N GLU A 9 4.60 -21.93 -1.42
CA GLU A 9 4.01 -22.32 -0.17
C GLU A 9 4.12 -21.10 0.73
N LEU A 10 3.19 -20.94 1.65
CA LEU A 10 3.19 -19.81 2.56
C LEU A 10 4.30 -20.04 3.61
N PRO A 11 5.28 -19.13 3.69
CA PRO A 11 6.35 -19.21 4.69
C PRO A 11 5.85 -18.76 6.07
N LYS A 12 6.75 -18.45 6.95
CA LYS A 12 6.38 -17.97 8.24
C LYS A 12 6.20 -16.48 8.20
N ILE A 13 4.95 -16.08 8.27
CA ILE A 13 4.55 -14.68 8.33
C ILE A 13 4.93 -14.07 9.67
N ASP A 14 4.44 -12.89 9.91
CA ASP A 14 4.64 -12.24 11.19
C ASP A 14 3.68 -12.88 12.17
N VAL A 15 4.02 -12.87 13.43
CA VAL A 15 3.14 -13.36 14.48
C VAL A 15 1.83 -12.57 14.48
N HIS A 16 1.89 -11.32 14.07
CA HIS A 16 0.72 -10.48 14.01
C HIS A 16 0.22 -10.32 12.58
N LEU A 17 0.68 -11.17 11.69
CA LEU A 17 0.27 -11.11 10.28
C LEU A 17 -0.86 -12.13 10.06
N VAL A 18 -1.63 -11.90 9.02
CA VAL A 18 -2.68 -12.81 8.61
C VAL A 18 -3.05 -12.57 7.12
N PRO A 19 -2.70 -13.54 6.24
CA PRO A 19 -2.95 -13.45 4.80
C PRO A 19 -4.44 -13.61 4.43
N ASP A 20 -4.85 -12.95 3.36
CA ASP A 20 -6.21 -13.09 2.84
C ASP A 20 -6.30 -14.40 2.07
N ARG A 21 -5.29 -14.66 1.24
CA ARG A 21 -5.19 -15.93 0.56
C ARG A 21 -4.72 -16.94 1.56
N LYS A 22 -5.58 -17.82 1.93
CA LYS A 22 -5.23 -18.79 2.91
C LYS A 22 -5.42 -20.16 2.32
N LYS A 23 -4.33 -20.71 1.87
CA LYS A 23 -4.31 -21.99 1.22
C LYS A 23 -2.99 -22.65 1.57
N ASP A 24 -2.76 -23.85 1.12
CA ASP A 24 -1.52 -24.54 1.48
C ASP A 24 -0.40 -24.18 0.51
N GLN A 25 -0.65 -24.40 -0.75
CA GLN A 25 0.32 -24.12 -1.79
C GLN A 25 -0.21 -23.05 -2.69
N TYR A 26 0.65 -22.20 -3.12
CA TYR A 26 0.28 -21.06 -3.90
C TYR A 26 0.77 -21.20 -5.30
N LYS A 27 -0.15 -21.10 -6.22
CA LYS A 27 0.14 -21.18 -7.64
C LYS A 27 1.05 -20.02 -8.02
N VAL A 28 1.98 -20.24 -8.91
CA VAL A 28 2.80 -19.13 -9.37
C VAL A 28 1.93 -18.05 -10.04
N GLY A 29 1.98 -16.88 -9.47
CA GLY A 29 1.10 -15.80 -9.86
C GLY A 29 0.03 -15.55 -8.81
N GLU A 30 -0.07 -16.46 -7.83
CA GLU A 30 -1.00 -16.28 -6.73
C GLU A 30 -0.46 -15.22 -5.83
N VAL A 31 -1.22 -14.22 -5.61
CA VAL A 31 -0.80 -13.17 -4.77
C VAL A 31 -1.44 -13.26 -3.40
N LEU A 32 -0.60 -13.19 -2.42
CA LEU A 32 -1.02 -13.27 -1.06
C LEU A 32 -1.17 -11.88 -0.52
N LYS A 33 -2.37 -11.44 -0.44
CA LYS A 33 -2.68 -10.17 0.13
C LYS A 33 -2.72 -10.30 1.63
N PHE A 34 -1.69 -9.84 2.27
CA PHE A 34 -1.54 -9.95 3.70
C PHE A 34 -2.13 -8.77 4.40
N SER A 35 -2.09 -8.84 5.72
CA SER A 35 -2.37 -7.75 6.58
C SER A 35 -2.18 -8.22 7.98
N CYS A 36 -1.95 -7.31 8.83
CA CYS A 36 -1.71 -7.58 10.20
C CYS A 36 -3.01 -7.67 10.97
N LYS A 37 -2.87 -7.96 12.23
CA LYS A 37 -3.95 -8.00 13.19
C LYS A 37 -4.67 -6.65 13.25
N PRO A 38 -5.89 -6.65 13.82
CA PRO A 38 -6.75 -5.47 13.89
C PRO A 38 -6.06 -4.20 14.42
N GLY A 39 -5.29 -4.35 15.48
CA GLY A 39 -4.65 -3.21 16.10
C GLY A 39 -3.35 -2.85 15.43
N PHE A 40 -2.95 -3.64 14.47
CA PHE A 40 -1.70 -3.43 13.79
C PHE A 40 -1.89 -2.93 12.40
N THR A 41 -0.91 -2.26 11.95
CA THR A 41 -0.83 -1.75 10.65
C THR A 41 0.17 -2.59 9.85
N ILE A 42 -0.21 -3.03 8.69
CA ILE A 42 0.71 -3.75 7.85
C ILE A 42 1.62 -2.74 7.13
N VAL A 43 2.90 -2.88 7.31
CA VAL A 43 3.86 -2.00 6.69
C VAL A 43 4.77 -2.80 5.78
N GLY A 44 4.67 -2.54 4.52
CA GLY A 44 5.49 -3.18 3.56
C GLY A 44 4.66 -3.70 2.43
N PRO A 45 5.19 -4.60 1.60
CA PRO A 45 4.44 -5.20 0.50
C PRO A 45 3.26 -6.01 1.02
N ASN A 46 2.07 -5.54 0.73
CA ASN A 46 0.86 -6.16 1.23
C ASN A 46 0.54 -7.37 0.40
N SER A 47 0.72 -7.23 -0.87
CA SER A 47 0.41 -8.26 -1.80
C SER A 47 1.68 -8.78 -2.46
N VAL A 48 2.17 -9.90 -1.97
CA VAL A 48 3.32 -10.52 -2.57
C VAL A 48 2.81 -11.64 -3.46
N GLN A 49 3.35 -11.80 -4.61
CA GLN A 49 2.87 -12.82 -5.47
C GLN A 49 3.86 -13.95 -5.62
N CYS A 50 3.34 -15.10 -5.91
CA CYS A 50 4.20 -16.26 -6.15
C CYS A 50 4.99 -16.08 -7.42
N TYR A 51 6.28 -16.11 -7.32
CA TYR A 51 7.14 -16.01 -8.48
C TYR A 51 7.72 -17.36 -8.75
N HIS A 52 8.31 -17.53 -9.90
CA HIS A 52 8.90 -18.82 -10.31
C HIS A 52 10.13 -19.22 -9.47
N PHE A 53 10.47 -18.40 -8.50
CA PHE A 53 11.55 -18.70 -7.60
C PHE A 53 11.07 -18.67 -6.14
N GLY A 54 9.80 -18.39 -5.97
CA GLY A 54 9.23 -18.36 -4.64
C GLY A 54 8.39 -17.12 -4.42
N LEU A 55 7.71 -17.04 -3.28
CA LEU A 55 6.89 -15.88 -2.94
C LEU A 55 7.77 -14.64 -2.81
N SER A 56 7.48 -13.63 -3.60
CA SER A 56 8.23 -12.40 -3.56
C SER A 56 7.29 -11.22 -3.83
N PRO A 57 7.56 -10.02 -3.29
CA PRO A 57 8.74 -9.74 -2.43
C PRO A 57 8.68 -10.39 -1.02
N ASP A 58 9.53 -9.92 -0.12
CA ASP A 58 9.56 -10.45 1.25
C ASP A 58 8.34 -9.99 2.04
N LEU A 59 8.11 -10.62 3.16
CA LEU A 59 6.91 -10.40 3.95
C LEU A 59 6.94 -9.10 4.74
N PRO A 60 5.81 -8.39 4.77
CA PRO A 60 5.66 -7.09 5.46
C PRO A 60 5.69 -7.22 6.98
N ILE A 61 5.83 -6.11 7.65
CA ILE A 61 5.88 -6.10 9.10
C ILE A 61 4.60 -5.52 9.68
N CYS A 62 4.49 -5.58 10.98
CA CYS A 62 3.34 -5.09 11.68
C CYS A 62 3.71 -3.93 12.59
N LYS A 63 3.06 -2.82 12.39
CA LYS A 63 3.24 -1.64 13.18
C LYS A 63 1.97 -1.28 13.86
N GLU A 64 1.92 -1.47 15.13
CA GLU A 64 0.77 -1.07 15.90
C GLU A 64 0.78 0.43 16.00
N GLN A 65 1.96 0.93 16.16
CA GLN A 65 2.15 2.33 16.32
C GLN A 65 2.61 2.94 15.03
N VAL A 66 1.65 3.29 14.25
CA VAL A 66 1.88 3.87 12.96
C VAL A 66 1.81 5.40 13.11
N GLN A 67 2.41 6.12 12.19
CA GLN A 67 2.47 7.57 12.31
C GLN A 67 1.25 8.21 11.69
N SER A 68 0.95 9.40 12.14
CA SER A 68 -0.17 10.11 11.61
C SER A 68 0.20 10.97 10.43
N CYS A 69 1.50 11.15 10.22
CA CYS A 69 2.06 11.81 9.03
C CYS A 69 1.81 13.31 9.03
N GLY A 70 1.26 13.80 10.16
CA GLY A 70 0.94 15.20 10.30
C GLY A 70 0.02 15.68 9.20
N PRO A 71 0.24 16.88 8.69
CA PRO A 71 -0.46 17.37 7.53
C PRO A 71 0.22 16.84 6.25
N PRO A 72 -0.55 16.68 5.18
CA PRO A 72 -0.05 16.17 3.91
C PRO A 72 0.69 17.25 3.12
N PRO A 73 1.34 16.88 2.01
CA PRO A 73 1.99 17.85 1.13
C PRO A 73 0.98 18.76 0.41
N GLU A 74 1.45 19.39 -0.62
CA GLU A 74 0.61 20.19 -1.45
C GLU A 74 0.56 19.51 -2.80
N LEU A 75 -0.52 19.64 -3.52
CA LEU A 75 -0.58 19.07 -4.85
C LEU A 75 0.17 20.02 -5.74
N LEU A 76 0.61 19.58 -6.88
CA LEU A 76 1.27 20.49 -7.74
C LEU A 76 0.36 21.50 -8.43
N ASN A 77 -0.71 21.05 -9.02
CA ASN A 77 -1.57 21.96 -9.74
C ASN A 77 -2.97 21.91 -9.20
N GLY A 78 -3.05 21.75 -7.90
CA GLY A 78 -4.31 21.78 -7.20
C GLY A 78 -4.08 21.96 -5.75
N ASN A 79 -4.85 21.28 -4.95
CA ASN A 79 -4.73 21.34 -3.50
C ASN A 79 -5.50 20.21 -2.92
N VAL A 80 -5.65 20.24 -1.64
CA VAL A 80 -6.41 19.31 -0.93
C VAL A 80 -7.85 19.85 -0.87
N LYS A 81 -8.80 19.04 -1.26
CA LYS A 81 -10.20 19.43 -1.18
C LYS A 81 -10.71 19.16 0.22
N GLU A 82 -10.09 18.20 0.87
CA GLU A 82 -10.38 17.86 2.24
C GLU A 82 -9.78 18.95 3.15
N LYS A 83 -10.06 18.93 4.42
CA LYS A 83 -9.45 19.89 5.31
C LYS A 83 -8.16 19.28 5.82
N THR A 84 -7.10 20.03 5.75
CA THR A 84 -5.82 19.53 6.15
C THR A 84 -5.63 19.63 7.64
N LYS A 85 -5.74 18.52 8.28
CA LYS A 85 -5.46 18.43 9.67
C LYS A 85 -4.01 18.08 9.83
N GLU A 86 -3.44 18.44 10.93
CA GLU A 86 -2.03 18.21 11.15
C GLU A 86 -1.80 16.92 11.91
N GLU A 87 -2.66 15.95 11.62
CA GLU A 87 -2.61 14.63 12.15
C GLU A 87 -3.61 13.78 11.37
N TYR A 88 -3.14 13.13 10.34
CA TYR A 88 -4.01 12.30 9.54
C TYR A 88 -4.16 10.89 10.11
N GLY A 89 -3.15 10.11 9.95
CA GLY A 89 -3.18 8.76 10.41
C GLY A 89 -2.95 7.81 9.26
N HIS A 90 -2.71 6.56 9.57
CA HIS A 90 -2.52 5.59 8.55
C HIS A 90 -3.85 5.29 7.86
N SER A 91 -3.80 5.21 6.53
CA SER A 91 -4.98 4.95 5.70
C SER A 91 -5.95 6.12 5.66
N GLU A 92 -5.52 7.25 6.15
CA GLU A 92 -6.29 8.45 6.07
C GLU A 92 -5.91 9.09 4.75
N VAL A 93 -6.86 9.24 3.87
CA VAL A 93 -6.53 9.78 2.58
C VAL A 93 -6.70 11.25 2.55
N VAL A 94 -5.97 11.82 1.68
CA VAL A 94 -6.09 13.16 1.39
C VAL A 94 -6.50 13.21 -0.03
N GLU A 95 -7.74 13.43 -0.23
CA GLU A 95 -8.27 13.49 -1.54
C GLU A 95 -7.88 14.88 -2.06
N TYR A 96 -7.17 14.90 -3.11
CA TYR A 96 -6.73 16.14 -3.73
C TYR A 96 -7.61 16.48 -4.89
N TYR A 97 -7.48 17.68 -5.36
CA TYR A 97 -8.16 18.12 -6.53
C TYR A 97 -7.24 19.07 -7.25
N CYS A 98 -7.24 19.04 -8.54
CA CYS A 98 -6.40 19.93 -9.31
C CYS A 98 -7.29 21.03 -9.86
N ASN A 99 -6.68 22.06 -10.42
CA ASN A 99 -7.43 23.16 -11.02
C ASN A 99 -8.26 22.66 -12.21
N PRO A 100 -9.39 23.32 -12.53
CA PRO A 100 -10.33 22.95 -13.63
C PRO A 100 -9.79 23.24 -15.03
N ARG A 101 -8.54 22.96 -15.18
CA ARG A 101 -7.82 23.19 -16.41
C ARG A 101 -6.70 22.17 -16.55
N PHE A 102 -6.74 21.17 -15.70
CA PHE A 102 -5.77 20.11 -15.71
C PHE A 102 -6.50 18.79 -15.56
N LEU A 103 -5.85 17.76 -15.98
CA LEU A 103 -6.32 16.41 -15.81
C LEU A 103 -5.56 15.83 -14.65
N MET A 104 -6.10 14.82 -14.03
CA MET A 104 -5.49 14.23 -12.87
C MET A 104 -5.08 12.82 -13.22
N LYS A 105 -3.80 12.65 -13.47
CA LYS A 105 -3.26 11.41 -14.02
C LYS A 105 -3.31 10.25 -13.04
N GLY A 106 -2.77 10.45 -11.89
CA GLY A 106 -2.71 9.41 -10.90
C GLY A 106 -3.81 9.50 -9.87
N PRO A 107 -3.72 8.69 -8.79
CA PRO A 107 -4.67 8.68 -7.68
C PRO A 107 -4.81 10.05 -7.07
N ASN A 108 -6.02 10.61 -7.05
CA ASN A 108 -6.24 11.97 -6.52
C ASN A 108 -6.02 12.02 -5.07
N LYS A 109 -6.08 10.91 -4.48
CA LYS A 109 -6.03 10.83 -3.10
C LYS A 109 -4.74 10.16 -2.71
N ILE A 110 -4.30 10.41 -1.52
CA ILE A 110 -3.11 9.78 -1.00
C ILE A 110 -3.34 9.41 0.43
N GLN A 111 -3.13 8.19 0.75
CA GLN A 111 -3.27 7.75 2.10
C GLN A 111 -1.91 7.52 2.64
N CYS A 112 -1.71 7.82 3.88
CA CYS A 112 -0.41 7.68 4.43
C CYS A 112 -0.13 6.29 4.81
N VAL A 113 0.99 5.90 4.33
CA VAL A 113 1.51 4.62 4.44
C VAL A 113 2.64 4.66 5.46
N ASP A 114 2.37 4.09 6.62
CA ASP A 114 3.19 4.17 7.84
C ASP A 114 3.48 5.61 8.29
N GLY A 115 4.36 6.28 7.59
CA GLY A 115 4.64 7.67 7.87
C GLY A 115 5.05 8.39 6.61
N GLU A 116 4.72 7.79 5.47
CA GLU A 116 5.02 8.34 4.17
C GLU A 116 3.75 8.32 3.34
N TRP A 117 3.51 9.35 2.60
CA TRP A 117 2.35 9.37 1.74
C TRP A 117 2.67 8.71 0.44
N THR A 118 1.67 8.37 -0.31
CA THR A 118 1.84 7.82 -1.61
C THR A 118 2.08 8.94 -2.63
N THR A 119 2.23 8.59 -3.87
CA THR A 119 2.47 9.55 -4.93
C THR A 119 1.22 10.36 -5.22
N LEU A 120 1.42 11.65 -5.35
CA LEU A 120 0.38 12.57 -5.65
C LEU A 120 -0.21 12.34 -7.02
N PRO A 121 -1.47 12.72 -7.18
CA PRO A 121 -2.25 12.56 -8.42
C PRO A 121 -1.64 13.17 -9.66
N VAL A 122 -0.75 14.12 -9.47
CA VAL A 122 -0.01 14.80 -10.56
C VAL A 122 -0.88 15.28 -11.75
N CYS A 123 -1.20 16.54 -11.72
CA CYS A 123 -2.05 17.17 -12.69
C CYS A 123 -1.24 17.57 -13.89
N ILE A 124 -1.87 17.53 -15.02
CA ILE A 124 -1.27 17.93 -16.26
C ILE A 124 -2.26 18.72 -17.04
N VAL A 125 -1.78 19.68 -17.81
CA VAL A 125 -2.67 20.56 -18.58
C VAL A 125 -3.52 19.72 -19.55
N GLU A 126 -4.81 20.02 -19.60
CA GLU A 126 -5.76 19.32 -20.46
C GLU A 126 -5.38 19.46 -21.91
N GLU A 1 -10.05 -27.24 -9.26
CA GLU A 1 -9.02 -26.24 -9.33
C GLU A 1 -7.68 -26.90 -9.02
N ALA A 2 -6.59 -26.18 -9.26
CA ALA A 2 -5.21 -26.63 -8.99
C ALA A 2 -4.81 -27.86 -9.82
N ALA A 3 -5.58 -28.16 -10.83
CA ALA A 3 -5.31 -29.29 -11.69
C ALA A 3 -4.51 -28.78 -12.86
N GLY A 4 -5.10 -27.89 -13.58
CA GLY A 4 -4.50 -27.28 -14.73
C GLY A 4 -5.11 -25.95 -14.92
N GLU A 5 -4.83 -25.06 -13.97
CA GLU A 5 -5.44 -23.75 -13.94
C GLU A 5 -5.15 -23.00 -15.20
N ARG A 6 -3.87 -22.99 -15.61
CA ARG A 6 -3.39 -22.38 -16.85
C ARG A 6 -3.43 -20.85 -16.75
N GLU A 7 -4.60 -20.30 -16.61
CA GLU A 7 -4.77 -18.89 -16.49
C GLU A 7 -5.21 -18.55 -15.11
N CYS A 8 -4.79 -17.40 -14.68
CA CYS A 8 -5.00 -16.90 -13.34
C CYS A 8 -6.48 -16.67 -13.06
N GLU A 9 -7.10 -15.87 -13.93
CA GLU A 9 -8.45 -15.35 -13.78
C GLU A 9 -8.52 -14.51 -12.52
N LEU A 10 -9.67 -14.16 -12.09
CA LEU A 10 -9.77 -13.38 -10.91
C LEU A 10 -10.57 -14.21 -9.90
N PRO A 11 -9.96 -14.54 -8.76
CA PRO A 11 -10.58 -15.36 -7.72
C PRO A 11 -11.63 -14.58 -6.91
N LYS A 12 -12.03 -15.13 -5.80
CA LYS A 12 -13.00 -14.47 -4.98
C LYS A 12 -12.34 -13.42 -4.11
N ILE A 13 -12.57 -12.18 -4.46
CA ILE A 13 -12.08 -11.06 -3.67
C ILE A 13 -12.98 -10.87 -2.44
N ASP A 14 -12.82 -9.76 -1.78
CA ASP A 14 -13.65 -9.42 -0.63
C ASP A 14 -14.95 -8.84 -1.14
N VAL A 15 -15.95 -8.81 -0.33
CA VAL A 15 -17.23 -8.28 -0.71
C VAL A 15 -17.18 -6.73 -0.79
N HIS A 16 -16.23 -6.14 -0.09
CA HIS A 16 -16.06 -4.69 -0.13
C HIS A 16 -14.84 -4.31 -0.93
N LEU A 17 -14.30 -5.26 -1.64
CA LEU A 17 -13.10 -5.08 -2.41
C LEU A 17 -13.53 -4.84 -3.86
N VAL A 18 -12.73 -4.15 -4.59
CA VAL A 18 -12.95 -3.86 -5.97
C VAL A 18 -11.60 -3.73 -6.67
N PRO A 19 -11.29 -4.65 -7.57
CA PRO A 19 -10.03 -4.65 -8.31
C PRO A 19 -9.98 -3.56 -9.38
N ASP A 20 -8.81 -3.01 -9.60
CA ASP A 20 -8.58 -2.04 -10.65
C ASP A 20 -8.48 -2.77 -11.96
N ARG A 21 -7.88 -3.94 -11.93
CA ARG A 21 -7.89 -4.80 -13.08
C ARG A 21 -9.21 -5.47 -13.10
N LYS A 22 -9.85 -5.47 -14.22
CA LYS A 22 -11.05 -6.22 -14.33
C LYS A 22 -11.13 -6.81 -15.70
N LYS A 23 -10.61 -8.00 -15.80
CA LYS A 23 -10.60 -8.74 -17.02
C LYS A 23 -10.94 -10.19 -16.68
N ASP A 24 -11.17 -11.01 -17.68
CA ASP A 24 -11.57 -12.39 -17.43
C ASP A 24 -10.40 -13.26 -17.04
N GLN A 25 -9.40 -13.31 -17.87
CA GLN A 25 -8.26 -14.16 -17.61
C GLN A 25 -7.00 -13.34 -17.53
N TYR A 26 -6.29 -13.51 -16.45
CA TYR A 26 -5.08 -12.77 -16.22
C TYR A 26 -3.91 -13.49 -16.75
N LYS A 27 -2.88 -12.75 -17.05
CA LYS A 27 -1.65 -13.28 -17.55
C LYS A 27 -0.76 -13.49 -16.36
N VAL A 28 0.09 -14.50 -16.40
CA VAL A 28 0.97 -14.71 -15.26
C VAL A 28 1.96 -13.56 -15.13
N GLY A 29 2.08 -13.05 -13.94
CA GLY A 29 2.87 -11.87 -13.67
C GLY A 29 2.08 -10.59 -13.88
N GLU A 30 0.80 -10.70 -14.29
CA GLU A 30 -0.07 -9.53 -14.36
C GLU A 30 -0.34 -9.11 -12.96
N VAL A 31 -0.27 -7.86 -12.70
CA VAL A 31 -0.46 -7.39 -11.39
C VAL A 31 -1.85 -6.89 -11.26
N LEU A 32 -2.45 -7.19 -10.16
CA LEU A 32 -3.77 -6.75 -9.91
C LEU A 32 -3.80 -5.84 -8.75
N LYS A 33 -4.07 -4.61 -9.03
CA LYS A 33 -4.26 -3.67 -7.99
C LYS A 33 -5.69 -3.75 -7.54
N PHE A 34 -5.87 -4.02 -6.30
CA PHE A 34 -7.15 -4.11 -5.68
C PHE A 34 -7.34 -2.92 -4.83
N SER A 35 -8.54 -2.78 -4.31
CA SER A 35 -8.84 -1.81 -3.34
C SER A 35 -10.22 -2.05 -2.83
N CYS A 36 -10.63 -1.30 -1.91
CA CYS A 36 -11.90 -1.48 -1.31
C CYS A 36 -12.84 -0.36 -1.68
N LYS A 37 -14.05 -0.46 -1.20
CA LYS A 37 -15.08 0.53 -1.36
C LYS A 37 -14.63 1.91 -0.89
N PRO A 38 -15.34 2.97 -1.35
CA PRO A 38 -14.99 4.38 -1.09
C PRO A 38 -14.79 4.72 0.40
N GLY A 39 -15.44 3.99 1.27
CA GLY A 39 -15.30 4.24 2.68
C GLY A 39 -14.34 3.29 3.34
N PHE A 40 -13.85 2.33 2.60
CA PHE A 40 -13.03 1.30 3.18
C PHE A 40 -11.57 1.43 2.83
N THR A 41 -10.79 0.82 3.63
CA THR A 41 -9.40 0.70 3.45
C THR A 41 -9.04 -0.72 3.09
N ILE A 42 -8.28 -0.86 2.05
CA ILE A 42 -7.78 -2.13 1.65
C ILE A 42 -6.55 -2.47 2.49
N VAL A 43 -6.62 -3.54 3.21
CA VAL A 43 -5.54 -3.94 4.07
C VAL A 43 -4.90 -5.18 3.52
N GLY A 44 -3.60 -5.13 3.36
CA GLY A 44 -2.87 -6.25 2.85
C GLY A 44 -2.20 -5.88 1.54
N PRO A 45 -1.82 -6.87 0.73
CA PRO A 45 -1.21 -6.64 -0.57
C PRO A 45 -2.22 -6.02 -1.54
N ASN A 46 -1.96 -4.80 -1.96
CA ASN A 46 -2.90 -4.12 -2.84
C ASN A 46 -2.64 -4.51 -4.27
N SER A 47 -1.43 -4.90 -4.57
CA SER A 47 -1.08 -5.28 -5.90
C SER A 47 -0.43 -6.65 -5.94
N VAL A 48 -1.24 -7.67 -6.20
CA VAL A 48 -0.76 -9.03 -6.28
C VAL A 48 -0.33 -9.34 -7.69
N GLN A 49 0.31 -10.45 -7.90
CA GLN A 49 0.75 -10.81 -9.22
C GLN A 49 0.00 -12.05 -9.59
N CYS A 50 -0.02 -12.37 -10.82
CA CYS A 50 -0.45 -13.69 -11.16
C CYS A 50 0.73 -14.61 -11.03
N TYR A 51 0.53 -15.70 -10.37
CA TYR A 51 1.51 -16.73 -10.28
C TYR A 51 0.99 -17.89 -11.10
N HIS A 52 1.83 -18.82 -11.46
CA HIS A 52 1.39 -19.94 -12.32
C HIS A 52 0.42 -20.92 -11.62
N PHE A 53 0.11 -20.66 -10.36
CA PHE A 53 -0.84 -21.49 -9.65
C PHE A 53 -2.06 -20.66 -9.23
N GLY A 54 -2.09 -19.41 -9.66
CA GLY A 54 -3.18 -18.52 -9.36
C GLY A 54 -2.70 -17.17 -8.94
N LEU A 55 -3.59 -16.28 -8.58
CA LEU A 55 -3.18 -14.96 -8.14
C LEU A 55 -2.59 -15.07 -6.75
N SER A 56 -1.47 -14.44 -6.54
CA SER A 56 -0.81 -14.49 -5.25
C SER A 56 -0.01 -13.18 -5.03
N PRO A 57 0.24 -12.78 -3.76
CA PRO A 57 -0.19 -13.52 -2.55
C PRO A 57 -1.71 -13.47 -2.32
N ASP A 58 -2.14 -13.91 -1.15
CA ASP A 58 -3.57 -13.95 -0.80
C ASP A 58 -4.19 -12.58 -0.88
N LEU A 59 -5.44 -12.56 -1.26
CA LEU A 59 -6.18 -11.35 -1.48
C LEU A 59 -6.37 -10.53 -0.22
N PRO A 60 -6.30 -9.22 -0.37
CA PRO A 60 -6.46 -8.25 0.71
C PRO A 60 -7.87 -8.26 1.34
N ILE A 61 -7.97 -7.59 2.43
CA ILE A 61 -9.22 -7.47 3.16
C ILE A 61 -9.67 -6.01 3.13
N CYS A 62 -10.79 -5.73 3.73
CA CYS A 62 -11.32 -4.40 3.78
C CYS A 62 -11.66 -4.00 5.20
N LYS A 63 -11.10 -2.90 5.63
CA LYS A 63 -11.37 -2.35 6.93
C LYS A 63 -11.82 -0.95 6.75
N GLU A 64 -12.90 -0.60 7.36
CA GLU A 64 -13.42 0.73 7.21
C GLU A 64 -12.77 1.60 8.26
N GLN A 65 -12.60 1.01 9.40
CA GLN A 65 -12.02 1.69 10.53
C GLN A 65 -10.57 1.32 10.67
N VAL A 66 -9.75 2.20 10.24
CA VAL A 66 -8.33 2.07 10.40
C VAL A 66 -7.88 2.95 11.53
N GLN A 67 -6.62 2.93 11.81
CA GLN A 67 -6.06 3.74 12.85
C GLN A 67 -5.54 5.02 12.22
N SER A 68 -5.16 5.96 13.02
CA SER A 68 -4.64 7.20 12.52
C SER A 68 -3.13 7.24 12.65
N CYS A 69 -2.59 6.23 13.35
CA CYS A 69 -1.14 6.05 13.53
C CYS A 69 -0.48 7.13 14.39
N GLY A 70 -1.29 8.02 14.96
CA GLY A 70 -0.78 9.08 15.80
C GLY A 70 0.29 9.91 15.14
N PRO A 71 1.35 10.23 15.87
CA PRO A 71 2.48 10.96 15.33
C PRO A 71 3.44 10.03 14.55
N PRO A 72 4.08 10.56 13.51
CA PRO A 72 5.06 9.83 12.71
C PRO A 72 6.34 9.51 13.50
N PRO A 73 7.07 8.46 13.06
CA PRO A 73 8.33 8.05 13.69
C PRO A 73 9.46 9.07 13.45
N GLU A 74 10.60 8.81 14.06
CA GLU A 74 11.72 9.67 13.86
C GLU A 74 12.48 9.21 12.65
N LEU A 75 13.04 10.15 11.94
CA LEU A 75 13.84 9.83 10.81
C LEU A 75 15.23 9.45 11.31
N LEU A 76 16.11 9.09 10.43
CA LEU A 76 17.42 8.64 10.84
C LEU A 76 18.32 9.83 11.05
N ASN A 77 18.71 10.44 9.95
CA ASN A 77 19.57 11.61 9.99
C ASN A 77 18.74 12.81 9.62
N GLY A 78 17.49 12.75 9.99
CA GLY A 78 16.60 13.84 9.73
C GLY A 78 15.44 13.86 10.69
N ASN A 79 14.36 14.48 10.28
CA ASN A 79 13.13 14.58 11.06
C ASN A 79 11.94 14.81 10.14
N VAL A 80 10.79 15.07 10.72
CA VAL A 80 9.60 15.38 9.97
C VAL A 80 9.52 16.89 9.85
N LYS A 81 9.16 17.40 8.69
CA LYS A 81 9.10 18.86 8.49
C LYS A 81 7.74 19.39 8.89
N GLU A 82 6.77 18.51 8.88
CA GLU A 82 5.42 18.84 9.28
C GLU A 82 5.32 18.76 10.79
N LYS A 83 4.50 19.61 11.39
CA LYS A 83 4.31 19.54 12.82
C LYS A 83 3.59 18.24 13.13
N THR A 84 4.21 17.46 13.95
CA THR A 84 3.74 16.15 14.26
C THR A 84 2.52 16.17 15.16
N LYS A 85 1.38 16.04 14.56
CA LYS A 85 0.16 16.00 15.32
C LYS A 85 -0.10 14.58 15.82
N GLU A 86 -1.00 14.47 16.76
CA GLU A 86 -1.24 13.22 17.46
C GLU A 86 -2.27 12.33 16.76
N GLU A 87 -2.67 12.73 15.57
CA GLU A 87 -3.63 11.98 14.80
C GLU A 87 -3.47 12.32 13.33
N TYR A 88 -2.89 11.41 12.57
CA TYR A 88 -2.76 11.60 11.15
C TYR A 88 -3.88 10.92 10.37
N GLY A 89 -3.77 9.64 10.11
CA GLY A 89 -4.82 8.93 9.40
C GLY A 89 -4.30 8.10 8.26
N HIS A 90 -5.09 7.13 7.83
CA HIS A 90 -4.73 6.29 6.71
C HIS A 90 -4.93 6.99 5.39
N SER A 91 -3.90 7.70 5.01
CA SER A 91 -3.75 8.39 3.73
C SER A 91 -2.79 9.52 3.99
N GLU A 92 -2.84 10.02 5.21
CA GLU A 92 -2.09 11.17 5.62
C GLU A 92 -0.61 10.82 5.65
N VAL A 93 0.12 11.51 4.83
CA VAL A 93 1.55 11.32 4.69
C VAL A 93 2.26 12.29 5.58
N VAL A 94 3.49 12.02 5.83
CA VAL A 94 4.32 12.89 6.57
C VAL A 94 5.60 13.14 5.79
N GLU A 95 5.78 14.37 5.41
CA GLU A 95 7.00 14.75 4.74
C GLU A 95 8.17 14.81 5.70
N TYR A 96 9.19 14.12 5.37
CA TYR A 96 10.40 14.12 6.12
C TYR A 96 11.45 14.99 5.46
N TYR A 97 12.47 15.31 6.21
CA TYR A 97 13.60 16.03 5.70
C TYR A 97 14.81 15.57 6.47
N CYS A 98 15.87 15.32 5.81
CA CYS A 98 17.10 15.04 6.49
C CYS A 98 17.97 16.25 6.55
N ASN A 99 18.98 16.22 7.40
CA ASN A 99 19.93 17.31 7.54
C ASN A 99 20.60 17.59 6.19
N PRO A 100 21.09 18.83 5.96
CA PRO A 100 21.63 19.29 4.65
C PRO A 100 22.93 18.63 4.20
N ARG A 101 23.19 17.45 4.67
CA ARG A 101 24.39 16.72 4.32
C ARG A 101 23.97 15.44 3.63
N PHE A 102 22.67 15.24 3.57
CA PHE A 102 22.12 13.99 3.13
C PHE A 102 21.07 14.19 2.06
N LEU A 103 20.84 13.13 1.34
CA LEU A 103 19.84 13.05 0.31
C LEU A 103 18.94 11.88 0.63
N MET A 104 17.72 11.91 0.18
CA MET A 104 16.80 10.82 0.45
C MET A 104 16.98 9.68 -0.54
N LYS A 105 16.74 8.49 -0.07
CA LYS A 105 16.78 7.31 -0.91
C LYS A 105 15.37 6.98 -1.37
N GLY A 106 14.49 6.75 -0.43
CA GLY A 106 13.14 6.40 -0.73
C GLY A 106 12.20 7.58 -0.64
N PRO A 107 10.90 7.32 -0.46
CA PRO A 107 9.88 8.37 -0.42
C PRO A 107 10.03 9.23 0.81
N ASN A 108 10.16 10.53 0.60
CA ASN A 108 10.31 11.51 1.69
C ASN A 108 9.10 11.57 2.56
N LYS A 109 8.01 11.06 2.07
CA LYS A 109 6.81 11.09 2.80
C LYS A 109 6.34 9.65 2.95
N ILE A 110 5.57 9.35 3.98
CA ILE A 110 5.06 8.00 4.22
C ILE A 110 3.67 8.17 4.78
N GLN A 111 2.76 7.32 4.43
CA GLN A 111 1.43 7.45 4.96
C GLN A 111 1.10 6.30 5.87
N CYS A 112 0.22 6.56 6.79
CA CYS A 112 -0.25 5.56 7.73
C CYS A 112 -1.07 4.50 7.00
N VAL A 113 -0.66 3.26 7.07
CA VAL A 113 -1.37 2.18 6.44
C VAL A 113 -1.97 1.24 7.47
N ASP A 114 -3.30 1.23 7.51
CA ASP A 114 -4.09 0.47 8.46
C ASP A 114 -3.87 0.97 9.88
N GLY A 115 -2.75 0.66 10.45
CA GLY A 115 -2.44 1.14 11.75
C GLY A 115 -0.97 1.27 11.98
N GLU A 116 -0.19 1.27 10.92
CA GLU A 116 1.24 1.43 11.01
C GLU A 116 1.68 2.29 9.89
N TRP A 117 2.80 2.89 10.02
CA TRP A 117 3.32 3.72 8.99
C TRP A 117 4.03 2.85 7.93
N THR A 118 4.49 3.49 6.90
CA THR A 118 5.15 2.80 5.82
C THR A 118 6.66 2.95 5.88
N THR A 119 7.34 2.35 4.92
CA THR A 119 8.78 2.38 4.82
C THR A 119 9.31 3.81 4.75
N LEU A 120 10.14 4.17 5.71
CA LEU A 120 10.73 5.48 5.78
C LEU A 120 11.65 5.76 4.61
N PRO A 121 11.80 7.06 4.29
CA PRO A 121 12.64 7.50 3.18
C PRO A 121 14.07 6.99 3.26
N VAL A 122 14.70 7.17 4.41
CA VAL A 122 16.12 6.84 4.63
C VAL A 122 17.01 7.81 3.83
N CYS A 123 17.99 8.36 4.48
CA CYS A 123 18.87 9.29 3.81
C CYS A 123 20.31 8.89 3.93
N ILE A 124 21.06 9.34 2.97
CA ILE A 124 22.48 9.07 2.83
C ILE A 124 23.15 10.32 2.41
N VAL A 125 24.37 10.43 2.79
CA VAL A 125 25.17 11.51 2.56
C VAL A 125 25.29 11.85 1.06
N GLU A 126 25.25 13.12 0.78
CA GLU A 126 25.33 13.63 -0.56
C GLU A 126 26.76 13.50 -1.09
N GLU A 1 -14.45 -29.51 14.13
CA GLU A 1 -13.83 -30.39 15.11
C GLU A 1 -13.14 -29.54 16.16
N ALA A 2 -12.18 -28.77 15.72
CA ALA A 2 -11.48 -27.85 16.55
C ALA A 2 -11.70 -26.48 15.97
N ALA A 3 -11.00 -25.49 16.47
CA ALA A 3 -11.06 -24.16 15.91
C ALA A 3 -10.46 -24.18 14.52
N GLY A 4 -9.33 -24.87 14.39
CA GLY A 4 -8.66 -25.01 13.15
C GLY A 4 -9.40 -25.94 12.19
N GLU A 5 -10.32 -25.37 11.46
CA GLU A 5 -11.10 -26.08 10.46
C GLU A 5 -10.42 -25.92 9.09
N ARG A 6 -9.10 -25.75 9.13
CA ARG A 6 -8.25 -25.45 7.99
C ARG A 6 -8.26 -23.97 7.71
N GLU A 7 -7.61 -23.27 8.61
CA GLU A 7 -7.45 -21.85 8.52
C GLU A 7 -5.98 -21.49 8.61
N CYS A 8 -5.69 -20.26 8.88
CA CYS A 8 -4.35 -19.78 8.87
C CYS A 8 -3.71 -19.78 10.27
N GLU A 9 -2.43 -19.95 10.28
CA GLU A 9 -1.63 -19.99 11.50
C GLU A 9 -0.51 -18.93 11.40
N LEU A 10 -0.44 -18.28 10.22
CA LEU A 10 0.56 -17.24 9.83
C LEU A 10 1.86 -17.98 9.49
N PRO A 11 2.39 -17.81 8.28
CA PRO A 11 3.66 -18.39 7.89
C PRO A 11 4.83 -17.69 8.62
N LYS A 12 6.03 -18.04 8.29
CA LYS A 12 7.16 -17.42 8.89
C LYS A 12 7.54 -16.21 8.07
N ILE A 13 7.19 -15.05 8.60
CA ILE A 13 7.42 -13.78 7.94
C ILE A 13 8.87 -13.37 8.01
N ASP A 14 9.14 -12.20 7.49
CA ASP A 14 10.47 -11.63 7.54
C ASP A 14 10.71 -11.19 8.96
N VAL A 15 11.93 -11.19 9.34
CA VAL A 15 12.35 -10.78 10.65
C VAL A 15 11.97 -9.30 10.89
N HIS A 16 12.06 -8.50 9.85
CA HIS A 16 11.80 -7.09 9.94
C HIS A 16 10.36 -6.77 9.59
N LEU A 17 9.54 -7.77 9.42
CA LEU A 17 8.15 -7.56 9.06
C LEU A 17 7.29 -7.58 10.32
N VAL A 18 6.21 -6.84 10.32
CA VAL A 18 5.28 -6.82 11.44
C VAL A 18 3.82 -6.82 10.92
N PRO A 19 3.06 -7.85 11.25
CA PRO A 19 1.65 -7.91 10.88
C PRO A 19 0.80 -6.99 11.78
N ASP A 20 -0.05 -6.18 11.17
CA ASP A 20 -0.95 -5.25 11.91
C ASP A 20 -1.94 -6.02 12.78
N ARG A 21 -2.29 -7.22 12.36
CA ARG A 21 -3.18 -8.05 13.15
C ARG A 21 -2.46 -8.61 14.36
N LYS A 22 -1.54 -9.55 14.09
CA LYS A 22 -0.77 -10.25 15.10
C LYS A 22 -1.68 -11.03 16.06
N LYS A 23 -2.01 -12.20 15.63
CA LYS A 23 -2.81 -13.11 16.40
C LYS A 23 -2.26 -14.51 16.16
N ASP A 24 -2.77 -15.49 16.86
CA ASP A 24 -2.28 -16.85 16.67
C ASP A 24 -2.87 -17.53 15.47
N GLN A 25 -4.15 -17.76 15.50
CA GLN A 25 -4.82 -18.39 14.38
C GLN A 25 -5.60 -17.36 13.66
N TYR A 26 -5.60 -17.47 12.38
CA TYR A 26 -6.24 -16.51 11.54
C TYR A 26 -7.37 -17.14 10.80
N LYS A 27 -8.50 -16.54 10.94
CA LYS A 27 -9.71 -17.00 10.32
C LYS A 27 -9.61 -16.76 8.83
N VAL A 28 -10.14 -17.63 8.02
CA VAL A 28 -10.09 -17.37 6.60
C VAL A 28 -10.90 -16.12 6.28
N GLY A 29 -10.33 -15.28 5.48
CA GLY A 29 -10.90 -14.00 5.20
C GLY A 29 -10.17 -12.91 5.98
N GLU A 30 -9.44 -13.31 7.03
CA GLU A 30 -8.68 -12.37 7.84
C GLU A 30 -7.55 -11.84 6.98
N VAL A 31 -7.65 -10.60 6.60
CA VAL A 31 -6.63 -10.01 5.78
C VAL A 31 -5.61 -9.33 6.64
N LEU A 32 -4.39 -9.71 6.45
CA LEU A 32 -3.37 -9.25 7.30
C LEU A 32 -2.59 -8.20 6.64
N LYS A 33 -2.83 -7.00 7.06
CA LYS A 33 -2.07 -5.90 6.62
C LYS A 33 -0.73 -5.95 7.31
N PHE A 34 0.28 -6.18 6.56
CA PHE A 34 1.59 -6.19 7.11
C PHE A 34 2.21 -4.84 6.94
N SER A 35 3.35 -4.72 7.50
CA SER A 35 4.18 -3.61 7.39
C SER A 35 5.52 -4.14 7.84
N CYS A 36 6.48 -3.33 7.85
CA CYS A 36 7.77 -3.72 8.31
C CYS A 36 8.12 -2.88 9.52
N LYS A 37 9.30 -3.10 10.06
CA LYS A 37 9.87 -2.33 11.15
C LYS A 37 9.82 -0.83 10.86
N PRO A 38 9.97 0.00 11.89
CA PRO A 38 9.88 1.47 11.80
C PRO A 38 10.71 2.05 10.64
N GLY A 39 11.93 1.61 10.50
CA GLY A 39 12.78 2.09 9.45
C GLY A 39 12.67 1.27 8.16
N PHE A 40 11.77 0.32 8.12
CA PHE A 40 11.64 -0.51 6.96
C PHE A 40 10.40 -0.28 6.16
N THR A 41 10.61 -0.19 4.89
CA THR A 41 9.56 -0.07 3.95
C THR A 41 9.07 -1.45 3.51
N ILE A 42 7.78 -1.67 3.60
CA ILE A 42 7.18 -2.88 3.11
C ILE A 42 6.90 -2.71 1.61
N VAL A 43 7.26 -3.69 0.83
CA VAL A 43 7.03 -3.68 -0.59
C VAL A 43 6.37 -5.00 -1.00
N GLY A 44 5.37 -4.93 -1.83
CA GLY A 44 4.63 -6.09 -2.25
C GLY A 44 3.22 -6.02 -1.75
N PRO A 45 2.51 -7.14 -1.70
CA PRO A 45 1.16 -7.17 -1.16
C PRO A 45 1.19 -6.96 0.35
N ASN A 46 0.61 -5.88 0.81
CA ASN A 46 0.67 -5.55 2.22
C ASN A 46 -0.42 -6.32 2.94
N SER A 47 -1.55 -6.41 2.32
CA SER A 47 -2.70 -7.06 2.88
C SER A 47 -3.05 -8.33 2.15
N VAL A 48 -2.61 -9.44 2.70
CA VAL A 48 -2.91 -10.74 2.14
C VAL A 48 -4.06 -11.36 2.94
N GLN A 49 -4.92 -12.10 2.30
CA GLN A 49 -6.08 -12.68 2.98
C GLN A 49 -5.79 -14.06 3.40
N CYS A 50 -6.40 -14.43 4.47
CA CYS A 50 -6.37 -15.83 4.83
C CYS A 50 -7.27 -16.60 3.91
N TYR A 51 -6.74 -17.55 3.25
CA TYR A 51 -7.53 -18.45 2.50
C TYR A 51 -7.46 -19.79 3.20
N HIS A 52 -8.36 -20.70 2.91
CA HIS A 52 -8.37 -22.03 3.60
C HIS A 52 -7.12 -22.89 3.30
N PHE A 53 -6.26 -22.38 2.45
CA PHE A 53 -5.02 -23.04 2.12
C PHE A 53 -3.81 -22.23 2.58
N GLY A 54 -4.07 -21.11 3.22
CA GLY A 54 -3.03 -20.27 3.75
C GLY A 54 -3.22 -18.81 3.40
N LEU A 55 -2.43 -17.93 4.00
CA LEU A 55 -2.49 -16.50 3.71
C LEU A 55 -2.01 -16.30 2.28
N SER A 56 -2.86 -15.76 1.45
CA SER A 56 -2.53 -15.54 0.07
C SER A 56 -2.91 -14.11 -0.34
N PRO A 57 -2.11 -13.46 -1.22
CA PRO A 57 -0.89 -14.04 -1.81
C PRO A 57 0.26 -14.21 -0.79
N ASP A 58 1.47 -14.42 -1.27
CA ASP A 58 2.59 -14.63 -0.37
C ASP A 58 3.03 -13.34 0.24
N LEU A 59 3.92 -13.45 1.17
CA LEU A 59 4.34 -12.34 1.99
C LEU A 59 5.13 -11.29 1.22
N PRO A 60 4.99 -10.04 1.65
CA PRO A 60 5.73 -8.89 1.12
C PRO A 60 7.18 -8.88 1.63
N ILE A 61 7.94 -7.87 1.26
CA ILE A 61 9.32 -7.78 1.68
C ILE A 61 9.57 -6.47 2.40
N CYS A 62 10.70 -6.41 3.05
CA CYS A 62 11.16 -5.22 3.74
C CYS A 62 12.37 -4.65 3.01
N LYS A 63 12.24 -3.44 2.47
CA LYS A 63 13.33 -2.85 1.69
C LYS A 63 14.21 -1.89 2.45
N GLU A 64 13.70 -1.34 3.54
CA GLU A 64 14.38 -0.30 4.35
C GLU A 64 14.45 0.98 3.54
N GLN A 65 15.25 0.95 2.53
CA GLN A 65 15.40 2.05 1.66
C GLN A 65 14.67 1.75 0.38
N VAL A 66 13.67 2.50 0.15
CA VAL A 66 12.84 2.37 -1.00
C VAL A 66 13.10 3.62 -1.86
N GLN A 67 12.54 3.73 -3.05
CA GLN A 67 12.79 4.91 -3.84
C GLN A 67 11.85 6.01 -3.42
N SER A 68 12.12 7.20 -3.85
CA SER A 68 11.32 8.32 -3.45
C SER A 68 10.43 8.81 -4.57
N CYS A 69 10.76 8.40 -5.80
CA CYS A 69 9.99 8.69 -7.01
C CYS A 69 10.07 10.16 -7.42
N GLY A 70 10.94 10.92 -6.74
CA GLY A 70 11.13 12.34 -7.02
C GLY A 70 9.83 13.13 -6.96
N PRO A 71 9.68 14.13 -7.84
CA PRO A 71 8.44 14.87 -7.97
C PRO A 71 7.37 14.04 -8.69
N PRO A 72 6.11 14.25 -8.36
CA PRO A 72 5.00 13.50 -8.95
C PRO A 72 4.55 14.07 -10.30
N PRO A 73 3.76 13.29 -11.05
CA PRO A 73 3.21 13.75 -12.33
C PRO A 73 2.13 14.82 -12.13
N GLU A 74 1.59 15.32 -13.20
CA GLU A 74 0.52 16.28 -13.13
C GLU A 74 -0.80 15.58 -13.40
N LEU A 75 -1.87 16.21 -13.05
CA LEU A 75 -3.17 15.64 -13.25
C LEU A 75 -3.69 16.10 -14.58
N LEU A 76 -4.23 15.16 -15.34
CA LEU A 76 -4.80 15.38 -16.67
C LEU A 76 -5.68 16.63 -16.70
N ASN A 77 -6.73 16.64 -15.90
CA ASN A 77 -7.68 17.77 -15.84
C ASN A 77 -7.77 18.32 -14.43
N GLY A 78 -6.69 18.22 -13.71
CA GLY A 78 -6.59 18.79 -12.40
C GLY A 78 -5.17 19.17 -12.12
N ASN A 79 -4.81 19.28 -10.88
CA ASN A 79 -3.44 19.61 -10.49
C ASN A 79 -3.16 19.09 -9.12
N VAL A 80 -1.94 19.23 -8.71
CA VAL A 80 -1.55 18.88 -7.37
C VAL A 80 -1.87 20.08 -6.48
N LYS A 81 -2.58 19.84 -5.39
CA LYS A 81 -2.92 20.91 -4.44
C LYS A 81 -1.78 21.13 -3.46
N GLU A 82 -0.96 20.13 -3.37
CA GLU A 82 0.15 20.10 -2.46
C GLU A 82 1.41 20.65 -3.10
N LYS A 83 2.37 20.97 -2.27
CA LYS A 83 3.67 21.39 -2.71
C LYS A 83 4.43 20.19 -3.21
N THR A 84 4.91 20.27 -4.41
CA THR A 84 5.61 19.20 -5.00
C THR A 84 7.06 19.16 -4.55
N LYS A 85 7.39 18.13 -3.83
CA LYS A 85 8.73 17.90 -3.38
C LYS A 85 9.49 17.19 -4.49
N GLU A 86 10.78 17.24 -4.44
CA GLU A 86 11.59 16.58 -5.44
C GLU A 86 12.08 15.25 -4.89
N GLU A 87 11.52 14.90 -3.76
CA GLU A 87 11.80 13.68 -3.07
C GLU A 87 10.62 13.38 -2.17
N TYR A 88 9.73 12.56 -2.64
CA TYR A 88 8.59 12.19 -1.84
C TYR A 88 8.89 11.02 -0.93
N GLY A 89 8.91 9.84 -1.48
CA GLY A 89 9.17 8.68 -0.69
C GLY A 89 7.97 7.76 -0.68
N HIS A 90 8.16 6.57 -0.17
CA HIS A 90 7.08 5.65 -0.04
C HIS A 90 6.16 6.13 1.07
N SER A 91 4.87 5.86 0.94
CA SER A 91 3.81 6.32 1.84
C SER A 91 3.60 7.85 1.82
N GLU A 92 4.36 8.53 0.97
CA GLU A 92 4.19 9.93 0.80
C GLU A 92 3.25 10.10 -0.36
N VAL A 93 2.11 10.58 -0.08
CA VAL A 93 1.10 10.73 -1.08
C VAL A 93 1.09 12.14 -1.58
N VAL A 94 0.54 12.29 -2.72
CA VAL A 94 0.38 13.57 -3.28
C VAL A 94 -1.09 13.80 -3.53
N GLU A 95 -1.67 14.64 -2.73
CA GLU A 95 -3.05 15.03 -2.91
C GLU A 95 -3.19 15.88 -4.18
N TYR A 96 -4.06 15.46 -5.03
CA TYR A 96 -4.41 16.18 -6.22
C TYR A 96 -5.81 16.71 -6.06
N TYR A 97 -6.22 17.53 -6.98
CA TYR A 97 -7.56 18.02 -7.03
C TYR A 97 -7.88 18.27 -8.51
N CYS A 98 -9.07 17.97 -8.93
CA CYS A 98 -9.45 18.21 -10.29
C CYS A 98 -10.27 19.48 -10.36
N ASN A 99 -10.42 20.02 -11.55
CA ASN A 99 -11.22 21.23 -11.75
C ASN A 99 -12.69 20.96 -11.44
N PRO A 100 -13.49 22.01 -11.12
CA PRO A 100 -14.91 21.88 -10.70
C PRO A 100 -15.86 21.49 -11.84
N ARG A 101 -15.27 21.04 -12.90
CA ARG A 101 -15.98 20.61 -14.07
C ARG A 101 -15.90 19.11 -14.16
N PHE A 102 -15.16 18.54 -13.22
CA PHE A 102 -14.89 17.14 -13.26
C PHE A 102 -15.09 16.52 -11.91
N LEU A 103 -15.32 15.25 -11.95
CA LEU A 103 -15.39 14.39 -10.81
C LEU A 103 -14.03 13.71 -10.73
N MET A 104 -13.73 13.10 -9.64
CA MET A 104 -12.45 12.47 -9.48
C MET A 104 -12.69 11.00 -9.23
N LYS A 105 -12.26 10.17 -10.15
CA LYS A 105 -12.58 8.75 -10.15
C LYS A 105 -11.86 7.99 -9.04
N GLY A 106 -10.57 7.89 -9.16
CA GLY A 106 -9.78 7.12 -8.26
C GLY A 106 -9.30 7.92 -7.06
N PRO A 107 -8.27 7.41 -6.38
CA PRO A 107 -7.69 8.08 -5.22
C PRO A 107 -7.10 9.42 -5.59
N ASN A 108 -7.57 10.48 -4.93
CA ASN A 108 -7.09 11.85 -5.18
C ASN A 108 -5.63 12.00 -4.88
N LYS A 109 -5.10 11.06 -4.18
CA LYS A 109 -3.76 11.12 -3.76
C LYS A 109 -3.05 9.90 -4.30
N ILE A 110 -1.75 9.98 -4.49
CA ILE A 110 -0.99 8.86 -5.02
C ILE A 110 0.30 8.75 -4.27
N GLN A 111 0.76 7.57 -4.05
CA GLN A 111 1.95 7.40 -3.27
C GLN A 111 2.99 6.66 -4.05
N CYS A 112 4.22 6.93 -3.75
CA CYS A 112 5.31 6.27 -4.40
C CYS A 112 5.49 4.86 -3.83
N VAL A 113 5.15 3.87 -4.61
CA VAL A 113 5.29 2.51 -4.17
C VAL A 113 6.52 1.85 -4.79
N ASP A 114 7.51 1.64 -3.94
CA ASP A 114 8.82 1.05 -4.29
C ASP A 114 9.65 1.95 -5.17
N GLY A 115 9.17 2.24 -6.34
CA GLY A 115 9.81 3.17 -7.21
C GLY A 115 8.88 3.62 -8.32
N GLU A 116 7.59 3.44 -8.11
CA GLU A 116 6.59 3.89 -9.06
C GLU A 116 5.45 4.49 -8.31
N TRP A 117 4.87 5.51 -8.84
CA TRP A 117 3.70 6.10 -8.24
C TRP A 117 2.50 5.22 -8.52
N THR A 118 1.49 5.36 -7.71
CA THR A 118 0.27 4.64 -7.90
C THR A 118 -0.58 5.28 -9.02
N THR A 119 -1.66 4.64 -9.36
CA THR A 119 -2.53 5.10 -10.41
C THR A 119 -3.18 6.43 -10.03
N LEU A 120 -3.14 7.36 -10.97
CA LEU A 120 -3.69 8.67 -10.79
C LEU A 120 -5.19 8.65 -10.61
N PRO A 121 -5.70 9.64 -9.87
CA PRO A 121 -7.13 9.78 -9.58
C PRO A 121 -8.00 9.86 -10.84
N VAL A 122 -7.53 10.63 -11.81
CA VAL A 122 -8.23 10.83 -13.10
C VAL A 122 -9.57 11.58 -12.95
N CYS A 123 -9.65 12.68 -13.64
CA CYS A 123 -10.83 13.53 -13.64
C CYS A 123 -11.71 13.15 -14.82
N ILE A 124 -12.99 13.24 -14.62
CA ILE A 124 -13.97 12.97 -15.66
C ILE A 124 -15.05 14.01 -15.55
N VAL A 125 -15.61 14.43 -16.66
CA VAL A 125 -16.58 15.52 -16.68
C VAL A 125 -17.80 15.20 -15.82
N GLU A 126 -18.19 16.14 -14.99
CA GLU A 126 -19.32 15.99 -14.09
C GLU A 126 -20.62 15.88 -14.90
N GLU A 1 29.02 -19.78 26.01
CA GLU A 1 28.70 -20.04 24.61
C GLU A 1 28.18 -18.79 23.96
N ALA A 2 27.98 -18.83 22.67
CA ALA A 2 27.41 -17.71 21.97
C ALA A 2 25.91 -17.76 22.13
N ALA A 3 25.41 -16.99 23.05
CA ALA A 3 24.01 -17.00 23.34
C ALA A 3 23.36 -15.73 22.83
N GLY A 4 22.49 -15.88 21.88
CA GLY A 4 21.80 -14.76 21.36
C GLY A 4 21.58 -14.88 19.89
N GLU A 5 20.49 -15.50 19.52
CA GLU A 5 20.18 -15.65 18.13
C GLU A 5 19.44 -14.43 17.66
N ARG A 6 20.20 -13.44 17.26
CA ARG A 6 19.64 -12.20 16.83
C ARG A 6 19.22 -12.22 15.38
N GLU A 7 18.07 -12.81 15.20
CA GLU A 7 17.38 -12.89 13.95
C GLU A 7 15.97 -12.49 14.19
N CYS A 8 15.24 -12.35 13.17
CA CYS A 8 13.89 -11.95 13.28
C CYS A 8 12.94 -13.14 13.26
N GLU A 9 12.16 -13.27 14.29
CA GLU A 9 11.10 -14.25 14.36
C GLU A 9 9.84 -13.51 14.04
N LEU A 10 8.95 -14.12 13.28
CA LEU A 10 7.68 -13.52 12.95
C LEU A 10 6.92 -13.20 14.26
N PRO A 11 6.73 -11.92 14.56
CA PRO A 11 6.12 -11.44 15.79
C PRO A 11 4.58 -11.44 15.73
N LYS A 12 3.97 -10.65 16.59
CA LYS A 12 2.53 -10.57 16.64
C LYS A 12 2.06 -9.62 15.57
N ILE A 13 1.75 -10.17 14.42
CA ILE A 13 1.19 -9.37 13.35
C ILE A 13 -0.26 -9.02 13.67
N ASP A 14 -1.15 -9.87 13.29
CA ASP A 14 -2.54 -9.77 13.60
C ASP A 14 -3.07 -11.15 13.41
N VAL A 15 -4.28 -11.38 13.75
CA VAL A 15 -4.87 -12.67 13.54
C VAL A 15 -5.38 -12.76 12.09
N HIS A 16 -5.75 -11.62 11.53
CA HIS A 16 -6.28 -11.57 10.16
C HIS A 16 -5.21 -11.15 9.19
N LEU A 17 -4.01 -10.97 9.67
CA LEU A 17 -2.89 -10.53 8.86
C LEU A 17 -2.12 -11.77 8.43
N VAL A 18 -1.55 -11.73 7.26
CA VAL A 18 -0.80 -12.83 6.71
C VAL A 18 0.44 -12.26 6.03
N PRO A 19 1.60 -12.66 6.44
CA PRO A 19 2.83 -12.27 5.79
C PRO A 19 3.03 -13.01 4.44
N ASP A 20 3.53 -12.27 3.49
CA ASP A 20 3.81 -12.72 2.13
C ASP A 20 4.91 -13.77 2.11
N ARG A 21 5.91 -13.56 2.96
CA ARG A 21 7.01 -14.51 3.09
C ARG A 21 6.53 -15.71 3.89
N LYS A 22 6.25 -15.46 5.16
CA LYS A 22 5.83 -16.46 6.12
C LYS A 22 6.86 -17.59 6.23
N LYS A 23 7.89 -17.29 6.95
CA LYS A 23 8.96 -18.22 7.19
C LYS A 23 9.26 -18.19 8.69
N ASP A 24 10.15 -19.04 9.14
CA ASP A 24 10.43 -19.18 10.57
C ASP A 24 11.29 -18.05 11.09
N GLN A 25 12.46 -17.88 10.50
CA GLN A 25 13.36 -16.85 10.90
C GLN A 25 13.67 -15.98 9.72
N TYR A 26 13.78 -14.72 9.96
CA TYR A 26 14.06 -13.77 8.94
C TYR A 26 15.43 -13.21 9.18
N LYS A 27 16.26 -13.28 8.17
CA LYS A 27 17.59 -12.73 8.22
C LYS A 27 17.48 -11.21 8.23
N VAL A 28 18.32 -10.55 8.97
CA VAL A 28 18.30 -9.11 9.02
C VAL A 28 18.55 -8.50 7.62
N GLY A 29 17.53 -7.80 7.16
CA GLY A 29 17.51 -7.25 5.83
C GLY A 29 16.33 -7.79 5.03
N GLU A 30 15.81 -8.96 5.45
CA GLU A 30 14.64 -9.60 4.77
C GLU A 30 13.46 -8.68 4.79
N VAL A 31 12.73 -8.63 3.70
CA VAL A 31 11.55 -7.83 3.68
C VAL A 31 10.36 -8.75 3.61
N LEU A 32 9.38 -8.47 4.38
CA LEU A 32 8.21 -9.23 4.41
C LEU A 32 6.99 -8.43 4.29
N LYS A 33 6.32 -8.61 3.18
CA LYS A 33 5.08 -7.97 2.96
C LYS A 33 4.00 -8.64 3.75
N PHE A 34 3.08 -7.90 4.16
CA PHE A 34 1.95 -8.37 4.88
C PHE A 34 0.70 -8.02 4.16
N SER A 35 -0.37 -8.63 4.57
CA SER A 35 -1.65 -8.25 4.12
C SER A 35 -2.63 -9.04 4.90
N CYS A 36 -3.78 -8.52 5.02
CA CYS A 36 -4.81 -9.15 5.75
C CYS A 36 -5.61 -10.08 4.87
N LYS A 37 -6.55 -10.77 5.47
CA LYS A 37 -7.46 -11.66 4.81
C LYS A 37 -8.22 -10.96 3.68
N PRO A 38 -8.83 -11.75 2.75
CA PRO A 38 -9.51 -11.25 1.54
C PRO A 38 -10.43 -10.03 1.76
N GLY A 39 -11.21 -10.06 2.82
CA GLY A 39 -12.14 -8.99 3.08
C GLY A 39 -11.55 -7.88 3.90
N PHE A 40 -10.38 -8.09 4.45
CA PHE A 40 -9.77 -7.12 5.31
C PHE A 40 -8.77 -6.27 4.59
N THR A 41 -8.58 -5.13 5.14
CA THR A 41 -7.62 -4.21 4.69
C THR A 41 -6.48 -4.15 5.68
N ILE A 42 -5.30 -4.33 5.18
CA ILE A 42 -4.12 -4.15 5.96
C ILE A 42 -3.88 -2.65 6.17
N VAL A 43 -3.90 -2.25 7.40
CA VAL A 43 -3.70 -0.86 7.72
C VAL A 43 -2.37 -0.71 8.42
N GLY A 44 -1.47 -0.07 7.75
CA GLY A 44 -0.16 0.14 8.29
C GLY A 44 0.89 -0.19 7.27
N PRO A 45 2.08 -0.54 7.71
CA PRO A 45 3.18 -0.92 6.82
C PRO A 45 2.98 -2.29 6.21
N ASN A 46 2.97 -2.33 4.91
CA ASN A 46 2.84 -3.56 4.18
C ASN A 46 4.14 -4.31 4.10
N SER A 47 5.22 -3.64 3.99
CA SER A 47 6.46 -4.31 3.82
C SER A 47 7.49 -3.89 4.86
N VAL A 48 7.66 -4.72 5.87
CA VAL A 48 8.62 -4.42 6.90
C VAL A 48 9.90 -5.17 6.62
N GLN A 49 10.97 -4.74 7.23
CA GLN A 49 12.23 -5.36 7.04
C GLN A 49 12.68 -5.94 8.34
N CYS A 50 13.57 -6.87 8.26
CA CYS A 50 14.20 -7.31 9.45
C CYS A 50 15.28 -6.33 9.79
N TYR A 51 15.04 -5.52 10.75
CA TYR A 51 16.05 -4.63 11.23
C TYR A 51 16.82 -5.39 12.29
N HIS A 52 17.96 -4.89 12.72
CA HIS A 52 18.76 -5.67 13.69
C HIS A 52 18.16 -5.65 15.10
N PHE A 53 17.04 -4.94 15.26
CA PHE A 53 16.34 -4.96 16.52
C PHE A 53 14.95 -5.57 16.35
N GLY A 54 14.68 -6.12 15.18
CA GLY A 54 13.43 -6.80 14.94
C GLY A 54 12.76 -6.37 13.66
N LEU A 55 11.66 -7.04 13.32
CA LEU A 55 10.88 -6.71 12.12
C LEU A 55 10.33 -5.31 12.29
N SER A 56 10.85 -4.40 11.54
CA SER A 56 10.47 -3.03 11.68
C SER A 56 10.07 -2.47 10.32
N PRO A 57 9.12 -1.51 10.29
CA PRO A 57 8.48 -0.95 11.49
C PRO A 57 7.45 -1.92 12.15
N ASP A 58 6.70 -1.42 13.14
CA ASP A 58 5.69 -2.22 13.87
C ASP A 58 4.66 -2.81 12.91
N LEU A 59 4.12 -3.94 13.29
CA LEU A 59 3.22 -4.73 12.46
C LEU A 59 1.90 -4.02 12.22
N PRO A 60 1.42 -4.06 10.98
CA PRO A 60 0.16 -3.45 10.58
C PRO A 60 -1.04 -4.12 11.25
N ILE A 61 -2.17 -3.53 11.09
CA ILE A 61 -3.41 -4.05 11.65
C ILE A 61 -4.35 -4.44 10.52
N CYS A 62 -5.51 -4.93 10.86
CA CYS A 62 -6.49 -5.31 9.88
C CYS A 62 -7.81 -4.59 10.15
N LYS A 63 -8.32 -3.95 9.14
CA LYS A 63 -9.61 -3.31 9.19
C LYS A 63 -10.46 -3.85 8.08
N GLU A 64 -11.59 -4.43 8.39
CA GLU A 64 -12.43 -4.95 7.35
C GLU A 64 -13.24 -3.80 6.75
N GLN A 65 -13.48 -2.79 7.56
CA GLN A 65 -14.24 -1.66 7.13
C GLN A 65 -13.35 -0.50 6.79
N VAL A 66 -13.32 -0.18 5.53
CA VAL A 66 -12.55 0.91 4.98
C VAL A 66 -13.44 1.72 4.09
N GLN A 67 -12.93 2.83 3.63
CA GLN A 67 -13.68 3.73 2.81
C GLN A 67 -13.35 3.41 1.38
N SER A 68 -14.14 3.89 0.49
CA SER A 68 -13.93 3.67 -0.90
C SER A 68 -13.52 4.98 -1.58
N CYS A 69 -13.50 6.05 -0.79
CA CYS A 69 -13.08 7.40 -1.19
C CYS A 69 -14.04 8.11 -2.14
N GLY A 70 -14.62 7.38 -3.05
CA GLY A 70 -15.53 7.96 -3.99
C GLY A 70 -14.83 8.17 -5.30
N PRO A 71 -15.13 9.25 -6.02
CA PRO A 71 -14.43 9.57 -7.24
C PRO A 71 -13.04 10.09 -6.92
N PRO A 72 -12.05 9.75 -7.73
CA PRO A 72 -10.67 10.17 -7.50
C PRO A 72 -10.45 11.64 -7.82
N PRO A 73 -9.35 12.22 -7.34
CA PRO A 73 -8.97 13.58 -7.65
C PRO A 73 -8.63 13.75 -9.13
N GLU A 74 -8.41 14.98 -9.54
CA GLU A 74 -8.06 15.27 -10.91
C GLU A 74 -6.55 15.21 -11.04
N LEU A 75 -6.04 15.10 -12.24
CA LEU A 75 -4.62 15.10 -12.41
C LEU A 75 -4.21 16.50 -12.67
N LEU A 76 -2.94 16.78 -12.60
CA LEU A 76 -2.53 18.10 -12.84
C LEU A 76 -2.39 18.43 -14.31
N ASN A 77 -1.71 17.58 -15.02
CA ASN A 77 -1.47 17.80 -16.43
C ASN A 77 -1.96 16.62 -17.23
N GLY A 78 -3.03 16.04 -16.73
CA GLY A 78 -3.71 14.98 -17.40
C GLY A 78 -5.10 14.88 -16.89
N ASN A 79 -5.54 13.65 -16.72
CA ASN A 79 -6.86 13.35 -16.22
C ASN A 79 -6.85 11.92 -15.76
N VAL A 80 -7.98 11.42 -15.44
CA VAL A 80 -8.13 10.07 -15.06
C VAL A 80 -8.57 9.32 -16.32
N LYS A 81 -7.83 8.30 -16.71
CA LYS A 81 -8.17 7.52 -17.91
C LYS A 81 -9.28 6.54 -17.59
N GLU A 82 -9.38 6.21 -16.32
CA GLU A 82 -10.43 5.38 -15.82
C GLU A 82 -11.68 6.25 -15.67
N LYS A 83 -12.84 5.67 -15.77
CA LYS A 83 -14.05 6.43 -15.59
C LYS A 83 -14.32 6.64 -14.12
N THR A 84 -14.39 7.88 -13.73
CA THR A 84 -14.60 8.25 -12.37
C THR A 84 -16.00 7.88 -11.86
N LYS A 85 -16.07 6.79 -11.17
CA LYS A 85 -17.29 6.38 -10.54
C LYS A 85 -17.35 6.98 -9.13
N GLU A 86 -18.52 7.04 -8.57
CA GLU A 86 -18.75 7.71 -7.28
C GLU A 86 -18.34 6.87 -6.09
N GLU A 87 -17.96 5.66 -6.33
CA GLU A 87 -17.55 4.77 -5.29
C GLU A 87 -16.46 3.88 -5.81
N TYR A 88 -15.24 4.14 -5.41
CA TYR A 88 -14.15 3.29 -5.78
C TYR A 88 -13.92 2.19 -4.75
N GLY A 89 -12.83 2.25 -4.04
CA GLY A 89 -12.53 1.24 -3.09
C GLY A 89 -11.15 1.36 -2.62
N HIS A 90 -10.86 0.77 -1.49
CA HIS A 90 -9.55 0.77 -0.90
C HIS A 90 -8.46 0.30 -1.86
N SER A 91 -8.62 -0.88 -2.35
CA SER A 91 -7.62 -1.48 -3.18
C SER A 91 -7.82 -1.15 -4.65
N GLU A 92 -8.75 -0.26 -4.94
CA GLU A 92 -9.03 0.08 -6.31
C GLU A 92 -8.23 1.30 -6.71
N VAL A 93 -7.40 1.09 -7.68
CA VAL A 93 -6.55 2.13 -8.22
C VAL A 93 -7.21 2.87 -9.32
N VAL A 94 -6.83 4.08 -9.46
CA VAL A 94 -7.31 4.91 -10.50
C VAL A 94 -6.18 5.32 -11.42
N GLU A 95 -6.13 4.71 -12.57
CA GLU A 95 -5.19 5.07 -13.59
C GLU A 95 -5.45 6.46 -14.11
N TYR A 96 -4.46 7.24 -14.04
CA TYR A 96 -4.41 8.54 -14.56
C TYR A 96 -3.60 8.50 -15.82
N TYR A 97 -3.70 9.55 -16.57
CA TYR A 97 -2.88 9.71 -17.73
C TYR A 97 -2.63 11.18 -17.87
N CYS A 98 -1.43 11.54 -18.17
CA CYS A 98 -1.10 12.92 -18.39
C CYS A 98 -1.15 13.14 -19.88
N ASN A 99 -1.16 14.38 -20.28
CA ASN A 99 -1.18 14.74 -21.66
C ASN A 99 0.08 14.26 -22.34
N PRO A 100 0.01 13.94 -23.64
CA PRO A 100 1.11 13.33 -24.41
C PRO A 100 2.35 14.22 -24.56
N ARG A 101 2.30 15.38 -23.97
CA ARG A 101 3.36 16.36 -24.08
C ARG A 101 4.22 16.26 -22.82
N PHE A 102 3.83 15.38 -21.94
CA PHE A 102 4.46 15.29 -20.66
C PHE A 102 4.83 13.85 -20.36
N LEU A 103 5.60 13.69 -19.33
CA LEU A 103 5.99 12.42 -18.81
C LEU A 103 5.26 12.24 -17.48
N MET A 104 5.16 11.04 -17.03
CA MET A 104 4.47 10.75 -15.79
C MET A 104 5.48 10.17 -14.83
N LYS A 105 5.77 10.88 -13.77
CA LYS A 105 6.84 10.53 -12.86
C LYS A 105 6.54 9.25 -12.07
N GLY A 106 5.53 9.31 -11.25
CA GLY A 106 5.24 8.24 -10.35
C GLY A 106 4.09 7.36 -10.79
N PRO A 107 3.49 6.64 -9.83
CA PRO A 107 2.37 5.72 -10.09
C PRO A 107 1.17 6.43 -10.66
N ASN A 108 0.74 6.02 -11.84
CA ASN A 108 -0.37 6.67 -12.50
C ASN A 108 -1.67 6.22 -11.94
N LYS A 109 -1.62 5.21 -11.16
CA LYS A 109 -2.77 4.59 -10.59
C LYS A 109 -2.61 4.51 -9.10
N ILE A 110 -3.43 5.27 -8.43
CA ILE A 110 -3.35 5.41 -7.00
C ILE A 110 -4.54 4.71 -6.37
N GLN A 111 -4.40 4.21 -5.16
CA GLN A 111 -5.53 3.55 -4.53
C GLN A 111 -5.94 4.24 -3.23
N CYS A 112 -7.15 3.97 -2.81
CA CYS A 112 -7.74 4.59 -1.64
C CYS A 112 -7.30 3.90 -0.36
N VAL A 113 -6.26 4.40 0.19
CA VAL A 113 -5.67 3.86 1.37
C VAL A 113 -6.46 4.32 2.61
N ASP A 114 -7.09 3.35 3.29
CA ASP A 114 -8.02 3.52 4.43
C ASP A 114 -9.20 4.42 4.08
N GLY A 115 -8.95 5.69 3.90
CA GLY A 115 -9.97 6.61 3.51
C GLY A 115 -9.40 7.84 2.86
N GLU A 116 -8.24 7.69 2.26
CA GLU A 116 -7.56 8.75 1.54
C GLU A 116 -6.84 8.15 0.36
N TRP A 117 -6.67 8.88 -0.69
CA TRP A 117 -5.94 8.39 -1.83
C TRP A 117 -4.43 8.58 -1.57
N THR A 118 -3.61 8.02 -2.42
CA THR A 118 -2.18 8.17 -2.28
C THR A 118 -1.65 9.36 -3.10
N THR A 119 -0.34 9.50 -3.12
CA THR A 119 0.33 10.54 -3.84
C THR A 119 0.18 10.34 -5.36
N LEU A 120 -0.20 11.39 -6.05
CA LEU A 120 -0.43 11.39 -7.47
C LEU A 120 0.84 11.20 -8.31
N PRO A 121 0.66 10.72 -9.57
CA PRO A 121 1.76 10.39 -10.50
C PRO A 121 2.63 11.55 -10.92
N VAL A 122 2.12 12.76 -10.79
CA VAL A 122 2.81 14.01 -11.16
C VAL A 122 3.43 14.05 -12.58
N CYS A 123 2.83 14.86 -13.42
CA CYS A 123 3.26 15.02 -14.80
C CYS A 123 4.29 16.10 -14.87
N ILE A 124 5.20 15.96 -15.77
CA ILE A 124 6.23 16.94 -16.04
C ILE A 124 6.49 16.98 -17.51
N VAL A 125 6.92 18.11 -18.00
CA VAL A 125 7.19 18.28 -19.40
C VAL A 125 8.42 17.46 -19.77
N GLU A 126 8.39 16.86 -20.95
CA GLU A 126 9.49 16.06 -21.47
C GLU A 126 10.79 16.87 -21.50
#